data_2AWW
# 
_entry.id   2AWW 
# 
_audit_conform.dict_name       mmcif_pdbx.dic 
_audit_conform.dict_version    5.392 
_audit_conform.dict_location   http://mmcif.pdb.org/dictionaries/ascii/mmcif_pdbx.dic 
# 
loop_
_database_2.database_id 
_database_2.database_code 
_database_2.pdbx_database_accession 
_database_2.pdbx_DOI 
PDB   2AWW         pdb_00002aww 10.2210/pdb2aww/pdb 
RCSB  RCSB034410   ?            ?                   
WWPDB D_1000034410 ?            ?                   
# 
loop_
_pdbx_audit_revision_history.ordinal 
_pdbx_audit_revision_history.data_content_type 
_pdbx_audit_revision_history.major_revision 
_pdbx_audit_revision_history.minor_revision 
_pdbx_audit_revision_history.revision_date 
1 'Structure model' 1 0 2006-08-29 
2 'Structure model' 1 1 2008-05-01 
3 'Structure model' 1 2 2011-07-13 
4 'Structure model' 1 3 2017-10-11 
5 'Structure model' 1 4 2021-11-10 
6 'Structure model' 1 5 2024-05-29 
# 
_pdbx_audit_revision_details.ordinal             1 
_pdbx_audit_revision_details.revision_ordinal    1 
_pdbx_audit_revision_details.data_content_type   'Structure model' 
_pdbx_audit_revision_details.provider            repository 
_pdbx_audit_revision_details.type                'Initial release' 
_pdbx_audit_revision_details.description         ? 
_pdbx_audit_revision_details.details             ? 
# 
loop_
_pdbx_audit_revision_group.ordinal 
_pdbx_audit_revision_group.revision_ordinal 
_pdbx_audit_revision_group.data_content_type 
_pdbx_audit_revision_group.group 
1 2 'Structure model' 'Version format compliance' 
2 3 'Structure model' 'Version format compliance' 
3 4 'Structure model' 'Refinement description'    
4 5 'Structure model' 'Database references'       
5 6 'Structure model' 'Data collection'           
# 
loop_
_pdbx_audit_revision_category.ordinal 
_pdbx_audit_revision_category.revision_ordinal 
_pdbx_audit_revision_category.data_content_type 
_pdbx_audit_revision_category.category 
1 4 'Structure model' software           
2 5 'Structure model' database_2         
3 5 'Structure model' struct_ref_seq_dif 
4 6 'Structure model' chem_comp_atom     
5 6 'Structure model' chem_comp_bond     
# 
loop_
_pdbx_audit_revision_item.ordinal 
_pdbx_audit_revision_item.revision_ordinal 
_pdbx_audit_revision_item.data_content_type 
_pdbx_audit_revision_item.item 
1 4 'Structure model' '_software.classification'            
2 4 'Structure model' '_software.name'                      
3 5 'Structure model' '_database_2.pdbx_DOI'                
4 5 'Structure model' '_database_2.pdbx_database_accession' 
5 5 'Structure model' '_struct_ref_seq_dif.details'         
# 
_pdbx_database_status.entry_id                        2AWW 
_pdbx_database_status.deposit_site                    RCSB 
_pdbx_database_status.process_site                    PDBJ 
_pdbx_database_status.recvd_initial_deposition_date   2005-09-02 
_pdbx_database_status.status_code                     REL 
_pdbx_database_status.status_code_sf                  REL 
_pdbx_database_status.status_code_mr                  ? 
_pdbx_database_status.SG_entry                        ? 
_pdbx_database_status.pdb_format_compatible           Y 
_pdbx_database_status.status_code_cs                  ? 
_pdbx_database_status.methods_development_category    ? 
_pdbx_database_status.status_code_nmr_data            ? 
# 
loop_
_pdbx_database_related.db_name 
_pdbx_database_related.db_id 
_pdbx_database_related.details 
_pdbx_database_related.content_type 
PDB 1YUQ 'Synapse associated protein 97 PDZ2 domain with GluR-A C-terminal peptide' unspecified 
PDB 2AWU 'The same protein C378G mutant'                                            unspecified 
PDB 2AWX 'The same protein C378S mutant'                                            unspecified 
# 
loop_
_audit_author.name 
_audit_author.pdbx_ordinal 
'Von Ossowski, I.' 1 
'Oksanen, E.'      2 
'Von Ossowski, L.' 3 
'Cai, C.'          4 
'Sundberg, M.'     5 
'Goldman, A.'      6 
'Keinanen, K.'     7 
# 
_citation.id                        primary 
_citation.title                     
'Crystal structure of the second PDZ domain of SAP97 in complex with a GluR-A C-terminal peptide' 
_citation.journal_abbrev            'Febs J.' 
_citation.journal_volume            273 
_citation.page_first                5219 
_citation.page_last                 5229 
_citation.year                      2006 
_citation.journal_id_ASTM           ? 
_citation.country                   UK 
_citation.journal_id_ISSN           1742-464X 
_citation.journal_id_CSD            ? 
_citation.book_publisher            ? 
_citation.pdbx_database_id_PubMed   17069616 
_citation.pdbx_database_id_DOI      10.1111/j.1742-4658.2006.05521.x 
# 
loop_
_citation_author.citation_id 
_citation_author.name 
_citation_author.ordinal 
_citation_author.identifier_ORCID 
primary 'von Ossowski, I.' 1 ? 
primary 'Oksanen, E.'      2 ? 
primary 'von Ossowski, L.' 3 ? 
primary 'Cai, C.'          4 ? 
primary 'Sundberg, M.'     5 ? 
primary 'Goldman, A.'      6 ? 
primary 'Keinanen, K.'     7 ? 
# 
loop_
_entity.id 
_entity.type 
_entity.src_method 
_entity.pdbx_description 
_entity.formula_weight 
_entity.pdbx_number_of_molecules 
_entity.pdbx_ec 
_entity.pdbx_mutation 
_entity.pdbx_fragment 
_entity.details 
1 polymer man 'Synapse associated protein 97'                                            11369.034 2  ? C378G 'PDZ2 domain' ? 
2 polymer syn '18-residue C-terminal peptide from glutamate receptor, ionotropic, AMPA1' 1747.048  1  ? ?     ?             ? 
3 water   nat water                                                                      18.015    27 ? ?     ?             ? 
# 
loop_
_entity_name_com.entity_id 
_entity_name_com.name 
1 'Presynaptic protein SAP97, SAP-97'         
2 '18-residue C-terminal peptide from GluR-A' 
# 
loop_
_entity_poly.entity_id 
_entity_poly.type 
_entity_poly.nstd_linkage 
_entity_poly.nstd_monomer 
_entity_poly.pdbx_seq_one_letter_code 
_entity_poly.pdbx_seq_one_letter_code_can 
_entity_poly.pdbx_strand_id 
_entity_poly.pdbx_target_identifier 
1 'polypeptide(L)' no no 
;MEKIMEIKLIKGPKGLGFSIAGGVGNQHIPGDNSIYVTSIVEGGAAHKDGKLQIGDKLLAVNSVGLEEVTHEEAVTALKN
TSDFVYLKVAKPTSMYISRHHHHHH
;
;MEKIMEIKLIKGPKGLGFSIAGGVGNQHIPGDNSIYVTSIVEGGAAHKDGKLQIGDKLLAVNSVGLEEVTHEEAVTALKN
TSDFVYLKVAKPTSMYISRHHHHHH
;
A,B ? 
2 'polypeptide(L)' no no SIPCMSHSSGMPLGATGL SIPCMSHSSGMPLGATGL C   ? 
# 
_pdbx_entity_nonpoly.entity_id   3 
_pdbx_entity_nonpoly.name        water 
_pdbx_entity_nonpoly.comp_id     HOH 
# 
loop_
_entity_poly_seq.entity_id 
_entity_poly_seq.num 
_entity_poly_seq.mon_id 
_entity_poly_seq.hetero 
1 1   MET n 
1 2   GLU n 
1 3   LYS n 
1 4   ILE n 
1 5   MET n 
1 6   GLU n 
1 7   ILE n 
1 8   LYS n 
1 9   LEU n 
1 10  ILE n 
1 11  LYS n 
1 12  GLY n 
1 13  PRO n 
1 14  LYS n 
1 15  GLY n 
1 16  LEU n 
1 17  GLY n 
1 18  PHE n 
1 19  SER n 
1 20  ILE n 
1 21  ALA n 
1 22  GLY n 
1 23  GLY n 
1 24  VAL n 
1 25  GLY n 
1 26  ASN n 
1 27  GLN n 
1 28  HIS n 
1 29  ILE n 
1 30  PRO n 
1 31  GLY n 
1 32  ASP n 
1 33  ASN n 
1 34  SER n 
1 35  ILE n 
1 36  TYR n 
1 37  VAL n 
1 38  THR n 
1 39  SER n 
1 40  ILE n 
1 41  VAL n 
1 42  GLU n 
1 43  GLY n 
1 44  GLY n 
1 45  ALA n 
1 46  ALA n 
1 47  HIS n 
1 48  LYS n 
1 49  ASP n 
1 50  GLY n 
1 51  LYS n 
1 52  LEU n 
1 53  GLN n 
1 54  ILE n 
1 55  GLY n 
1 56  ASP n 
1 57  LYS n 
1 58  LEU n 
1 59  LEU n 
1 60  ALA n 
1 61  VAL n 
1 62  ASN n 
1 63  SER n 
1 64  VAL n 
1 65  GLY n 
1 66  LEU n 
1 67  GLU n 
1 68  GLU n 
1 69  VAL n 
1 70  THR n 
1 71  HIS n 
1 72  GLU n 
1 73  GLU n 
1 74  ALA n 
1 75  VAL n 
1 76  THR n 
1 77  ALA n 
1 78  LEU n 
1 79  LYS n 
1 80  ASN n 
1 81  THR n 
1 82  SER n 
1 83  ASP n 
1 84  PHE n 
1 85  VAL n 
1 86  TYR n 
1 87  LEU n 
1 88  LYS n 
1 89  VAL n 
1 90  ALA n 
1 91  LYS n 
1 92  PRO n 
1 93  THR n 
1 94  SER n 
1 95  MET n 
1 96  TYR n 
1 97  ILE n 
1 98  SER n 
1 99  ARG n 
1 100 HIS n 
1 101 HIS n 
1 102 HIS n 
1 103 HIS n 
1 104 HIS n 
1 105 HIS n 
2 1   SER n 
2 2   ILE n 
2 3   PRO n 
2 4   CYS n 
2 5   MET n 
2 6   SER n 
2 7   HIS n 
2 8   SER n 
2 9   SER n 
2 10  GLY n 
2 11  MET n 
2 12  PRO n 
2 13  LEU n 
2 14  GLY n 
2 15  ALA n 
2 16  THR n 
2 17  GLY n 
2 18  LEU n 
# 
_entity_src_gen.entity_id                          1 
_entity_src_gen.pdbx_src_id                        1 
_entity_src_gen.pdbx_alt_source_flag               sample 
_entity_src_gen.pdbx_seq_type                      ? 
_entity_src_gen.pdbx_beg_seq_num                   ? 
_entity_src_gen.pdbx_end_seq_num                   ? 
_entity_src_gen.gene_src_common_name               'Norway rat' 
_entity_src_gen.gene_src_genus                     Rattus 
_entity_src_gen.pdbx_gene_src_gene                 Dlg1 
_entity_src_gen.gene_src_species                   ? 
_entity_src_gen.gene_src_strain                    ? 
_entity_src_gen.gene_src_tissue                    ? 
_entity_src_gen.gene_src_tissue_fraction           ? 
_entity_src_gen.gene_src_details                   ? 
_entity_src_gen.pdbx_gene_src_fragment             ? 
_entity_src_gen.pdbx_gene_src_scientific_name      'Rattus norvegicus' 
_entity_src_gen.pdbx_gene_src_ncbi_taxonomy_id     10116 
_entity_src_gen.pdbx_gene_src_variant              ? 
_entity_src_gen.pdbx_gene_src_cell_line            ? 
_entity_src_gen.pdbx_gene_src_atcc                 ? 
_entity_src_gen.pdbx_gene_src_organ                ? 
_entity_src_gen.pdbx_gene_src_organelle            ? 
_entity_src_gen.pdbx_gene_src_cell                 ? 
_entity_src_gen.pdbx_gene_src_cellular_location    ? 
_entity_src_gen.host_org_common_name               ? 
_entity_src_gen.pdbx_host_org_scientific_name      'Escherichia coli BL21(DE3)' 
_entity_src_gen.pdbx_host_org_ncbi_taxonomy_id     469008 
_entity_src_gen.host_org_genus                     Escherichia 
_entity_src_gen.pdbx_host_org_gene                 ? 
_entity_src_gen.pdbx_host_org_organ                ? 
_entity_src_gen.host_org_species                   'Escherichia coli' 
_entity_src_gen.pdbx_host_org_tissue               ? 
_entity_src_gen.pdbx_host_org_tissue_fraction      ? 
_entity_src_gen.pdbx_host_org_strain               'BL21 (DE3)' 
_entity_src_gen.pdbx_host_org_variant              ? 
_entity_src_gen.pdbx_host_org_cell_line            ? 
_entity_src_gen.pdbx_host_org_atcc                 ? 
_entity_src_gen.pdbx_host_org_culture_collection   ? 
_entity_src_gen.pdbx_host_org_cell                 ? 
_entity_src_gen.pdbx_host_org_organelle            ? 
_entity_src_gen.pdbx_host_org_cellular_location    ? 
_entity_src_gen.pdbx_host_org_vector_type          Plasmid 
_entity_src_gen.pdbx_host_org_vector               ? 
_entity_src_gen.host_org_details                   ? 
_entity_src_gen.expression_system_id               ? 
_entity_src_gen.plasmid_name                       PK0302-2 
_entity_src_gen.plasmid_details                    ? 
_entity_src_gen.pdbx_description                   ? 
# 
_pdbx_entity_src_syn.entity_id              2 
_pdbx_entity_src_syn.pdbx_src_id            1 
_pdbx_entity_src_syn.pdbx_alt_source_flag   sample 
_pdbx_entity_src_syn.pdbx_beg_seq_num       ? 
_pdbx_entity_src_syn.pdbx_end_seq_num       ? 
_pdbx_entity_src_syn.organism_scientific    ? 
_pdbx_entity_src_syn.organism_common_name   ? 
_pdbx_entity_src_syn.ncbi_taxonomy_id       ? 
_pdbx_entity_src_syn.details                'Synthetic 18-residue peptide' 
# 
loop_
_chem_comp.id 
_chem_comp.type 
_chem_comp.mon_nstd_flag 
_chem_comp.name 
_chem_comp.pdbx_synonyms 
_chem_comp.formula 
_chem_comp.formula_weight 
ALA 'L-peptide linking' y ALANINE         ? 'C3 H7 N O2'     89.093  
ARG 'L-peptide linking' y ARGININE        ? 'C6 H15 N4 O2 1' 175.209 
ASN 'L-peptide linking' y ASPARAGINE      ? 'C4 H8 N2 O3'    132.118 
ASP 'L-peptide linking' y 'ASPARTIC ACID' ? 'C4 H7 N O4'     133.103 
CYS 'L-peptide linking' y CYSTEINE        ? 'C3 H7 N O2 S'   121.158 
GLN 'L-peptide linking' y GLUTAMINE       ? 'C5 H10 N2 O3'   146.144 
GLU 'L-peptide linking' y 'GLUTAMIC ACID' ? 'C5 H9 N O4'     147.129 
GLY 'peptide linking'   y GLYCINE         ? 'C2 H5 N O2'     75.067  
HIS 'L-peptide linking' y HISTIDINE       ? 'C6 H10 N3 O2 1' 156.162 
HOH non-polymer         . WATER           ? 'H2 O'           18.015  
ILE 'L-peptide linking' y ISOLEUCINE      ? 'C6 H13 N O2'    131.173 
LEU 'L-peptide linking' y LEUCINE         ? 'C6 H13 N O2'    131.173 
LYS 'L-peptide linking' y LYSINE          ? 'C6 H15 N2 O2 1' 147.195 
MET 'L-peptide linking' y METHIONINE      ? 'C5 H11 N O2 S'  149.211 
PHE 'L-peptide linking' y PHENYLALANINE   ? 'C9 H11 N O2'    165.189 
PRO 'L-peptide linking' y PROLINE         ? 'C5 H9 N O2'     115.130 
SER 'L-peptide linking' y SERINE          ? 'C3 H7 N O3'     105.093 
THR 'L-peptide linking' y THREONINE       ? 'C4 H9 N O3'     119.119 
TYR 'L-peptide linking' y TYROSINE        ? 'C9 H11 N O3'    181.189 
VAL 'L-peptide linking' y VALINE          ? 'C5 H11 N O2'    117.146 
# 
loop_
_pdbx_poly_seq_scheme.asym_id 
_pdbx_poly_seq_scheme.entity_id 
_pdbx_poly_seq_scheme.seq_id 
_pdbx_poly_seq_scheme.mon_id 
_pdbx_poly_seq_scheme.ndb_seq_num 
_pdbx_poly_seq_scheme.pdb_seq_num 
_pdbx_poly_seq_scheme.auth_seq_num 
_pdbx_poly_seq_scheme.pdb_mon_id 
_pdbx_poly_seq_scheme.auth_mon_id 
_pdbx_poly_seq_scheme.pdb_strand_id 
_pdbx_poly_seq_scheme.pdb_ins_code 
_pdbx_poly_seq_scheme.hetero 
A 1 1   MET 1   314 ?   ?   ?   A . n 
A 1 2   GLU 2   315 ?   ?   ?   A . n 
A 1 3   LYS 3   316 316 LYS LYS A . n 
A 1 4   ILE 4   317 317 ILE ILE A . n 
A 1 5   MET 5   318 318 MET MET A . n 
A 1 6   GLU 6   319 319 GLU GLU A . n 
A 1 7   ILE 7   320 320 ILE ILE A . n 
A 1 8   LYS 8   321 321 LYS LYS A . n 
A 1 9   LEU 9   322 322 LEU LEU A . n 
A 1 10  ILE 10  323 323 ILE ILE A . n 
A 1 11  LYS 11  324 324 LYS LYS A . n 
A 1 12  GLY 12  325 325 GLY GLY A . n 
A 1 13  PRO 13  326 326 PRO PRO A . n 
A 1 14  LYS 14  327 327 LYS LYS A . n 
A 1 15  GLY 15  328 328 GLY GLY A . n 
A 1 16  LEU 16  329 329 LEU LEU A . n 
A 1 17  GLY 17  330 330 GLY GLY A . n 
A 1 18  PHE 18  331 331 PHE PHE A . n 
A 1 19  SER 19  332 332 SER SER A . n 
A 1 20  ILE 20  333 333 ILE ILE A . n 
A 1 21  ALA 21  334 334 ALA ALA A . n 
A 1 22  GLY 22  335 335 GLY GLY A . n 
A 1 23  GLY 23  336 336 GLY GLY A . n 
A 1 24  VAL 24  337 337 VAL VAL A . n 
A 1 25  GLY 25  338 338 GLY GLY A . n 
A 1 26  ASN 26  339 339 ASN ASN A . n 
A 1 27  GLN 27  340 340 GLN GLN A . n 
A 1 28  HIS 28  341 341 HIS HIS A . n 
A 1 29  ILE 29  342 342 ILE ILE A . n 
A 1 30  PRO 30  343 343 PRO PRO A . n 
A 1 31  GLY 31  344 344 GLY GLY A . n 
A 1 32  ASP 32  345 345 ASP ASP A . n 
A 1 33  ASN 33  346 346 ASN ASN A . n 
A 1 34  SER 34  347 347 SER SER A . n 
A 1 35  ILE 35  348 348 ILE ILE A . n 
A 1 36  TYR 36  349 349 TYR TYR A . n 
A 1 37  VAL 37  350 350 VAL VAL A . n 
A 1 38  THR 38  351 351 THR THR A . n 
A 1 39  SER 39  352 352 SER SER A . n 
A 1 40  ILE 40  353 353 ILE ILE A . n 
A 1 41  VAL 41  354 354 VAL VAL A . n 
A 1 42  GLU 42  355 355 GLU GLU A . n 
A 1 43  GLY 43  356 356 GLY GLY A . n 
A 1 44  GLY 44  357 357 GLY GLY A . n 
A 1 45  ALA 45  358 358 ALA ALA A . n 
A 1 46  ALA 46  359 359 ALA ALA A . n 
A 1 47  HIS 47  360 360 HIS HIS A . n 
A 1 48  LYS 48  361 361 LYS LYS A . n 
A 1 49  ASP 49  362 362 ASP ASP A . n 
A 1 50  GLY 50  363 363 GLY GLY A . n 
A 1 51  LYS 51  364 364 LYS LYS A . n 
A 1 52  LEU 52  365 365 LEU LEU A . n 
A 1 53  GLN 53  366 366 GLN GLN A . n 
A 1 54  ILE 54  367 367 ILE ILE A . n 
A 1 55  GLY 55  368 368 GLY GLY A . n 
A 1 56  ASP 56  369 369 ASP ASP A . n 
A 1 57  LYS 57  370 370 LYS LYS A . n 
A 1 58  LEU 58  371 371 LEU LEU A . n 
A 1 59  LEU 59  372 372 LEU LEU A . n 
A 1 60  ALA 60  373 373 ALA ALA A . n 
A 1 61  VAL 61  374 374 VAL VAL A . n 
A 1 62  ASN 62  375 375 ASN ASN A . n 
A 1 63  SER 63  376 376 SER SER A . n 
A 1 64  VAL 64  377 377 VAL VAL A . n 
A 1 65  GLY 65  378 378 GLY GLY A . n 
A 1 66  LEU 66  379 379 LEU LEU A . n 
A 1 67  GLU 67  380 380 GLU GLU A . n 
A 1 68  GLU 68  381 381 GLU GLU A . n 
A 1 69  VAL 69  382 382 VAL VAL A . n 
A 1 70  THR 70  383 383 THR THR A . n 
A 1 71  HIS 71  384 384 HIS HIS A . n 
A 1 72  GLU 72  385 385 GLU GLU A . n 
A 1 73  GLU 73  386 386 GLU GLU A . n 
A 1 74  ALA 74  387 387 ALA ALA A . n 
A 1 75  VAL 75  388 388 VAL VAL A . n 
A 1 76  THR 76  389 389 THR THR A . n 
A 1 77  ALA 77  390 390 ALA ALA A . n 
A 1 78  LEU 78  391 391 LEU LEU A . n 
A 1 79  LYS 79  392 392 LYS LYS A . n 
A 1 80  ASN 80  393 393 ASN ASN A . n 
A 1 81  THR 81  394 394 THR THR A . n 
A 1 82  SER 82  395 395 SER SER A . n 
A 1 83  ASP 83  396 396 ASP ASP A . n 
A 1 84  PHE 84  397 397 PHE PHE A . n 
A 1 85  VAL 85  398 398 VAL VAL A . n 
A 1 86  TYR 86  399 399 TYR TYR A . n 
A 1 87  LEU 87  400 400 LEU LEU A . n 
A 1 88  LYS 88  401 401 LYS LYS A . n 
A 1 89  VAL 89  402 402 VAL VAL A . n 
A 1 90  ALA 90  403 403 ALA ALA A . n 
A 1 91  LYS 91  404 404 LYS LYS A . n 
A 1 92  PRO 92  405 405 PRO PRO A . n 
A 1 93  THR 93  406 406 THR THR A . n 
A 1 94  SER 94  407 ?   ?   ?   A . n 
A 1 95  MET 95  408 ?   ?   ?   A . n 
A 1 96  TYR 96  409 ?   ?   ?   A . n 
A 1 97  ILE 97  410 ?   ?   ?   A . n 
A 1 98  SER 98  411 ?   ?   ?   A . n 
A 1 99  ARG 99  412 ?   ?   ?   A . n 
A 1 100 HIS 100 413 ?   ?   ?   A . n 
A 1 101 HIS 101 414 ?   ?   ?   A . n 
A 1 102 HIS 102 415 ?   ?   ?   A . n 
A 1 103 HIS 103 416 ?   ?   ?   A . n 
A 1 104 HIS 104 417 ?   ?   ?   A . n 
A 1 105 HIS 105 418 ?   ?   ?   A . n 
B 1 1   MET 1   314 ?   ?   ?   B . n 
B 1 2   GLU 2   315 315 GLU GLU B . n 
B 1 3   LYS 3   316 316 LYS LYS B . n 
B 1 4   ILE 4   317 317 ILE ILE B . n 
B 1 5   MET 5   318 318 MET MET B . n 
B 1 6   GLU 6   319 319 GLU GLU B . n 
B 1 7   ILE 7   320 320 ILE ILE B . n 
B 1 8   LYS 8   321 321 LYS LYS B . n 
B 1 9   LEU 9   322 322 LEU LEU B . n 
B 1 10  ILE 10  323 323 ILE ILE B . n 
B 1 11  LYS 11  324 324 LYS LYS B . n 
B 1 12  GLY 12  325 325 GLY GLY B . n 
B 1 13  PRO 13  326 326 PRO PRO B . n 
B 1 14  LYS 14  327 327 LYS LYS B . n 
B 1 15  GLY 15  328 328 GLY GLY B . n 
B 1 16  LEU 16  329 329 LEU LEU B . n 
B 1 17  GLY 17  330 330 GLY GLY B . n 
B 1 18  PHE 18  331 331 PHE PHE B . n 
B 1 19  SER 19  332 332 SER SER B . n 
B 1 20  ILE 20  333 333 ILE ILE B . n 
B 1 21  ALA 21  334 334 ALA ALA B . n 
B 1 22  GLY 22  335 335 GLY GLY B . n 
B 1 23  GLY 23  336 336 GLY GLY B . n 
B 1 24  VAL 24  337 337 VAL VAL B . n 
B 1 25  GLY 25  338 338 GLY GLY B . n 
B 1 26  ASN 26  339 339 ASN ASN B . n 
B 1 27  GLN 27  340 340 GLN GLN B . n 
B 1 28  HIS 28  341 341 HIS HIS B . n 
B 1 29  ILE 29  342 342 ILE ILE B . n 
B 1 30  PRO 30  343 343 PRO PRO B . n 
B 1 31  GLY 31  344 344 GLY GLY B . n 
B 1 32  ASP 32  345 345 ASP ASP B . n 
B 1 33  ASN 33  346 346 ASN ASN B . n 
B 1 34  SER 34  347 347 SER SER B . n 
B 1 35  ILE 35  348 348 ILE ILE B . n 
B 1 36  TYR 36  349 349 TYR TYR B . n 
B 1 37  VAL 37  350 350 VAL VAL B . n 
B 1 38  THR 38  351 351 THR THR B . n 
B 1 39  SER 39  352 352 SER LYS B . n 
B 1 40  ILE 40  353 353 ILE ILE B . n 
B 1 41  VAL 41  354 354 VAL VAL B . n 
B 1 42  GLU 42  355 355 GLU GLU B . n 
B 1 43  GLY 43  356 356 GLY GLY B . n 
B 1 44  GLY 44  357 357 GLY GLY B . n 
B 1 45  ALA 45  358 358 ALA ALA B . n 
B 1 46  ALA 46  359 359 ALA ALA B . n 
B 1 47  HIS 47  360 360 HIS HIS B . n 
B 1 48  LYS 48  361 361 LYS LYS B . n 
B 1 49  ASP 49  362 362 ASP ASP B . n 
B 1 50  GLY 50  363 363 GLY GLY B . n 
B 1 51  LYS 51  364 364 LYS LYS B . n 
B 1 52  LEU 52  365 365 LEU LEU B . n 
B 1 53  GLN 53  366 366 GLN GLN B . n 
B 1 54  ILE 54  367 367 ILE ILE B . n 
B 1 55  GLY 55  368 368 GLY GLY B . n 
B 1 56  ASP 56  369 369 ASP ASP B . n 
B 1 57  LYS 57  370 370 LYS LYS B . n 
B 1 58  LEU 58  371 371 LEU LEU B . n 
B 1 59  LEU 59  372 372 LEU LEU B . n 
B 1 60  ALA 60  373 373 ALA ALA B . n 
B 1 61  VAL 61  374 374 VAL VAL B . n 
B 1 62  ASN 62  375 375 ASN ASN B . n 
B 1 63  SER 63  376 376 SER SER B . n 
B 1 64  VAL 64  377 377 VAL VAL B . n 
B 1 65  GLY 65  378 378 GLY GLY B . n 
B 1 66  LEU 66  379 379 LEU LEU B . n 
B 1 67  GLU 67  380 380 GLU GLU B . n 
B 1 68  GLU 68  381 381 GLU GLU B . n 
B 1 69  VAL 69  382 382 VAL VAL B . n 
B 1 70  THR 70  383 383 THR THR B . n 
B 1 71  HIS 71  384 384 HIS HIS B . n 
B 1 72  GLU 72  385 385 GLU GLU B . n 
B 1 73  GLU 73  386 386 GLU GLU B . n 
B 1 74  ALA 74  387 387 ALA ALA B . n 
B 1 75  VAL 75  388 388 VAL VAL B . n 
B 1 76  THR 76  389 389 THR THR B . n 
B 1 77  ALA 77  390 390 ALA ALA B . n 
B 1 78  LEU 78  391 391 LEU LEU B . n 
B 1 79  LYS 79  392 392 LYS LYS B . n 
B 1 80  ASN 80  393 393 ASN ASN B . n 
B 1 81  THR 81  394 394 THR THR B . n 
B 1 82  SER 82  395 395 SER SER B . n 
B 1 83  ASP 83  396 396 ASP ASP B . n 
B 1 84  PHE 84  397 397 PHE PHE B . n 
B 1 85  VAL 85  398 398 VAL VAL B . n 
B 1 86  TYR 86  399 399 TYR TYR B . n 
B 1 87  LEU 87  400 400 LEU LEU B . n 
B 1 88  LYS 88  401 401 LYS LYS B . n 
B 1 89  VAL 89  402 402 VAL VAL B . n 
B 1 90  ALA 90  403 403 ALA ALA B . n 
B 1 91  LYS 91  404 404 LYS LYS B . n 
B 1 92  PRO 92  405 405 PRO PRO B . n 
B 1 93  THR 93  406 ?   ?   ?   B . n 
B 1 94  SER 94  407 ?   ?   ?   B . n 
B 1 95  MET 95  408 ?   ?   ?   B . n 
B 1 96  TYR 96  409 ?   ?   ?   B . n 
B 1 97  ILE 97  410 ?   ?   ?   B . n 
B 1 98  SER 98  411 ?   ?   ?   B . n 
B 1 99  ARG 99  412 ?   ?   ?   B . n 
B 1 100 HIS 100 413 ?   ?   ?   B . n 
B 1 101 HIS 101 414 ?   ?   ?   B . n 
B 1 102 HIS 102 415 ?   ?   ?   B . n 
B 1 103 HIS 103 416 ?   ?   ?   B . n 
B 1 104 HIS 104 417 ?   ?   ?   B . n 
B 1 105 HIS 105 418 ?   ?   ?   B . n 
C 2 1   SER 1   1   ?   ?   ?   C . n 
C 2 2   ILE 2   2   ?   ?   ?   C . n 
C 2 3   PRO 3   3   ?   ?   ?   C . n 
C 2 4   CYS 4   4   ?   ?   ?   C . n 
C 2 5   MET 5   5   ?   ?   ?   C . n 
C 2 6   SER 6   6   ?   ?   ?   C . n 
C 2 7   HIS 7   7   ?   ?   ?   C . n 
C 2 8   SER 8   8   ?   ?   ?   C . n 
C 2 9   SER 9   9   ?   ?   ?   C . n 
C 2 10  GLY 10  10  ?   ?   ?   C . n 
C 2 11  MET 11  11  ?   ?   ?   C . n 
C 2 12  PRO 12  12  ?   ?   ?   C . n 
C 2 13  LEU 13  13  ?   ?   ?   C . n 
C 2 14  GLY 14  14  ?   ?   ?   C . n 
C 2 15  ALA 15  15  15  ALA ALA C . n 
C 2 16  THR 16  16  16  THR THR C . n 
C 2 17  GLY 17  17  17  GLY GLY C . n 
C 2 18  LEU 18  18  18  LEU LEU C . n 
# 
loop_
_pdbx_nonpoly_scheme.asym_id 
_pdbx_nonpoly_scheme.entity_id 
_pdbx_nonpoly_scheme.mon_id 
_pdbx_nonpoly_scheme.ndb_seq_num 
_pdbx_nonpoly_scheme.pdb_seq_num 
_pdbx_nonpoly_scheme.auth_seq_num 
_pdbx_nonpoly_scheme.pdb_mon_id 
_pdbx_nonpoly_scheme.auth_mon_id 
_pdbx_nonpoly_scheme.pdb_strand_id 
_pdbx_nonpoly_scheme.pdb_ins_code 
D 3 HOH 1  1  1  HOH HOH A . 
D 3 HOH 2  2  2  HOH HOH A . 
D 3 HOH 3  5  5  HOH HOH A . 
D 3 HOH 4  7  7  HOH HOH A . 
D 3 HOH 5  9  9  HOH HOH A . 
D 3 HOH 6  10 10 HOH HOH A . 
D 3 HOH 7  14 14 HOH HOH A . 
D 3 HOH 8  15 15 HOH HOH A . 
D 3 HOH 9  16 16 HOH HOH A . 
D 3 HOH 10 18 18 HOH HOH A . 
D 3 HOH 11 19 19 HOH HOH A . 
D 3 HOH 12 21 21 HOH HOH A . 
D 3 HOH 13 23 23 HOH HOH A . 
D 3 HOH 14 24 24 HOH HOH A . 
D 3 HOH 15 26 26 HOH HOH A . 
D 3 HOH 16 27 27 HOH HOH A . 
D 3 HOH 17 28 28 HOH HOH A . 
D 3 HOH 18 32 32 HOH HOH A . 
D 3 HOH 19 34 34 HOH HOH A . 
E 3 HOH 1  8  8  HOH HOH B . 
E 3 HOH 2  12 12 HOH HOH B . 
E 3 HOH 3  13 13 HOH HOH B . 
E 3 HOH 4  17 17 HOH HOH B . 
E 3 HOH 5  20 20 HOH HOH B . 
E 3 HOH 6  22 22 HOH HOH B . 
E 3 HOH 7  25 25 HOH HOH B . 
E 3 HOH 8  33 33 HOH HOH B . 
# 
loop_
_pdbx_unobs_or_zero_occ_atoms.id 
_pdbx_unobs_or_zero_occ_atoms.PDB_model_num 
_pdbx_unobs_or_zero_occ_atoms.polymer_flag 
_pdbx_unobs_or_zero_occ_atoms.occupancy_flag 
_pdbx_unobs_or_zero_occ_atoms.auth_asym_id 
_pdbx_unobs_or_zero_occ_atoms.auth_comp_id 
_pdbx_unobs_or_zero_occ_atoms.auth_seq_id 
_pdbx_unobs_or_zero_occ_atoms.PDB_ins_code 
_pdbx_unobs_or_zero_occ_atoms.auth_atom_id 
_pdbx_unobs_or_zero_occ_atoms.label_alt_id 
_pdbx_unobs_or_zero_occ_atoms.label_asym_id 
_pdbx_unobs_or_zero_occ_atoms.label_comp_id 
_pdbx_unobs_or_zero_occ_atoms.label_seq_id 
_pdbx_unobs_or_zero_occ_atoms.label_atom_id 
1  1 Y 1 A LYS 316 ? CG  ? A LYS 3  CG  
2  1 Y 1 A LYS 316 ? CD  ? A LYS 3  CD  
3  1 Y 1 A LYS 316 ? CE  ? A LYS 3  CE  
4  1 Y 1 A LYS 316 ? NZ  ? A LYS 3  NZ  
5  1 Y 1 A ILE 317 ? O   ? A ILE 4  O   
6  1 Y 1 A ILE 323 ? CD1 ? A ILE 10 CD1 
7  1 Y 1 A LYS 401 ? CD  ? A LYS 88 CD  
8  1 Y 1 A LYS 401 ? CE  ? A LYS 88 CE  
9  1 Y 1 A LYS 401 ? NZ  ? A LYS 88 NZ  
10 1 Y 1 A THR 406 ? OG1 ? A THR 93 OG1 
11 1 Y 1 B GLU 315 ? CG  ? B GLU 2  CG  
12 1 Y 1 B GLU 315 ? CD  ? B GLU 2  CD  
13 1 Y 1 B GLU 315 ? OE1 ? B GLU 2  OE1 
14 1 Y 1 B GLU 315 ? OE2 ? B GLU 2  OE2 
15 1 Y 1 B LYS 316 ? CG  ? B LYS 3  CG  
16 1 Y 1 B LYS 316 ? CD  ? B LYS 3  CD  
17 1 Y 1 B LYS 316 ? CE  ? B LYS 3  CE  
18 1 Y 1 B LYS 316 ? NZ  ? B LYS 3  NZ  
19 1 Y 1 B LYS 321 ? CE  ? B LYS 8  CE  
20 1 Y 1 B LYS 321 ? NZ  ? B LYS 8  NZ  
21 1 Y 1 B LYS 327 ? CG  ? B LYS 14 CG  
22 1 Y 1 B LYS 327 ? CD  ? B LYS 14 CD  
23 1 Y 1 B LYS 327 ? CE  ? B LYS 14 CE  
24 1 Y 1 B LYS 327 ? NZ  ? B LYS 14 NZ  
25 1 Y 1 B SER 352 ? OG  ? B SER 39 OG  
26 1 Y 1 B GLY 363 ? O   ? B GLY 50 O   
27 1 Y 1 B GLU 385 ? O   ? B GLU 72 O   
28 1 Y 1 B GLU 385 ? CD  ? B GLU 72 CD  
29 1 Y 1 B GLU 385 ? OE1 ? B GLU 72 OE1 
30 1 Y 1 B GLU 385 ? OE2 ? B GLU 72 OE2 
31 1 Y 1 B THR 389 ? O   ? B THR 76 O   
32 1 Y 1 B LYS 392 ? O   ? B LYS 79 O   
33 1 Y 1 B LYS 392 ? CE  ? B LYS 79 CE  
34 1 Y 1 B LYS 392 ? NZ  ? B LYS 79 NZ  
35 1 Y 1 B TYR 399 ? CG  ? B TYR 86 CG  
36 1 Y 1 B TYR 399 ? CD1 ? B TYR 86 CD1 
37 1 Y 1 B TYR 399 ? CD2 ? B TYR 86 CD2 
38 1 Y 1 B TYR 399 ? CE1 ? B TYR 86 CE1 
39 1 Y 1 B TYR 399 ? CE2 ? B TYR 86 CE2 
40 1 Y 1 B TYR 399 ? CZ  ? B TYR 86 CZ  
41 1 Y 1 B TYR 399 ? OH  ? B TYR 86 OH  
42 1 Y 1 B LYS 404 ? CB  ? B LYS 91 CB  
43 1 Y 1 B LYS 404 ? CG  ? B LYS 91 CG  
44 1 Y 1 B LYS 404 ? CD  ? B LYS 91 CD  
45 1 Y 1 B LYS 404 ? CE  ? B LYS 91 CE  
46 1 Y 1 B LYS 404 ? NZ  ? B LYS 91 NZ  
# 
loop_
_software.name 
_software.version 
_software.date 
_software.type 
_software.contact_author 
_software.contact_author_email 
_software.classification 
_software.location 
_software.language 
_software.citation_id 
_software.pdbx_ordinal 
XSCALE      .        ?               program 'Wolfgang Kabsch' ?                        'data scaling'    
http://www.mpimf-heidelberg.mpg.de/~kabsch/xds/xscale_program.html ?       ? 1 
MOLREP      .        ?               program 'A. Vagin'        alexei@ysbl.york.ac.uk   phasing           
http://www.ccp4.ac.uk/dist/html/molrep.html                        Fortran ? 2 
REFMAC      5.2.0005 ?               program 'Murshudov, G.N.' ccp4@dl.ac.uk            refinement        
http://www.ccp4.ac.uk/main.html                                    Fortran ? 3 
PDB_EXTRACT 1.700    'May. 30, 2005' package PDB               sw-help@rcsb.rutgers.edu 'data extraction' 
http://pdb.rutgers.edu/software/                                   C++     ? 4 
ProDC       .        ?               ?       ?                 ?                        'data collection' ? ?       ? 5 
# 
_cell.length_a           34.350 
_cell.length_b           54.310 
_cell.length_c           54.640 
_cell.angle_alpha        90.00 
_cell.angle_beta         84.03 
_cell.angle_gamma        90.00 
_cell.entry_id           2AWW 
_cell.pdbx_unique_axis   ? 
_cell.Z_PDB              4 
_cell.length_a_esd       ? 
_cell.length_b_esd       ? 
_cell.length_c_esd       ? 
_cell.angle_alpha_esd    ? 
_cell.angle_beta_esd     ? 
_cell.angle_gamma_esd    ? 
# 
_symmetry.space_group_name_H-M             'P 1 21 1' 
_symmetry.entry_id                         2AWW 
_symmetry.pdbx_full_space_group_name_H-M   ? 
_symmetry.Int_Tables_number                4 
_symmetry.cell_setting                     ? 
_symmetry.space_group_name_Hall            ? 
# 
_exptl.entry_id          2AWW 
_exptl.crystals_number   1 
_exptl.method            'X-RAY DIFFRACTION' 
# 
_exptl_crystal.id                    1 
_exptl_crystal.density_Matthews      2.07 
_exptl_crystal.density_meas          ? 
_exptl_crystal.density_percent_sol   40.57 
_exptl_crystal.description           ? 
_exptl_crystal.F_000                 ? 
_exptl_crystal.preparation           ? 
# 
_exptl_crystal_grow.crystal_id      1 
_exptl_crystal_grow.method          'VAPOR DIFFUSION, SITTING DROP' 
_exptl_crystal_grow.pH              8.5 
_exptl_crystal_grow.temp            293 
_exptl_crystal_grow.temp_details    ? 
_exptl_crystal_grow.pdbx_details    
'0.2M Sodium acetate, 0.1M Tris-HCl, 30% PEG4000, pH 8.5, VAPOR DIFFUSION, SITTING DROP, temperature 293K' 
_exptl_crystal_grow.pdbx_pH_range   . 
# 
_diffrn.id                     1 
_diffrn.ambient_temp           100 
_diffrn.ambient_temp_details   ? 
_diffrn.crystal_id             1 
# 
_diffrn_detector.diffrn_id              1 
_diffrn_detector.detector               CCD 
_diffrn_detector.type                   'ADSC QUANTUM 4' 
_diffrn_detector.pdbx_collection_date   2004-11-08 
_diffrn_detector.details                ? 
# 
_diffrn_radiation.diffrn_id                        1 
_diffrn_radiation.wavelength_id                    1 
_diffrn_radiation.pdbx_diffrn_protocol             'SINGLE WAVELENGTH' 
_diffrn_radiation.monochromator                    'Diamond (111), germanium (220)' 
_diffrn_radiation.pdbx_monochromatic_or_laue_m_l   M 
_diffrn_radiation.pdbx_scattering_type             x-ray 
# 
_diffrn_radiation_wavelength.id           1 
_diffrn_radiation_wavelength.wavelength   0.934 
_diffrn_radiation_wavelength.wt           1.0 
# 
_diffrn_source.diffrn_id                   1 
_diffrn_source.source                      SYNCHROTRON 
_diffrn_source.type                        'ESRF BEAMLINE ID14-1' 
_diffrn_source.pdbx_wavelength             ? 
_diffrn_source.pdbx_wavelength_list        0.934 
_diffrn_source.pdbx_synchrotron_site       ESRF 
_diffrn_source.pdbx_synchrotron_beamline   ID14-1 
# 
_reflns.entry_id                     2AWW 
_reflns.d_resolution_low             50 
_reflns.d_resolution_high            2.20 
_reflns.number_obs                   48906 
_reflns.percent_possible_obs         95.900 
_reflns.pdbx_Rmerge_I_obs            0.06 
_reflns.pdbx_chi_squared             ? 
_reflns.pdbx_redundancy              ? 
_reflns.pdbx_scaling_rejects         ? 
_reflns.pdbx_netI_over_sigmaI        17.300 
_reflns.pdbx_Rsym_value              ? 
_reflns.observed_criterion_sigma_F   0 
_reflns.observed_criterion_sigma_I   0 
_reflns.number_all                   48906 
_reflns.B_iso_Wilson_estimate        ? 
_reflns.R_free_details               ? 
_reflns.limit_h_max                  ? 
_reflns.limit_h_min                  ? 
_reflns.limit_k_max                  ? 
_reflns.limit_k_min                  ? 
_reflns.limit_l_max                  ? 
_reflns.limit_l_min                  ? 
_reflns.observed_criterion_F_max     ? 
_reflns.observed_criterion_F_min     ? 
_reflns.pdbx_diffrn_id               1 
_reflns.pdbx_ordinal                 1 
# 
_reflns_shell.d_res_low              2.33 
_reflns_shell.d_res_high             2.20 
_reflns_shell.number_measured_obs    7493 
_reflns_shell.percent_possible_obs   91.400 
_reflns_shell.Rmerge_I_obs           0.418 
_reflns_shell.pdbx_chi_squared       ? 
_reflns_shell.pdbx_redundancy        ? 
_reflns_shell.number_unique_obs      1485 
_reflns_shell.meanI_over_sigI_obs    3.780 
_reflns_shell.pdbx_Rsym_value        ? 
_reflns_shell.percent_possible_all   99.3 
_reflns_shell.number_unique_all      ? 
_reflns_shell.number_measured_all    ? 
_reflns_shell.pdbx_diffrn_id         ? 
_reflns_shell.pdbx_ordinal           1 
# 
_refine.ls_d_res_high                            2.210 
_refine.ls_d_res_low                             34.100 
_refine.pdbx_ls_sigma_F                          0.00 
_refine.ls_percent_reflns_obs                    100.000 
_refine.ls_number_reflns_obs                     10167 
_refine.pdbx_ls_cross_valid_method               THROUGHOUT 
_refine.pdbx_R_Free_selection_details            RANDOM 
_refine.details                                  'HYDROGENS HAVE BEEN ADDED IN THE RIDING POSITIONS' 
_refine.ls_R_factor_all                          0.246 
_refine.ls_R_factor_R_work                       0.242 
_refine.ls_R_factor_R_free                       0.326 
_refine.ls_percent_reflns_R_free                 5.000 
_refine.ls_number_reflns_R_free                  509 
_refine.B_iso_mean                               48.035 
_refine.aniso_B[1][1]                            1.750 
_refine.aniso_B[2][2]                            -0.750 
_refine.aniso_B[3][3]                            0.070 
_refine.aniso_B[1][2]                            0.000 
_refine.aniso_B[1][3]                            -5.110 
_refine.aniso_B[2][3]                            0.000 
_refine.correlation_coeff_Fo_to_Fc               0.943 
_refine.correlation_coeff_Fo_to_Fc_free          0.900 
_refine.pdbx_overall_ESU_R                       0.305 
_refine.pdbx_overall_ESU_R_Free                  0.273 
_refine.overall_SU_ML                            0.293 
_refine.overall_SU_B                             12.055 
_refine.solvent_model_details                    MASK 
_refine.pdbx_solvent_vdw_probe_radii             1.200 
_refine.pdbx_solvent_ion_probe_radii             0.800 
_refine.pdbx_solvent_shrinkage_radii             0.800 
_refine.pdbx_stereochemistry_target_values       'MAXIMUM LIKELIHOOD' 
_refine.entry_id                                 2AWW 
_refine.pdbx_ls_sigma_I                          ? 
_refine.ls_number_reflns_all                     10167 
_refine.ls_R_factor_obs                          0.246 
_refine.ls_redundancy_reflns_obs                 ? 
_refine.pdbx_data_cutoff_high_absF               ? 
_refine.pdbx_data_cutoff_low_absF                ? 
_refine.ls_number_parameters                     ? 
_refine.ls_number_restraints                     ? 
_refine.ls_R_factor_R_free_error                 ? 
_refine.ls_R_factor_R_free_error_details         ? 
_refine.pdbx_method_to_determine_struct          'MOLECULAR REPLACEMENT' 
_refine.pdbx_starting_model                      ? 
_refine.pdbx_stereochem_target_val_spec_case     ? 
_refine.solvent_model_param_bsol                 ? 
_refine.solvent_model_param_ksol                 ? 
_refine.occupancy_max                            ? 
_refine.occupancy_min                            ? 
_refine.pdbx_isotropic_thermal_model             ? 
_refine.B_iso_min                                ? 
_refine.B_iso_max                                ? 
_refine.overall_SU_R_Cruickshank_DPI             ? 
_refine.overall_SU_R_free                        ? 
_refine.pdbx_data_cutoff_high_rms_absF           ? 
_refine.ls_wR_factor_R_free                      ? 
_refine.ls_wR_factor_R_work                      ? 
_refine.overall_FOM_free_R_set                   ? 
_refine.overall_FOM_work_R_set                   ? 
_refine.pdbx_refine_id                           'X-RAY DIFFRACTION' 
_refine.pdbx_diffrn_id                           1 
_refine.pdbx_TLS_residual_ADP_flag               ? 
_refine.pdbx_overall_phase_error                 ? 
_refine.pdbx_overall_SU_R_free_Cruickshank_DPI   ? 
_refine.pdbx_overall_SU_R_Blow_DPI               ? 
_refine.pdbx_overall_SU_R_free_Blow_DPI          ? 
# 
_refine_hist.pdbx_refine_id                   'X-RAY DIFFRACTION' 
_refine_hist.cycle_id                         LAST 
_refine_hist.pdbx_number_atoms_protein        1321 
_refine_hist.pdbx_number_atoms_nucleic_acid   0 
_refine_hist.pdbx_number_atoms_ligand         0 
_refine_hist.number_atoms_solvent             27 
_refine_hist.number_atoms_total               1348 
_refine_hist.d_res_high                       2.210 
_refine_hist.d_res_low                        34.100 
# 
loop_
_refine_ls_restr.type 
_refine_ls_restr.number 
_refine_ls_restr.dev_ideal 
_refine_ls_restr.dev_ideal_target 
_refine_ls_restr.weight 
_refine_ls_restr.pdbx_refine_id 
_refine_ls_restr.pdbx_restraint_function 
r_bond_refined_d         1337 0.017  0.022  ? 'X-RAY DIFFRACTION' ? 
r_angle_refined_deg      1805 1.752  1.980  ? 'X-RAY DIFFRACTION' ? 
r_dihedral_angle_1_deg   183  6.676  5.000  ? 'X-RAY DIFFRACTION' ? 
r_dihedral_angle_2_deg   44   37.510 27.045 ? 'X-RAY DIFFRACTION' ? 
r_dihedral_angle_3_deg   225  18.938 15.000 ? 'X-RAY DIFFRACTION' ? 
r_chiral_restr           220  0.105  0.200  ? 'X-RAY DIFFRACTION' ? 
r_gen_planes_refined     952  0.006  0.020  ? 'X-RAY DIFFRACTION' ? 
r_nbd_refined            537  0.237  0.200  ? 'X-RAY DIFFRACTION' ? 
r_nbtor_refined          887  0.309  0.200  ? 'X-RAY DIFFRACTION' ? 
r_xyhbond_nbd_refined    62   0.212  0.200  ? 'X-RAY DIFFRACTION' ? 
r_symmetry_vdw_refined   29   0.242  0.200  ? 'X-RAY DIFFRACTION' ? 
r_symmetry_hbond_refined 1    0.069  0.200  ? 'X-RAY DIFFRACTION' ? 
r_mcbond_it              916  1.017  1.500  ? 'X-RAY DIFFRACTION' ? 
r_mcangle_it             1433 1.760  2.000  ? 'X-RAY DIFFRACTION' ? 
r_scbond_it              449  2.251  3.000  ? 'X-RAY DIFFRACTION' ? 
r_scangle_it             372  3.534  4.500  ? 'X-RAY DIFFRACTION' ? 
# 
_refine_ls_shell.d_res_high                       2.206 
_refine_ls_shell.d_res_low                        2.263 
_refine_ls_shell.pdbx_total_number_of_bins_used   20 
_refine_ls_shell.percent_reflns_obs               100.000 
_refine_ls_shell.number_reflns_R_work             704 
_refine_ls_shell.R_factor_R_work                  0.35 
_refine_ls_shell.R_factor_R_free                  0.443 
_refine_ls_shell.percent_reflns_R_free            ? 
_refine_ls_shell.number_reflns_R_free             37 
_refine_ls_shell.R_factor_R_free_error            ? 
_refine_ls_shell.number_reflns_all                741 
_refine_ls_shell.number_reflns_obs                ? 
_refine_ls_shell.redundancy_reflns_obs            ? 
_refine_ls_shell.R_factor_all                     ? 
_refine_ls_shell.pdbx_refine_id                   'X-RAY DIFFRACTION' 
# 
_struct.entry_id                  2AWW 
_struct.title                     'Synapse associated protein 97 PDZ2 domain variant C378G with C-terminal GluR-A peptide' 
_struct.pdbx_model_details        ? 
_struct.pdbx_CASP_flag            ? 
_struct.pdbx_model_type_details   ? 
# 
_struct_keywords.entry_id        2AWW 
_struct_keywords.pdbx_keywords   'MEMBRANE PROTEIN' 
_struct_keywords.text            'membrane protein, synaptic signaling, trafficking protein' 
# 
loop_
_struct_asym.id 
_struct_asym.pdbx_blank_PDB_chainid_flag 
_struct_asym.pdbx_modified 
_struct_asym.entity_id 
_struct_asym.details 
A N N 1 ? 
B N N 1 ? 
C N N 2 ? 
D N N 3 ? 
E N N 3 ? 
# 
loop_
_struct_ref.id 
_struct_ref.db_name 
_struct_ref.db_code 
_struct_ref.entity_id 
_struct_ref.pdbx_seq_one_letter_code 
_struct_ref.pdbx_align_begin 
_struct_ref.pdbx_db_accession 
_struct_ref.pdbx_db_isoform 
1 UNP DLG1_RAT  1 
;RKNHEIKLIKGPKGLGFSIAGGVGNQHIPGDNSIYVTKIIEGGAAHKDGKLQIGDKLLAVNSVCLEEVTHEEAVTALKNT
SDFVYLKAAKPTSMYI
;
314 Q62696   ? 
2 GB  NP_113796 2 SIPCMSHSSGMPLGATGL                                                                                  890 29789269 
? 
# 
loop_
_struct_ref_seq.align_id 
_struct_ref_seq.ref_id 
_struct_ref_seq.pdbx_PDB_id_code 
_struct_ref_seq.pdbx_strand_id 
_struct_ref_seq.seq_align_beg 
_struct_ref_seq.pdbx_seq_align_beg_ins_code 
_struct_ref_seq.seq_align_end 
_struct_ref_seq.pdbx_seq_align_end_ins_code 
_struct_ref_seq.pdbx_db_accession 
_struct_ref_seq.db_align_beg 
_struct_ref_seq.pdbx_db_align_beg_ins_code 
_struct_ref_seq.db_align_end 
_struct_ref_seq.pdbx_db_align_end_ins_code 
_struct_ref_seq.pdbx_auth_seq_align_beg 
_struct_ref_seq.pdbx_auth_seq_align_end 
1 1 2AWW A 2 ? 97 ? Q62696   314 ? 409 ? 315 410 
2 1 2AWW B 2 ? 97 ? Q62696   314 ? 409 ? 315 410 
3 2 2AWW C 1 ? 18 ? 29789269 890 ? 907 ? 1   18  
# 
loop_
_struct_ref_seq_dif.align_id 
_struct_ref_seq_dif.pdbx_pdb_id_code 
_struct_ref_seq_dif.mon_id 
_struct_ref_seq_dif.pdbx_pdb_strand_id 
_struct_ref_seq_dif.seq_num 
_struct_ref_seq_dif.pdbx_pdb_ins_code 
_struct_ref_seq_dif.pdbx_seq_db_name 
_struct_ref_seq_dif.pdbx_seq_db_accession_code 
_struct_ref_seq_dif.db_mon_id 
_struct_ref_seq_dif.pdbx_seq_db_seq_num 
_struct_ref_seq_dif.details 
_struct_ref_seq_dif.pdbx_auth_seq_num 
_struct_ref_seq_dif.pdbx_ordinal 
1 2AWW MET A 1   ? UNP Q62696 ?   ?   'cloning artifact'    314 1  
1 2AWW GLU A 2   ? UNP Q62696 ARG 314 'SEE REMARK 999'      315 2  
1 2AWW ILE A 4   ? UNP Q62696 ASN 316 'SEE REMARK 999'      317 3  
1 2AWW MET A 5   ? UNP Q62696 HIS 317 'SEE REMARK 999'      318 4  
1 2AWW SER A 39  ? UNP Q62696 LYS 351 conflict              352 5  
1 2AWW VAL A 41  ? UNP Q62696 ILE 353 conflict              354 6  
1 2AWW GLY A 65  ? UNP Q62696 CYS 377 'engineered mutation' 378 7  
1 2AWW VAL A 89  ? UNP Q62696 ALA 401 'SEE REMARK 999'      402 8  
1 2AWW SER A 98  ? UNP Q62696 ?   ?   'cloning artifact'    411 9  
1 2AWW ARG A 99  ? UNP Q62696 ?   ?   'cloning artifact'    412 10 
1 2AWW HIS A 100 ? UNP Q62696 ?   ?   'cloning artifact'    413 11 
1 2AWW HIS A 101 ? UNP Q62696 ?   ?   'cloning artifact'    414 12 
1 2AWW HIS A 102 ? UNP Q62696 ?   ?   'cloning artifact'    415 13 
1 2AWW HIS A 103 ? UNP Q62696 ?   ?   'cloning artifact'    416 14 
1 2AWW HIS A 104 ? UNP Q62696 ?   ?   'cloning artifact'    417 15 
1 2AWW HIS A 105 ? UNP Q62696 ?   ?   'cloning artifact'    418 16 
2 2AWW MET B 1   ? UNP Q62696 ?   ?   'cloning artifact'    314 17 
2 2AWW GLU B 2   ? UNP Q62696 ARG 314 'SEE REMARK 999'      315 18 
2 2AWW ILE B 4   ? UNP Q62696 ASN 316 'SEE REMARK 999'      317 19 
2 2AWW MET B 5   ? UNP Q62696 HIS 317 'SEE REMARK 999'      318 20 
2 2AWW SER B 39  ? UNP Q62696 LYS 351 conflict              352 21 
2 2AWW VAL B 41  ? UNP Q62696 ILE 353 conflict              354 22 
2 2AWW GLY B 65  ? UNP Q62696 CYS 377 'engineered mutation' 378 23 
2 2AWW VAL B 89  ? UNP Q62696 ALA 401 'SEE REMARK 999'      402 24 
2 2AWW SER B 98  ? UNP Q62696 ?   ?   'cloning artifact'    411 25 
2 2AWW ARG B 99  ? UNP Q62696 ?   ?   'cloning artifact'    412 26 
2 2AWW HIS B 100 ? UNP Q62696 ?   ?   'cloning artifact'    413 27 
2 2AWW HIS B 101 ? UNP Q62696 ?   ?   'cloning artifact'    414 28 
2 2AWW HIS B 102 ? UNP Q62696 ?   ?   'cloning artifact'    415 29 
2 2AWW HIS B 103 ? UNP Q62696 ?   ?   'cloning artifact'    416 30 
2 2AWW HIS B 104 ? UNP Q62696 ?   ?   'cloning artifact'    417 31 
2 2AWW HIS B 105 ? UNP Q62696 ?   ?   'cloning artifact'    418 32 
# 
loop_
_pdbx_struct_assembly.id 
_pdbx_struct_assembly.details 
_pdbx_struct_assembly.method_details 
_pdbx_struct_assembly.oligomeric_details 
_pdbx_struct_assembly.oligomeric_count 
1 author_and_software_defined_assembly PISA dimeric   2 
2 author_and_software_defined_assembly PISA monomeric 1 
# 
loop_
_pdbx_struct_assembly_prop.biol_id 
_pdbx_struct_assembly_prop.type 
_pdbx_struct_assembly_prop.value 
_pdbx_struct_assembly_prop.details 
1 'ABSA (A^2)' 610  ? 
1 MORE         -2   ? 
1 'SSA (A^2)'  5150 ? 
# 
loop_
_pdbx_struct_assembly_gen.assembly_id 
_pdbx_struct_assembly_gen.oper_expression 
_pdbx_struct_assembly_gen.asym_id_list 
1 1 A,C,D 
2 1 B,E   
# 
_pdbx_struct_oper_list.id                   1 
_pdbx_struct_oper_list.type                 'identity operation' 
_pdbx_struct_oper_list.name                 1_555 
_pdbx_struct_oper_list.symmetry_operation   x,y,z 
_pdbx_struct_oper_list.matrix[1][1]         1.0000000000 
_pdbx_struct_oper_list.matrix[1][2]         0.0000000000 
_pdbx_struct_oper_list.matrix[1][3]         0.0000000000 
_pdbx_struct_oper_list.vector[1]            0.0000000000 
_pdbx_struct_oper_list.matrix[2][1]         0.0000000000 
_pdbx_struct_oper_list.matrix[2][2]         1.0000000000 
_pdbx_struct_oper_list.matrix[2][3]         0.0000000000 
_pdbx_struct_oper_list.vector[2]            0.0000000000 
_pdbx_struct_oper_list.matrix[3][1]         0.0000000000 
_pdbx_struct_oper_list.matrix[3][2]         0.0000000000 
_pdbx_struct_oper_list.matrix[3][3]         1.0000000000 
_pdbx_struct_oper_list.vector[3]            0.0000000000 
# 
loop_
_struct_biol.id 
_struct_biol.pdbx_parent_biol_id 
_struct_biol.details 
1 ? ? 
2 ? ? 
# 
loop_
_struct_conf.conf_type_id 
_struct_conf.id 
_struct_conf.pdbx_PDB_helix_id 
_struct_conf.beg_label_comp_id 
_struct_conf.beg_label_asym_id 
_struct_conf.beg_label_seq_id 
_struct_conf.pdbx_beg_PDB_ins_code 
_struct_conf.end_label_comp_id 
_struct_conf.end_label_asym_id 
_struct_conf.end_label_seq_id 
_struct_conf.pdbx_end_PDB_ins_code 
_struct_conf.beg_auth_comp_id 
_struct_conf.beg_auth_asym_id 
_struct_conf.beg_auth_seq_id 
_struct_conf.end_auth_comp_id 
_struct_conf.end_auth_asym_id 
_struct_conf.end_auth_seq_id 
_struct_conf.pdbx_PDB_helix_class 
_struct_conf.details 
_struct_conf.pdbx_PDB_helix_length 
HELX_P HELX_P1 1 GLY A 44 ? GLY A 50 ? GLY A 357 GLY A 363 1 ? 7  
HELX_P HELX_P2 2 THR A 70 ? ASN A 80 ? THR A 383 ASN A 393 1 ? 11 
HELX_P HELX_P3 3 GLY B 44 ? GLY B 50 ? GLY B 357 GLY B 363 1 ? 7  
HELX_P HELX_P4 4 THR B 70 ? LYS B 79 ? THR B 383 LYS B 392 1 ? 10 
# 
_struct_conf_type.id          HELX_P 
_struct_conf_type.criteria    ? 
_struct_conf_type.reference   ? 
# 
loop_
_struct_sheet.id 
_struct_sheet.type 
_struct_sheet.number_strands 
_struct_sheet.details 
A ? 4 ? 
B ? 6 ? 
C ? 4 ? 
D ? 2 ? 
# 
loop_
_struct_sheet_order.sheet_id 
_struct_sheet_order.range_id_1 
_struct_sheet_order.range_id_2 
_struct_sheet_order.offset 
_struct_sheet_order.sense 
A 1 2 ? anti-parallel 
A 2 3 ? anti-parallel 
A 3 4 ? anti-parallel 
B 1 2 ? anti-parallel 
B 2 3 ? anti-parallel 
B 3 4 ? anti-parallel 
B 4 5 ? anti-parallel 
B 5 6 ? anti-parallel 
C 1 2 ? anti-parallel 
C 2 3 ? anti-parallel 
C 3 4 ? anti-parallel 
D 1 2 ? anti-parallel 
# 
loop_
_struct_sheet_range.sheet_id 
_struct_sheet_range.id 
_struct_sheet_range.beg_label_comp_id 
_struct_sheet_range.beg_label_asym_id 
_struct_sheet_range.beg_label_seq_id 
_struct_sheet_range.pdbx_beg_PDB_ins_code 
_struct_sheet_range.end_label_comp_id 
_struct_sheet_range.end_label_asym_id 
_struct_sheet_range.end_label_seq_id 
_struct_sheet_range.pdbx_end_PDB_ins_code 
_struct_sheet_range.beg_auth_comp_id 
_struct_sheet_range.beg_auth_asym_id 
_struct_sheet_range.beg_auth_seq_id 
_struct_sheet_range.end_auth_comp_id 
_struct_sheet_range.end_auth_asym_id 
_struct_sheet_range.end_auth_seq_id 
A 1 GLU A 6  ? ILE A 10 ? GLU A 319 ILE A 323 
A 2 PHE A 84 ? ALA A 90 ? PHE A 397 ALA A 403 
A 3 LYS A 57 ? VAL A 61 ? LYS A 370 VAL A 374 
A 4 VAL A 64 ? GLY A 65 ? VAL A 377 GLY A 378 
B 1 GLU A 6  ? ILE A 10 ? GLU A 319 ILE A 323 
B 2 PHE A 84 ? ALA A 90 ? PHE A 397 ALA A 403 
B 3 LYS A 57 ? VAL A 61 ? LYS A 370 VAL A 374 
B 4 ILE A 35 ? ILE A 40 ? ILE A 348 ILE A 353 
B 5 PHE A 18 ? GLY A 22 ? PHE A 331 GLY A 335 
B 6 THR C 16 ? LEU C 18 ? THR C 16  LEU C 18  
C 1 LYS B 3  ? ILE B 10 ? LYS B 316 ILE B 323 
C 2 PHE B 84 ? LYS B 91 ? PHE B 397 LYS B 404 
C 3 LYS B 57 ? VAL B 61 ? LYS B 370 VAL B 374 
C 4 VAL B 64 ? GLY B 65 ? VAL B 377 GLY B 378 
D 1 SER B 19 ? GLY B 22 ? SER B 332 GLY B 335 
D 2 ILE B 35 ? SER B 39 ? ILE B 348 SER B 352 
# 
loop_
_pdbx_struct_sheet_hbond.sheet_id 
_pdbx_struct_sheet_hbond.range_id_1 
_pdbx_struct_sheet_hbond.range_id_2 
_pdbx_struct_sheet_hbond.range_1_label_atom_id 
_pdbx_struct_sheet_hbond.range_1_label_comp_id 
_pdbx_struct_sheet_hbond.range_1_label_asym_id 
_pdbx_struct_sheet_hbond.range_1_label_seq_id 
_pdbx_struct_sheet_hbond.range_1_PDB_ins_code 
_pdbx_struct_sheet_hbond.range_1_auth_atom_id 
_pdbx_struct_sheet_hbond.range_1_auth_comp_id 
_pdbx_struct_sheet_hbond.range_1_auth_asym_id 
_pdbx_struct_sheet_hbond.range_1_auth_seq_id 
_pdbx_struct_sheet_hbond.range_2_label_atom_id 
_pdbx_struct_sheet_hbond.range_2_label_comp_id 
_pdbx_struct_sheet_hbond.range_2_label_asym_id 
_pdbx_struct_sheet_hbond.range_2_label_seq_id 
_pdbx_struct_sheet_hbond.range_2_PDB_ins_code 
_pdbx_struct_sheet_hbond.range_2_auth_atom_id 
_pdbx_struct_sheet_hbond.range_2_auth_comp_id 
_pdbx_struct_sheet_hbond.range_2_auth_asym_id 
_pdbx_struct_sheet_hbond.range_2_auth_seq_id 
A 1 2 N LEU A 9  ? N LEU A 322 O VAL A 85 ? O VAL A 398 
A 2 3 O LYS A 88 ? O LYS A 401 N LEU A 59 ? N LEU A 372 
A 3 4 N VAL A 61 ? N VAL A 374 O VAL A 64 ? O VAL A 377 
B 1 2 N LEU A 9  ? N LEU A 322 O VAL A 85 ? O VAL A 398 
B 2 3 O LYS A 88 ? O LYS A 401 N LEU A 59 ? N LEU A 372 
B 3 4 O LEU A 58 ? O LEU A 371 N ILE A 35 ? N ILE A 348 
B 4 5 O TYR A 36 ? O TYR A 349 N ALA A 21 ? N ALA A 334 
B 5 6 N ILE A 20 ? N ILE A 333 O THR C 16 ? O THR C 16  
C 1 2 N ILE B 7  ? N ILE B 320 O LEU B 87 ? O LEU B 400 
C 2 3 O ALA B 90 ? O ALA B 403 N LYS B 57 ? N LYS B 370 
C 3 4 N VAL B 61 ? N VAL B 374 O VAL B 64 ? O VAL B 377 
D 1 2 N ALA B 21 ? N ALA B 334 O TYR B 36 ? O TYR B 349 
# 
loop_
_pdbx_validate_torsion.id 
_pdbx_validate_torsion.PDB_model_num 
_pdbx_validate_torsion.auth_comp_id 
_pdbx_validate_torsion.auth_asym_id 
_pdbx_validate_torsion.auth_seq_id 
_pdbx_validate_torsion.PDB_ins_code 
_pdbx_validate_torsion.label_alt_id 
_pdbx_validate_torsion.phi 
_pdbx_validate_torsion.psi 
1  1 ASN A 339 ? ? -146.96 20.12   
2  1 GLN A 340 ? ? -21.68  128.34  
3  1 GLU A 355 ? ? -30.99  124.20  
4  1 ASN A 375 ? ? 41.78   -124.13 
5  1 GLU A 381 ? ? 81.48   64.20   
6  1 ASN A 393 ? ? -75.85  20.56   
7  1 SER A 395 ? ? -68.16  -98.78  
8  1 ASP A 396 ? ? -141.98 -39.49  
9  1 ASN B 339 ? ? -157.03 40.50   
10 1 ASN B 375 ? ? 64.96   -117.52 
11 1 GLU B 381 ? ? 70.27   37.50   
12 1 ASN B 393 ? ? -89.04  45.05   
# 
_pdbx_phasing_MR.entry_id                     2AWW 
_pdbx_phasing_MR.method_rotation              ? 
_pdbx_phasing_MR.method_translation           ? 
_pdbx_phasing_MR.model_details                ? 
_pdbx_phasing_MR.R_factor                     0.488 
_pdbx_phasing_MR.R_rigid_body                 ? 
_pdbx_phasing_MR.correlation_coeff_Fo_to_Fc   0.478 
_pdbx_phasing_MR.correlation_coeff_Io_to_Ic   ? 
_pdbx_phasing_MR.d_res_high_rotation          3.000 
_pdbx_phasing_MR.d_res_low_rotation           34.160 
_pdbx_phasing_MR.d_res_high_translation       3.000 
_pdbx_phasing_MR.d_res_low_translation        34.160 
_pdbx_phasing_MR.packing                      ? 
_pdbx_phasing_MR.reflns_percent_rotation      ? 
_pdbx_phasing_MR.reflns_percent_translation   ? 
_pdbx_phasing_MR.sigma_F_rotation             ? 
_pdbx_phasing_MR.sigma_F_translation          ? 
_pdbx_phasing_MR.sigma_I_rotation             ? 
_pdbx_phasing_MR.sigma_I_translation          ? 
# 
loop_
_pdbx_unobs_or_zero_occ_residues.id 
_pdbx_unobs_or_zero_occ_residues.PDB_model_num 
_pdbx_unobs_or_zero_occ_residues.polymer_flag 
_pdbx_unobs_or_zero_occ_residues.occupancy_flag 
_pdbx_unobs_or_zero_occ_residues.auth_asym_id 
_pdbx_unobs_or_zero_occ_residues.auth_comp_id 
_pdbx_unobs_or_zero_occ_residues.auth_seq_id 
_pdbx_unobs_or_zero_occ_residues.PDB_ins_code 
_pdbx_unobs_or_zero_occ_residues.label_asym_id 
_pdbx_unobs_or_zero_occ_residues.label_comp_id 
_pdbx_unobs_or_zero_occ_residues.label_seq_id 
1  1 Y 1 A MET 314 ? A MET 1   
2  1 Y 1 A GLU 315 ? A GLU 2   
3  1 Y 1 A SER 407 ? A SER 94  
4  1 Y 1 A MET 408 ? A MET 95  
5  1 Y 1 A TYR 409 ? A TYR 96  
6  1 Y 1 A ILE 410 ? A ILE 97  
7  1 Y 1 A SER 411 ? A SER 98  
8  1 Y 1 A ARG 412 ? A ARG 99  
9  1 Y 1 A HIS 413 ? A HIS 100 
10 1 Y 1 A HIS 414 ? A HIS 101 
11 1 Y 1 A HIS 415 ? A HIS 102 
12 1 Y 1 A HIS 416 ? A HIS 103 
13 1 Y 1 A HIS 417 ? A HIS 104 
14 1 Y 1 A HIS 418 ? A HIS 105 
15 1 Y 1 B MET 314 ? B MET 1   
16 1 Y 1 B THR 406 ? B THR 93  
17 1 Y 1 B SER 407 ? B SER 94  
18 1 Y 1 B MET 408 ? B MET 95  
19 1 Y 1 B TYR 409 ? B TYR 96  
20 1 Y 1 B ILE 410 ? B ILE 97  
21 1 Y 1 B SER 411 ? B SER 98  
22 1 Y 1 B ARG 412 ? B ARG 99  
23 1 Y 1 B HIS 413 ? B HIS 100 
24 1 Y 1 B HIS 414 ? B HIS 101 
25 1 Y 1 B HIS 415 ? B HIS 102 
26 1 Y 1 B HIS 416 ? B HIS 103 
27 1 Y 1 B HIS 417 ? B HIS 104 
28 1 Y 1 B HIS 418 ? B HIS 105 
29 1 Y 1 C SER 1   ? C SER 1   
30 1 Y 1 C ILE 2   ? C ILE 2   
31 1 Y 1 C PRO 3   ? C PRO 3   
32 1 Y 1 C CYS 4   ? C CYS 4   
33 1 Y 1 C MET 5   ? C MET 5   
34 1 Y 1 C SER 6   ? C SER 6   
35 1 Y 1 C HIS 7   ? C HIS 7   
36 1 Y 1 C SER 8   ? C SER 8   
37 1 Y 1 C SER 9   ? C SER 9   
38 1 Y 1 C GLY 10  ? C GLY 10  
39 1 Y 1 C MET 11  ? C MET 11  
40 1 Y 1 C PRO 12  ? C PRO 12  
41 1 Y 1 C LEU 13  ? C LEU 13  
42 1 Y 1 C GLY 14  ? C GLY 14  
# 
loop_
_chem_comp_atom.comp_id 
_chem_comp_atom.atom_id 
_chem_comp_atom.type_symbol 
_chem_comp_atom.pdbx_aromatic_flag 
_chem_comp_atom.pdbx_stereo_config 
_chem_comp_atom.pdbx_ordinal 
ALA N    N N N 1   
ALA CA   C N S 2   
ALA C    C N N 3   
ALA O    O N N 4   
ALA CB   C N N 5   
ALA OXT  O N N 6   
ALA H    H N N 7   
ALA H2   H N N 8   
ALA HA   H N N 9   
ALA HB1  H N N 10  
ALA HB2  H N N 11  
ALA HB3  H N N 12  
ALA HXT  H N N 13  
ARG N    N N N 14  
ARG CA   C N S 15  
ARG C    C N N 16  
ARG O    O N N 17  
ARG CB   C N N 18  
ARG CG   C N N 19  
ARG CD   C N N 20  
ARG NE   N N N 21  
ARG CZ   C N N 22  
ARG NH1  N N N 23  
ARG NH2  N N N 24  
ARG OXT  O N N 25  
ARG H    H N N 26  
ARG H2   H N N 27  
ARG HA   H N N 28  
ARG HB2  H N N 29  
ARG HB3  H N N 30  
ARG HG2  H N N 31  
ARG HG3  H N N 32  
ARG HD2  H N N 33  
ARG HD3  H N N 34  
ARG HE   H N N 35  
ARG HH11 H N N 36  
ARG HH12 H N N 37  
ARG HH21 H N N 38  
ARG HH22 H N N 39  
ARG HXT  H N N 40  
ASN N    N N N 41  
ASN CA   C N S 42  
ASN C    C N N 43  
ASN O    O N N 44  
ASN CB   C N N 45  
ASN CG   C N N 46  
ASN OD1  O N N 47  
ASN ND2  N N N 48  
ASN OXT  O N N 49  
ASN H    H N N 50  
ASN H2   H N N 51  
ASN HA   H N N 52  
ASN HB2  H N N 53  
ASN HB3  H N N 54  
ASN HD21 H N N 55  
ASN HD22 H N N 56  
ASN HXT  H N N 57  
ASP N    N N N 58  
ASP CA   C N S 59  
ASP C    C N N 60  
ASP O    O N N 61  
ASP CB   C N N 62  
ASP CG   C N N 63  
ASP OD1  O N N 64  
ASP OD2  O N N 65  
ASP OXT  O N N 66  
ASP H    H N N 67  
ASP H2   H N N 68  
ASP HA   H N N 69  
ASP HB2  H N N 70  
ASP HB3  H N N 71  
ASP HD2  H N N 72  
ASP HXT  H N N 73  
CYS N    N N N 74  
CYS CA   C N R 75  
CYS C    C N N 76  
CYS O    O N N 77  
CYS CB   C N N 78  
CYS SG   S N N 79  
CYS OXT  O N N 80  
CYS H    H N N 81  
CYS H2   H N N 82  
CYS HA   H N N 83  
CYS HB2  H N N 84  
CYS HB3  H N N 85  
CYS HG   H N N 86  
CYS HXT  H N N 87  
GLN N    N N N 88  
GLN CA   C N S 89  
GLN C    C N N 90  
GLN O    O N N 91  
GLN CB   C N N 92  
GLN CG   C N N 93  
GLN CD   C N N 94  
GLN OE1  O N N 95  
GLN NE2  N N N 96  
GLN OXT  O N N 97  
GLN H    H N N 98  
GLN H2   H N N 99  
GLN HA   H N N 100 
GLN HB2  H N N 101 
GLN HB3  H N N 102 
GLN HG2  H N N 103 
GLN HG3  H N N 104 
GLN HE21 H N N 105 
GLN HE22 H N N 106 
GLN HXT  H N N 107 
GLU N    N N N 108 
GLU CA   C N S 109 
GLU C    C N N 110 
GLU O    O N N 111 
GLU CB   C N N 112 
GLU CG   C N N 113 
GLU CD   C N N 114 
GLU OE1  O N N 115 
GLU OE2  O N N 116 
GLU OXT  O N N 117 
GLU H    H N N 118 
GLU H2   H N N 119 
GLU HA   H N N 120 
GLU HB2  H N N 121 
GLU HB3  H N N 122 
GLU HG2  H N N 123 
GLU HG3  H N N 124 
GLU HE2  H N N 125 
GLU HXT  H N N 126 
GLY N    N N N 127 
GLY CA   C N N 128 
GLY C    C N N 129 
GLY O    O N N 130 
GLY OXT  O N N 131 
GLY H    H N N 132 
GLY H2   H N N 133 
GLY HA2  H N N 134 
GLY HA3  H N N 135 
GLY HXT  H N N 136 
HIS N    N N N 137 
HIS CA   C N S 138 
HIS C    C N N 139 
HIS O    O N N 140 
HIS CB   C N N 141 
HIS CG   C Y N 142 
HIS ND1  N Y N 143 
HIS CD2  C Y N 144 
HIS CE1  C Y N 145 
HIS NE2  N Y N 146 
HIS OXT  O N N 147 
HIS H    H N N 148 
HIS H2   H N N 149 
HIS HA   H N N 150 
HIS HB2  H N N 151 
HIS HB3  H N N 152 
HIS HD1  H N N 153 
HIS HD2  H N N 154 
HIS HE1  H N N 155 
HIS HE2  H N N 156 
HIS HXT  H N N 157 
HOH O    O N N 158 
HOH H1   H N N 159 
HOH H2   H N N 160 
ILE N    N N N 161 
ILE CA   C N S 162 
ILE C    C N N 163 
ILE O    O N N 164 
ILE CB   C N S 165 
ILE CG1  C N N 166 
ILE CG2  C N N 167 
ILE CD1  C N N 168 
ILE OXT  O N N 169 
ILE H    H N N 170 
ILE H2   H N N 171 
ILE HA   H N N 172 
ILE HB   H N N 173 
ILE HG12 H N N 174 
ILE HG13 H N N 175 
ILE HG21 H N N 176 
ILE HG22 H N N 177 
ILE HG23 H N N 178 
ILE HD11 H N N 179 
ILE HD12 H N N 180 
ILE HD13 H N N 181 
ILE HXT  H N N 182 
LEU N    N N N 183 
LEU CA   C N S 184 
LEU C    C N N 185 
LEU O    O N N 186 
LEU CB   C N N 187 
LEU CG   C N N 188 
LEU CD1  C N N 189 
LEU CD2  C N N 190 
LEU OXT  O N N 191 
LEU H    H N N 192 
LEU H2   H N N 193 
LEU HA   H N N 194 
LEU HB2  H N N 195 
LEU HB3  H N N 196 
LEU HG   H N N 197 
LEU HD11 H N N 198 
LEU HD12 H N N 199 
LEU HD13 H N N 200 
LEU HD21 H N N 201 
LEU HD22 H N N 202 
LEU HD23 H N N 203 
LEU HXT  H N N 204 
LYS N    N N N 205 
LYS CA   C N S 206 
LYS C    C N N 207 
LYS O    O N N 208 
LYS CB   C N N 209 
LYS CG   C N N 210 
LYS CD   C N N 211 
LYS CE   C N N 212 
LYS NZ   N N N 213 
LYS OXT  O N N 214 
LYS H    H N N 215 
LYS H2   H N N 216 
LYS HA   H N N 217 
LYS HB2  H N N 218 
LYS HB3  H N N 219 
LYS HG2  H N N 220 
LYS HG3  H N N 221 
LYS HD2  H N N 222 
LYS HD3  H N N 223 
LYS HE2  H N N 224 
LYS HE3  H N N 225 
LYS HZ1  H N N 226 
LYS HZ2  H N N 227 
LYS HZ3  H N N 228 
LYS HXT  H N N 229 
MET N    N N N 230 
MET CA   C N S 231 
MET C    C N N 232 
MET O    O N N 233 
MET CB   C N N 234 
MET CG   C N N 235 
MET SD   S N N 236 
MET CE   C N N 237 
MET OXT  O N N 238 
MET H    H N N 239 
MET H2   H N N 240 
MET HA   H N N 241 
MET HB2  H N N 242 
MET HB3  H N N 243 
MET HG2  H N N 244 
MET HG3  H N N 245 
MET HE1  H N N 246 
MET HE2  H N N 247 
MET HE3  H N N 248 
MET HXT  H N N 249 
PHE N    N N N 250 
PHE CA   C N S 251 
PHE C    C N N 252 
PHE O    O N N 253 
PHE CB   C N N 254 
PHE CG   C Y N 255 
PHE CD1  C Y N 256 
PHE CD2  C Y N 257 
PHE CE1  C Y N 258 
PHE CE2  C Y N 259 
PHE CZ   C Y N 260 
PHE OXT  O N N 261 
PHE H    H N N 262 
PHE H2   H N N 263 
PHE HA   H N N 264 
PHE HB2  H N N 265 
PHE HB3  H N N 266 
PHE HD1  H N N 267 
PHE HD2  H N N 268 
PHE HE1  H N N 269 
PHE HE2  H N N 270 
PHE HZ   H N N 271 
PHE HXT  H N N 272 
PRO N    N N N 273 
PRO CA   C N S 274 
PRO C    C N N 275 
PRO O    O N N 276 
PRO CB   C N N 277 
PRO CG   C N N 278 
PRO CD   C N N 279 
PRO OXT  O N N 280 
PRO H    H N N 281 
PRO HA   H N N 282 
PRO HB2  H N N 283 
PRO HB3  H N N 284 
PRO HG2  H N N 285 
PRO HG3  H N N 286 
PRO HD2  H N N 287 
PRO HD3  H N N 288 
PRO HXT  H N N 289 
SER N    N N N 290 
SER CA   C N S 291 
SER C    C N N 292 
SER O    O N N 293 
SER CB   C N N 294 
SER OG   O N N 295 
SER OXT  O N N 296 
SER H    H N N 297 
SER H2   H N N 298 
SER HA   H N N 299 
SER HB2  H N N 300 
SER HB3  H N N 301 
SER HG   H N N 302 
SER HXT  H N N 303 
THR N    N N N 304 
THR CA   C N S 305 
THR C    C N N 306 
THR O    O N N 307 
THR CB   C N R 308 
THR OG1  O N N 309 
THR CG2  C N N 310 
THR OXT  O N N 311 
THR H    H N N 312 
THR H2   H N N 313 
THR HA   H N N 314 
THR HB   H N N 315 
THR HG1  H N N 316 
THR HG21 H N N 317 
THR HG22 H N N 318 
THR HG23 H N N 319 
THR HXT  H N N 320 
TYR N    N N N 321 
TYR CA   C N S 322 
TYR C    C N N 323 
TYR O    O N N 324 
TYR CB   C N N 325 
TYR CG   C Y N 326 
TYR CD1  C Y N 327 
TYR CD2  C Y N 328 
TYR CE1  C Y N 329 
TYR CE2  C Y N 330 
TYR CZ   C Y N 331 
TYR OH   O N N 332 
TYR OXT  O N N 333 
TYR H    H N N 334 
TYR H2   H N N 335 
TYR HA   H N N 336 
TYR HB2  H N N 337 
TYR HB3  H N N 338 
TYR HD1  H N N 339 
TYR HD2  H N N 340 
TYR HE1  H N N 341 
TYR HE2  H N N 342 
TYR HH   H N N 343 
TYR HXT  H N N 344 
VAL N    N N N 345 
VAL CA   C N S 346 
VAL C    C N N 347 
VAL O    O N N 348 
VAL CB   C N N 349 
VAL CG1  C N N 350 
VAL CG2  C N N 351 
VAL OXT  O N N 352 
VAL H    H N N 353 
VAL H2   H N N 354 
VAL HA   H N N 355 
VAL HB   H N N 356 
VAL HG11 H N N 357 
VAL HG12 H N N 358 
VAL HG13 H N N 359 
VAL HG21 H N N 360 
VAL HG22 H N N 361 
VAL HG23 H N N 362 
VAL HXT  H N N 363 
# 
loop_
_chem_comp_bond.comp_id 
_chem_comp_bond.atom_id_1 
_chem_comp_bond.atom_id_2 
_chem_comp_bond.value_order 
_chem_comp_bond.pdbx_aromatic_flag 
_chem_comp_bond.pdbx_stereo_config 
_chem_comp_bond.pdbx_ordinal 
ALA N   CA   sing N N 1   
ALA N   H    sing N N 2   
ALA N   H2   sing N N 3   
ALA CA  C    sing N N 4   
ALA CA  CB   sing N N 5   
ALA CA  HA   sing N N 6   
ALA C   O    doub N N 7   
ALA C   OXT  sing N N 8   
ALA CB  HB1  sing N N 9   
ALA CB  HB2  sing N N 10  
ALA CB  HB3  sing N N 11  
ALA OXT HXT  sing N N 12  
ARG N   CA   sing N N 13  
ARG N   H    sing N N 14  
ARG N   H2   sing N N 15  
ARG CA  C    sing N N 16  
ARG CA  CB   sing N N 17  
ARG CA  HA   sing N N 18  
ARG C   O    doub N N 19  
ARG C   OXT  sing N N 20  
ARG CB  CG   sing N N 21  
ARG CB  HB2  sing N N 22  
ARG CB  HB3  sing N N 23  
ARG CG  CD   sing N N 24  
ARG CG  HG2  sing N N 25  
ARG CG  HG3  sing N N 26  
ARG CD  NE   sing N N 27  
ARG CD  HD2  sing N N 28  
ARG CD  HD3  sing N N 29  
ARG NE  CZ   sing N N 30  
ARG NE  HE   sing N N 31  
ARG CZ  NH1  sing N N 32  
ARG CZ  NH2  doub N N 33  
ARG NH1 HH11 sing N N 34  
ARG NH1 HH12 sing N N 35  
ARG NH2 HH21 sing N N 36  
ARG NH2 HH22 sing N N 37  
ARG OXT HXT  sing N N 38  
ASN N   CA   sing N N 39  
ASN N   H    sing N N 40  
ASN N   H2   sing N N 41  
ASN CA  C    sing N N 42  
ASN CA  CB   sing N N 43  
ASN CA  HA   sing N N 44  
ASN C   O    doub N N 45  
ASN C   OXT  sing N N 46  
ASN CB  CG   sing N N 47  
ASN CB  HB2  sing N N 48  
ASN CB  HB3  sing N N 49  
ASN CG  OD1  doub N N 50  
ASN CG  ND2  sing N N 51  
ASN ND2 HD21 sing N N 52  
ASN ND2 HD22 sing N N 53  
ASN OXT HXT  sing N N 54  
ASP N   CA   sing N N 55  
ASP N   H    sing N N 56  
ASP N   H2   sing N N 57  
ASP CA  C    sing N N 58  
ASP CA  CB   sing N N 59  
ASP CA  HA   sing N N 60  
ASP C   O    doub N N 61  
ASP C   OXT  sing N N 62  
ASP CB  CG   sing N N 63  
ASP CB  HB2  sing N N 64  
ASP CB  HB3  sing N N 65  
ASP CG  OD1  doub N N 66  
ASP CG  OD2  sing N N 67  
ASP OD2 HD2  sing N N 68  
ASP OXT HXT  sing N N 69  
CYS N   CA   sing N N 70  
CYS N   H    sing N N 71  
CYS N   H2   sing N N 72  
CYS CA  C    sing N N 73  
CYS CA  CB   sing N N 74  
CYS CA  HA   sing N N 75  
CYS C   O    doub N N 76  
CYS C   OXT  sing N N 77  
CYS CB  SG   sing N N 78  
CYS CB  HB2  sing N N 79  
CYS CB  HB3  sing N N 80  
CYS SG  HG   sing N N 81  
CYS OXT HXT  sing N N 82  
GLN N   CA   sing N N 83  
GLN N   H    sing N N 84  
GLN N   H2   sing N N 85  
GLN CA  C    sing N N 86  
GLN CA  CB   sing N N 87  
GLN CA  HA   sing N N 88  
GLN C   O    doub N N 89  
GLN C   OXT  sing N N 90  
GLN CB  CG   sing N N 91  
GLN CB  HB2  sing N N 92  
GLN CB  HB3  sing N N 93  
GLN CG  CD   sing N N 94  
GLN CG  HG2  sing N N 95  
GLN CG  HG3  sing N N 96  
GLN CD  OE1  doub N N 97  
GLN CD  NE2  sing N N 98  
GLN NE2 HE21 sing N N 99  
GLN NE2 HE22 sing N N 100 
GLN OXT HXT  sing N N 101 
GLU N   CA   sing N N 102 
GLU N   H    sing N N 103 
GLU N   H2   sing N N 104 
GLU CA  C    sing N N 105 
GLU CA  CB   sing N N 106 
GLU CA  HA   sing N N 107 
GLU C   O    doub N N 108 
GLU C   OXT  sing N N 109 
GLU CB  CG   sing N N 110 
GLU CB  HB2  sing N N 111 
GLU CB  HB3  sing N N 112 
GLU CG  CD   sing N N 113 
GLU CG  HG2  sing N N 114 
GLU CG  HG3  sing N N 115 
GLU CD  OE1  doub N N 116 
GLU CD  OE2  sing N N 117 
GLU OE2 HE2  sing N N 118 
GLU OXT HXT  sing N N 119 
GLY N   CA   sing N N 120 
GLY N   H    sing N N 121 
GLY N   H2   sing N N 122 
GLY CA  C    sing N N 123 
GLY CA  HA2  sing N N 124 
GLY CA  HA3  sing N N 125 
GLY C   O    doub N N 126 
GLY C   OXT  sing N N 127 
GLY OXT HXT  sing N N 128 
HIS N   CA   sing N N 129 
HIS N   H    sing N N 130 
HIS N   H2   sing N N 131 
HIS CA  C    sing N N 132 
HIS CA  CB   sing N N 133 
HIS CA  HA   sing N N 134 
HIS C   O    doub N N 135 
HIS C   OXT  sing N N 136 
HIS CB  CG   sing N N 137 
HIS CB  HB2  sing N N 138 
HIS CB  HB3  sing N N 139 
HIS CG  ND1  sing Y N 140 
HIS CG  CD2  doub Y N 141 
HIS ND1 CE1  doub Y N 142 
HIS ND1 HD1  sing N N 143 
HIS CD2 NE2  sing Y N 144 
HIS CD2 HD2  sing N N 145 
HIS CE1 NE2  sing Y N 146 
HIS CE1 HE1  sing N N 147 
HIS NE2 HE2  sing N N 148 
HIS OXT HXT  sing N N 149 
HOH O   H1   sing N N 150 
HOH O   H2   sing N N 151 
ILE N   CA   sing N N 152 
ILE N   H    sing N N 153 
ILE N   H2   sing N N 154 
ILE CA  C    sing N N 155 
ILE CA  CB   sing N N 156 
ILE CA  HA   sing N N 157 
ILE C   O    doub N N 158 
ILE C   OXT  sing N N 159 
ILE CB  CG1  sing N N 160 
ILE CB  CG2  sing N N 161 
ILE CB  HB   sing N N 162 
ILE CG1 CD1  sing N N 163 
ILE CG1 HG12 sing N N 164 
ILE CG1 HG13 sing N N 165 
ILE CG2 HG21 sing N N 166 
ILE CG2 HG22 sing N N 167 
ILE CG2 HG23 sing N N 168 
ILE CD1 HD11 sing N N 169 
ILE CD1 HD12 sing N N 170 
ILE CD1 HD13 sing N N 171 
ILE OXT HXT  sing N N 172 
LEU N   CA   sing N N 173 
LEU N   H    sing N N 174 
LEU N   H2   sing N N 175 
LEU CA  C    sing N N 176 
LEU CA  CB   sing N N 177 
LEU CA  HA   sing N N 178 
LEU C   O    doub N N 179 
LEU C   OXT  sing N N 180 
LEU CB  CG   sing N N 181 
LEU CB  HB2  sing N N 182 
LEU CB  HB3  sing N N 183 
LEU CG  CD1  sing N N 184 
LEU CG  CD2  sing N N 185 
LEU CG  HG   sing N N 186 
LEU CD1 HD11 sing N N 187 
LEU CD1 HD12 sing N N 188 
LEU CD1 HD13 sing N N 189 
LEU CD2 HD21 sing N N 190 
LEU CD2 HD22 sing N N 191 
LEU CD2 HD23 sing N N 192 
LEU OXT HXT  sing N N 193 
LYS N   CA   sing N N 194 
LYS N   H    sing N N 195 
LYS N   H2   sing N N 196 
LYS CA  C    sing N N 197 
LYS CA  CB   sing N N 198 
LYS CA  HA   sing N N 199 
LYS C   O    doub N N 200 
LYS C   OXT  sing N N 201 
LYS CB  CG   sing N N 202 
LYS CB  HB2  sing N N 203 
LYS CB  HB3  sing N N 204 
LYS CG  CD   sing N N 205 
LYS CG  HG2  sing N N 206 
LYS CG  HG3  sing N N 207 
LYS CD  CE   sing N N 208 
LYS CD  HD2  sing N N 209 
LYS CD  HD3  sing N N 210 
LYS CE  NZ   sing N N 211 
LYS CE  HE2  sing N N 212 
LYS CE  HE3  sing N N 213 
LYS NZ  HZ1  sing N N 214 
LYS NZ  HZ2  sing N N 215 
LYS NZ  HZ3  sing N N 216 
LYS OXT HXT  sing N N 217 
MET N   CA   sing N N 218 
MET N   H    sing N N 219 
MET N   H2   sing N N 220 
MET CA  C    sing N N 221 
MET CA  CB   sing N N 222 
MET CA  HA   sing N N 223 
MET C   O    doub N N 224 
MET C   OXT  sing N N 225 
MET CB  CG   sing N N 226 
MET CB  HB2  sing N N 227 
MET CB  HB3  sing N N 228 
MET CG  SD   sing N N 229 
MET CG  HG2  sing N N 230 
MET CG  HG3  sing N N 231 
MET SD  CE   sing N N 232 
MET CE  HE1  sing N N 233 
MET CE  HE2  sing N N 234 
MET CE  HE3  sing N N 235 
MET OXT HXT  sing N N 236 
PHE N   CA   sing N N 237 
PHE N   H    sing N N 238 
PHE N   H2   sing N N 239 
PHE CA  C    sing N N 240 
PHE CA  CB   sing N N 241 
PHE CA  HA   sing N N 242 
PHE C   O    doub N N 243 
PHE C   OXT  sing N N 244 
PHE CB  CG   sing N N 245 
PHE CB  HB2  sing N N 246 
PHE CB  HB3  sing N N 247 
PHE CG  CD1  doub Y N 248 
PHE CG  CD2  sing Y N 249 
PHE CD1 CE1  sing Y N 250 
PHE CD1 HD1  sing N N 251 
PHE CD2 CE2  doub Y N 252 
PHE CD2 HD2  sing N N 253 
PHE CE1 CZ   doub Y N 254 
PHE CE1 HE1  sing N N 255 
PHE CE2 CZ   sing Y N 256 
PHE CE2 HE2  sing N N 257 
PHE CZ  HZ   sing N N 258 
PHE OXT HXT  sing N N 259 
PRO N   CA   sing N N 260 
PRO N   CD   sing N N 261 
PRO N   H    sing N N 262 
PRO CA  C    sing N N 263 
PRO CA  CB   sing N N 264 
PRO CA  HA   sing N N 265 
PRO C   O    doub N N 266 
PRO C   OXT  sing N N 267 
PRO CB  CG   sing N N 268 
PRO CB  HB2  sing N N 269 
PRO CB  HB3  sing N N 270 
PRO CG  CD   sing N N 271 
PRO CG  HG2  sing N N 272 
PRO CG  HG3  sing N N 273 
PRO CD  HD2  sing N N 274 
PRO CD  HD3  sing N N 275 
PRO OXT HXT  sing N N 276 
SER N   CA   sing N N 277 
SER N   H    sing N N 278 
SER N   H2   sing N N 279 
SER CA  C    sing N N 280 
SER CA  CB   sing N N 281 
SER CA  HA   sing N N 282 
SER C   O    doub N N 283 
SER C   OXT  sing N N 284 
SER CB  OG   sing N N 285 
SER CB  HB2  sing N N 286 
SER CB  HB3  sing N N 287 
SER OG  HG   sing N N 288 
SER OXT HXT  sing N N 289 
THR N   CA   sing N N 290 
THR N   H    sing N N 291 
THR N   H2   sing N N 292 
THR CA  C    sing N N 293 
THR CA  CB   sing N N 294 
THR CA  HA   sing N N 295 
THR C   O    doub N N 296 
THR C   OXT  sing N N 297 
THR CB  OG1  sing N N 298 
THR CB  CG2  sing N N 299 
THR CB  HB   sing N N 300 
THR OG1 HG1  sing N N 301 
THR CG2 HG21 sing N N 302 
THR CG2 HG22 sing N N 303 
THR CG2 HG23 sing N N 304 
THR OXT HXT  sing N N 305 
TYR N   CA   sing N N 306 
TYR N   H    sing N N 307 
TYR N   H2   sing N N 308 
TYR CA  C    sing N N 309 
TYR CA  CB   sing N N 310 
TYR CA  HA   sing N N 311 
TYR C   O    doub N N 312 
TYR C   OXT  sing N N 313 
TYR CB  CG   sing N N 314 
TYR CB  HB2  sing N N 315 
TYR CB  HB3  sing N N 316 
TYR CG  CD1  doub Y N 317 
TYR CG  CD2  sing Y N 318 
TYR CD1 CE1  sing Y N 319 
TYR CD1 HD1  sing N N 320 
TYR CD2 CE2  doub Y N 321 
TYR CD2 HD2  sing N N 322 
TYR CE1 CZ   doub Y N 323 
TYR CE1 HE1  sing N N 324 
TYR CE2 CZ   sing Y N 325 
TYR CE2 HE2  sing N N 326 
TYR CZ  OH   sing N N 327 
TYR OH  HH   sing N N 328 
TYR OXT HXT  sing N N 329 
VAL N   CA   sing N N 330 
VAL N   H    sing N N 331 
VAL N   H2   sing N N 332 
VAL CA  C    sing N N 333 
VAL CA  CB   sing N N 334 
VAL CA  HA   sing N N 335 
VAL C   O    doub N N 336 
VAL C   OXT  sing N N 337 
VAL CB  CG1  sing N N 338 
VAL CB  CG2  sing N N 339 
VAL CB  HB   sing N N 340 
VAL CG1 HG11 sing N N 341 
VAL CG1 HG12 sing N N 342 
VAL CG1 HG13 sing N N 343 
VAL CG2 HG21 sing N N 344 
VAL CG2 HG22 sing N N 345 
VAL CG2 HG23 sing N N 346 
VAL OXT HXT  sing N N 347 
# 
_atom_sites.entry_id                    2AWW 
_atom_sites.fract_transf_matrix[1][1]   0.01523567 
_atom_sites.fract_transf_matrix[1][2]   0.01964072 
_atom_sites.fract_transf_matrix[1][3]   -0.01545352 
_atom_sites.fract_transf_matrix[2][1]   0.01111168 
_atom_sites.fract_transf_matrix[2][2]   -0.01337591 
_atom_sites.fract_transf_matrix[2][3]   -0.00604513 
_atom_sites.fract_transf_matrix[3][1]   -0.01205016 
_atom_sites.fract_transf_matrix[3][2]   -0.00399035 
_atom_sites.fract_transf_matrix[3][3]   -0.01332031 
_atom_sites.fract_transf_vector[1]      0.197142 
_atom_sites.fract_transf_vector[2]      0.011753 
_atom_sites.fract_transf_vector[3]      0.667528 
# 
loop_
_atom_type.symbol 
C 
N 
O 
S 
# 
loop_
_atom_site.group_PDB 
_atom_site.id 
_atom_site.type_symbol 
_atom_site.label_atom_id 
_atom_site.label_alt_id 
_atom_site.label_comp_id 
_atom_site.label_asym_id 
_atom_site.label_entity_id 
_atom_site.label_seq_id 
_atom_site.pdbx_PDB_ins_code 
_atom_site.Cartn_x 
_atom_site.Cartn_y 
_atom_site.Cartn_z 
_atom_site.occupancy 
_atom_site.B_iso_or_equiv 
_atom_site.pdbx_formal_charge 
_atom_site.auth_seq_id 
_atom_site.auth_comp_id 
_atom_site.auth_asym_id 
_atom_site.auth_atom_id 
_atom_site.pdbx_PDB_model_num 
ATOM   1    N N   . LYS A 1 3  ? -3.901  8.363   10.033  1.00 59.11 ? 316 LYS A N   1 
ATOM   2    C CA  . LYS A 1 3  ? -3.459  9.565   9.246   1.00 59.06 ? 316 LYS A CA  1 
ATOM   3    C C   . LYS A 1 3  ? -2.281  9.198   8.332   1.00 58.85 ? 316 LYS A C   1 
ATOM   4    O O   . LYS A 1 3  ? -1.196  9.797   8.381   1.00 58.82 ? 316 LYS A O   1 
ATOM   5    C CB  . LYS A 1 3  ? -3.128  10.758  10.157  1.00 58.78 ? 316 LYS A CB  1 
ATOM   6    N N   . ILE A 1 4  ? -2.543  8.200   7.495   1.00 58.50 ? 317 ILE A N   1 
ATOM   7    C CA  . ILE A 1 4  ? -1.676  7.789   6.404   1.00 57.92 ? 317 ILE A CA  1 
ATOM   8    C C   . ILE A 1 4  ? -1.831  8.722   5.212   1.00 56.44 ? 317 ILE A C   1 
ATOM   9    C CB  . ILE A 1 4  ? -2.043  6.359   5.939   1.00 58.59 ? 317 ILE A CB  1 
ATOM   10   C CG1 . ILE A 1 4  ? -2.282  5.419   7.140   1.00 59.53 ? 317 ILE A CG1 1 
ATOM   11   C CG2 . ILE A 1 4  ? -0.993  5.800   5.009   1.00 58.77 ? 317 ILE A CG2 1 
ATOM   12   C CD1 . ILE A 1 4  ? -1.113  5.278   8.124   1.00 60.79 ? 317 ILE A CD1 1 
ATOM   13   N N   . MET A 1 5  ? -0.732  9.356   4.810   1.00 54.76 ? 318 MET A N   1 
ATOM   14   C CA  . MET A 1 5  ? -0.719  10.020  3.515   1.00 52.97 ? 318 MET A CA  1 
ATOM   15   C C   . MET A 1 5  ? 0.308   9.485   2.493   1.00 51.03 ? 318 MET A C   1 
ATOM   16   O O   . MET A 1 5  ? 1.298   8.853   2.858   1.00 50.56 ? 318 MET A O   1 
ATOM   17   C CB  . MET A 1 5  ? -0.632  11.526  3.675   1.00 53.15 ? 318 MET A CB  1 
ATOM   18   C CG  . MET A 1 5  ? 0.705   12.075  4.062   1.00 52.78 ? 318 MET A CG  1 
ATOM   19   S SD  . MET A 1 5  ? 0.764   13.803  3.521   1.00 54.34 ? 318 MET A SD  1 
ATOM   20   C CE  . MET A 1 5  ? 0.783   13.633  1.744   1.00 51.72 ? 318 MET A CE  1 
ATOM   21   N N   . GLU A 1 6  ? 0.015   9.728   1.216   1.00 48.74 ? 319 GLU A N   1 
ATOM   22   C CA  . GLU A 1 6  ? 0.793   9.247   0.061   1.00 46.66 ? 319 GLU A CA  1 
ATOM   23   C C   . GLU A 1 6  ? 1.688   10.361  -0.472  1.00 42.84 ? 319 GLU A C   1 
ATOM   24   O O   . GLU A 1 6  ? 1.311   11.514  -0.546  1.00 42.68 ? 319 GLU A O   1 
ATOM   25   C CB  . GLU A 1 6  ? -0.139  8.707   -1.027  1.00 47.36 ? 319 GLU A CB  1 
ATOM   26   C CG  . GLU A 1 6  ? -0.822  7.355   -0.600  1.00 49.90 ? 319 GLU A CG  1 
ATOM   27   C CD  . GLU A 1 6  ? -1.831  6.803   -1.606  1.00 51.18 ? 319 GLU A CD  1 
ATOM   28   O OE1 . GLU A 1 6  ? -1.432  6.371   -2.723  1.00 54.95 ? 319 GLU A OE1 1 
ATOM   29   O OE2 . GLU A 1 6  ? -3.049  6.767   -1.254  1.00 59.10 ? 319 GLU A OE2 1 
ATOM   30   N N   . ILE A 1 7  ? 2.926   10.040  -0.754  1.00 38.61 ? 320 ILE A N   1 
ATOM   31   C CA  . ILE A 1 7  ? 3.788   11.039  -1.344  1.00 34.37 ? 320 ILE A CA  1 
ATOM   32   C C   . ILE A 1 7  ? 4.368   10.471  -2.591  1.00 31.20 ? 320 ILE A C   1 
ATOM   33   O O   . ILE A 1 7  ? 5.046   9.495   -2.549  1.00 30.50 ? 320 ILE A O   1 
ATOM   34   C CB  . ILE A 1 7  ? 4.887   11.527  -0.380  1.00 33.97 ? 320 ILE A CB  1 
ATOM   35   C CG1 . ILE A 1 7  ? 4.272   12.335  0.742   1.00 33.46 ? 320 ILE A CG1 1 
ATOM   36   C CG2 . ILE A 1 7  ? 5.879   12.401  -1.132  1.00 34.89 ? 320 ILE A CG2 1 
ATOM   37   C CD1 . ILE A 1 7  ? 4.806   12.037  2.110   1.00 31.51 ? 320 ILE A CD1 1 
ATOM   38   N N   . LYS A 1 8  ? 4.071   11.095  -3.722  1.00 30.49 ? 321 LYS A N   1 
ATOM   39   C CA  . LYS A 1 8  ? 4.665   10.704  -4.976  1.00 29.48 ? 321 LYS A CA  1 
ATOM   40   C C   . LYS A 1 8  ? 5.756   11.779  -5.251  1.00 31.32 ? 321 LYS A C   1 
ATOM   41   O O   . LYS A 1 8  ? 5.474   12.957  -5.169  1.00 31.87 ? 321 LYS A O   1 
ATOM   42   C CB  . LYS A 1 8  ? 3.572   10.686  -5.996  1.00 30.51 ? 321 LYS A CB  1 
ATOM   43   C CG  . LYS A 1 8  ? 2.292   9.819   -5.482  1.00 26.63 ? 321 LYS A CG  1 
ATOM   44   C CD  . LYS A 1 8  ? 1.323   9.519   -6.632  1.00 31.74 ? 321 LYS A CD  1 
ATOM   45   C CE  . LYS A 1 8  ? 0.239   8.432   -6.208  1.00 32.62 ? 321 LYS A CE  1 
ATOM   46   N NZ  . LYS A 1 8  ? -0.042  8.422   -4.665  1.00 33.13 ? 321 LYS A NZ  1 
ATOM   47   N N   . LEU A 1 9  ? 6.992   11.365  -5.482  1.00 31.10 ? 322 LEU A N   1 
ATOM   48   C CA  . LEU A 1 9  ? 8.102   12.299  -5.685  1.00 32.13 ? 322 LEU A CA  1 
ATOM   49   C C   . LEU A 1 9  ? 8.944   11.816  -6.835  1.00 34.66 ? 322 LEU A C   1 
ATOM   50   O O   . LEU A 1 9  ? 8.828   10.670  -7.226  1.00 35.54 ? 322 LEU A O   1 
ATOM   51   C CB  . LEU A 1 9  ? 9.052   12.325  -4.491  1.00 30.62 ? 322 LEU A CB  1 
ATOM   52   C CG  . LEU A 1 9  ? 8.718   12.594  -3.038  1.00 23.93 ? 322 LEU A CG  1 
ATOM   53   C CD1 . LEU A 1 9  ? 9.922   12.489  -2.215  1.00 29.20 ? 322 LEU A CD1 1 
ATOM   54   C CD2 . LEU A 1 9  ? 8.036   13.892  -2.870  1.00 15.60 ? 322 LEU A CD2 1 
ATOM   55   N N   . ILE A 1 10 ? 9.861   12.697  -7.272  1.00 37.62 ? 323 ILE A N   1 
ATOM   56   C CA  . ILE A 1 10 ? 10.776  12.478  -8.340  1.00 39.10 ? 323 ILE A CA  1 
ATOM   57   C C   . ILE A 1 10 ? 12.177  12.793  -7.802  1.00 41.13 ? 323 ILE A C   1 
ATOM   58   O O   . ILE A 1 10 ? 12.470  13.909  -7.345  1.00 40.63 ? 323 ILE A O   1 
ATOM   59   C CB  . ILE A 1 10 ? 10.419  13.357  -9.592  1.00 39.27 ? 323 ILE A CB  1 
ATOM   60   C CG1 . ILE A 1 10 ? 9.063   12.937  -10.178 1.00 40.60 ? 323 ILE A CG1 1 
ATOM   61   C CG2 . ILE A 1 10 ? 11.475  13.221  -10.692 1.00 40.89 ? 323 ILE A CG2 1 
ATOM   62   N N   . LYS A 1 11 ? 13.046  11.790  -7.856  1.00 43.08 ? 324 LYS A N   1 
ATOM   63   C CA  . LYS A 1 11 ? 14.334  11.914  -7.272  1.00 46.00 ? 324 LYS A CA  1 
ATOM   64   C C   . LYS A 1 11 ? 15.045  13.044  -8.030  1.00 47.68 ? 324 LYS A C   1 
ATOM   65   O O   . LYS A 1 11 ? 15.152  13.014  -9.250  1.00 48.75 ? 324 LYS A O   1 
ATOM   66   C CB  . LYS A 1 11 ? 15.055  10.571  -7.365  1.00 45.94 ? 324 LYS A CB  1 
ATOM   67   C CG  . LYS A 1 11 ? 16.155  10.392  -6.348  1.00 46.69 ? 324 LYS A CG  1 
ATOM   68   C CD  . LYS A 1 11 ? 16.598  8.951   -6.228  1.00 46.42 ? 324 LYS A CD  1 
ATOM   69   C CE  . LYS A 1 11 ? 15.493  8.075   -5.706  1.00 49.02 ? 324 LYS A CE  1 
ATOM   70   N NZ  . LYS A 1 11 ? 15.901  6.629   -5.748  1.00 49.70 ? 324 LYS A NZ  1 
ATOM   71   N N   . GLY A 1 12 ? 15.445  14.086  -7.317  1.00 49.53 ? 325 GLY A N   1 
ATOM   72   C CA  . GLY A 1 12 ? 16.281  15.141  -7.903  1.00 50.34 ? 325 GLY A CA  1 
ATOM   73   C C   . GLY A 1 12 ? 17.702  14.669  -8.174  1.00 51.02 ? 325 GLY A C   1 
ATOM   74   O O   . GLY A 1 12 ? 17.997  13.464  -8.132  1.00 50.09 ? 325 GLY A O   1 
ATOM   75   N N   . PRO A 1 13 ? 18.617  15.621  -8.449  1.00 51.81 ? 326 PRO A N   1 
ATOM   76   C CA  . PRO A 1 13 ? 19.975  15.139  -8.717  1.00 52.46 ? 326 PRO A CA  1 
ATOM   77   C C   . PRO A 1 13 ? 20.649  14.758  -7.387  1.00 53.08 ? 326 PRO A C   1 
ATOM   78   O O   . PRO A 1 13 ? 21.390  13.755  -7.317  1.00 53.35 ? 326 PRO A O   1 
ATOM   79   C CB  . PRO A 1 13 ? 20.676  16.335  -9.408  1.00 52.48 ? 326 PRO A CB  1 
ATOM   80   C CG  . PRO A 1 13 ? 19.736  17.540  -9.247  1.00 52.04 ? 326 PRO A CG  1 
ATOM   81   C CD  . PRO A 1 13 ? 18.498  17.093  -8.480  1.00 51.95 ? 326 PRO A CD  1 
ATOM   82   N N   . LYS A 1 14 ? 20.330  15.527  -6.336  1.00 53.22 ? 327 LYS A N   1 
ATOM   83   C CA  . LYS A 1 14 ? 20.906  15.344  -4.991  1.00 52.41 ? 327 LYS A CA  1 
ATOM   84   C C   . LYS A 1 14 ? 20.207  14.281  -4.144  1.00 51.51 ? 327 LYS A C   1 
ATOM   85   O O   . LYS A 1 14 ? 20.435  14.195  -2.933  1.00 51.96 ? 327 LYS A O   1 
ATOM   86   C CB  . LYS A 1 14 ? 20.901  16.666  -4.242  1.00 52.64 ? 327 LYS A CB  1 
ATOM   87   C CG  . LYS A 1 14 ? 22.248  17.162  -3.853  1.00 52.77 ? 327 LYS A CG  1 
ATOM   88   C CD  . LYS A 1 14 ? 22.100  18.166  -2.723  1.00 51.37 ? 327 LYS A CD  1 
ATOM   89   C CE  . LYS A 1 14 ? 23.439  18.696  -2.291  1.00 50.09 ? 327 LYS A CE  1 
ATOM   90   N NZ  . LYS A 1 14 ? 23.272  19.949  -1.498  1.00 52.56 ? 327 LYS A NZ  1 
ATOM   91   N N   . GLY A 1 15 ? 19.360  13.474  -4.773  1.00 50.59 ? 328 GLY A N   1 
ATOM   92   C CA  . GLY A 1 15 ? 18.680  12.407  -4.075  1.00 49.32 ? 328 GLY A CA  1 
ATOM   93   C C   . GLY A 1 15 ? 17.266  12.831  -3.751  1.00 48.56 ? 328 GLY A C   1 
ATOM   94   O O   . GLY A 1 15 ? 16.781  13.851  -4.280  1.00 49.24 ? 328 GLY A O   1 
ATOM   95   N N   . LEU A 1 16 ? 16.608  12.046  -2.891  1.00 47.11 ? 329 LEU A N   1 
ATOM   96   C CA  . LEU A 1 16 ? 15.233  12.313  -2.425  1.00 45.23 ? 329 LEU A CA  1 
ATOM   97   C C   . LEU A 1 16 ? 15.194  13.461  -1.430  1.00 44.13 ? 329 LEU A C   1 
ATOM   98   O O   . LEU A 1 16 ? 14.139  14.045  -1.191  1.00 43.97 ? 329 LEU A O   1 
ATOM   99   C CB  . LEU A 1 16 ? 14.620  11.068  -1.808  1.00 44.89 ? 329 LEU A CB  1 
ATOM   100  C CG  . LEU A 1 16 ? 14.086  9.966   -2.726  1.00 45.20 ? 329 LEU A CG  1 
ATOM   101  C CD1 . LEU A 1 16 ? 13.703  8.768   -1.892  1.00 43.13 ? 329 LEU A CD1 1 
ATOM   102  C CD2 . LEU A 1 16 ? 12.876  10.434  -3.519  1.00 44.72 ? 329 LEU A CD2 1 
ATOM   103  N N   . GLY A 1 17 ? 16.349  13.784  -0.860  1.00 43.64 ? 330 GLY A N   1 
ATOM   104  C CA  . GLY A 1 17 ? 16.502  14.939  0.038   1.00 43.06 ? 330 GLY A CA  1 
ATOM   105  C C   . GLY A 1 17 ? 15.962  14.792  1.458   1.00 42.83 ? 330 GLY A C   1 
ATOM   106  O O   . GLY A 1 17 ? 15.442  15.752  2.038   1.00 43.55 ? 330 GLY A O   1 
ATOM   107  N N   . PHE A 1 18 ? 16.039  13.586  2.013   1.00 43.22 ? 331 PHE A N   1 
ATOM   108  C CA  . PHE A 1 18 ? 15.713  13.362  3.429   1.00 41.68 ? 331 PHE A CA  1 
ATOM   109  C C   . PHE A 1 18 ? 16.584  12.304  4.091   1.00 42.07 ? 331 PHE A C   1 
ATOM   110  O O   . PHE A 1 18 ? 17.144  11.426  3.411   1.00 41.70 ? 331 PHE A O   1 
ATOM   111  C CB  . PHE A 1 18 ? 14.213  13.118  3.652   1.00 40.96 ? 331 PHE A CB  1 
ATOM   112  C CG  . PHE A 1 18 ? 13.667  11.773  3.155   1.00 39.79 ? 331 PHE A CG  1 
ATOM   113  C CD1 . PHE A 1 18 ? 13.737  10.630  3.953   1.00 34.97 ? 331 PHE A CD1 1 
ATOM   114  C CD2 . PHE A 1 18 ? 12.944  11.698  1.964   1.00 35.76 ? 331 PHE A CD2 1 
ATOM   115  C CE1 . PHE A 1 18 ? 13.181  9.416   3.555   1.00 35.45 ? 331 PHE A CE1 1 
ATOM   116  C CE2 . PHE A 1 18 ? 12.372  10.480  1.542   1.00 35.20 ? 331 PHE A CE2 1 
ATOM   117  C CZ  . PHE A 1 18 ? 12.484  9.333   2.344   1.00 37.06 ? 331 PHE A CZ  1 
ATOM   118  N N   . SER A 1 19 ? 16.720  12.428  5.418   1.00 41.58 ? 332 SER A N   1 
ATOM   119  C CA  . SER A 1 19 ? 17.464  11.501  6.234   1.00 40.37 ? 332 SER A CA  1 
ATOM   120  C C   . SER A 1 19 ? 16.472  10.631  7.024   1.00 39.58 ? 332 SER A C   1 
ATOM   121  O O   . SER A 1 19 ? 15.361  11.087  7.317   1.00 38.23 ? 332 SER A O   1 
ATOM   122  C CB  . SER A 1 19 ? 18.397  12.293  7.137   1.00 42.14 ? 332 SER A CB  1 
ATOM   123  O OG  . SER A 1 19 ? 19.368  13.063  6.363   1.00 43.10 ? 332 SER A OG  1 
ATOM   124  N N   . ILE A 1 20 ? 16.847  9.358   7.249   1.00 37.94 ? 333 ILE A N   1 
ATOM   125  C CA  . ILE A 1 20 ? 16.146  8.423   8.136   1.00 36.34 ? 333 ILE A CA  1 
ATOM   126  C C   . ILE A 1 20 ? 16.979  7.923   9.335   1.00 35.80 ? 333 ILE A C   1 
ATOM   127  O O   . ILE A 1 20 ? 18.213  7.946   9.319   1.00 36.46 ? 333 ILE A O   1 
ATOM   128  C CB  . ILE A 1 20 ? 15.475  7.226   7.404   1.00 37.17 ? 333 ILE A CB  1 
ATOM   129  C CG1 . ILE A 1 20 ? 16.501  6.351   6.636   1.00 36.42 ? 333 ILE A CG1 1 
ATOM   130  C CG2 . ILE A 1 20 ? 14.300  7.736   6.547   1.00 36.15 ? 333 ILE A CG2 1 
ATOM   131  C CD1 . ILE A 1 20 ? 15.921  4.973   6.230   1.00 34.15 ? 333 ILE A CD1 1 
ATOM   132  N N   . ALA A 1 21 ? 16.269  7.546   10.385  1.00 34.36 ? 334 ALA A N   1 
ATOM   133  C CA  . ALA A 1 21 ? 16.798  6.968   11.639  1.00 33.14 ? 334 ALA A CA  1 
ATOM   134  C C   . ALA A 1 21 ? 15.816  5.882   11.980  1.00 32.11 ? 334 ALA A C   1 
ATOM   135  O O   . ALA A 1 21 ? 14.750  5.866   11.408  1.00 31.77 ? 334 ALA A O   1 
ATOM   136  C CB  . ALA A 1 21 ? 16.774  8.021   12.725  1.00 32.63 ? 334 ALA A CB  1 
ATOM   137  N N   . GLY A 1 22 ? 16.134  4.969   12.903  1.00 32.44 ? 335 GLY A N   1 
ATOM   138  C CA  . GLY A 1 22 ? 15.142  3.938   13.307  1.00 29.55 ? 335 GLY A CA  1 
ATOM   139  C C   . GLY A 1 22 ? 15.481  2.543   12.795  1.00 30.30 ? 335 GLY A C   1 
ATOM   140  O O   . GLY A 1 22 ? 16.538  2.326   12.230  1.00 27.53 ? 335 GLY A O   1 
ATOM   141  N N   . GLY A 1 23 ? 14.559  1.594   12.978  1.00 30.32 ? 336 GLY A N   1 
ATOM   142  C CA  . GLY A 1 23 ? 14.819  0.226   12.613  1.00 31.60 ? 336 GLY A CA  1 
ATOM   143  C C   . GLY A 1 23 ? 15.091  -0.702  13.807  1.00 34.35 ? 336 GLY A C   1 
ATOM   144  O O   . GLY A 1 23 ? 15.680  -0.278  14.833  1.00 34.26 ? 336 GLY A O   1 
ATOM   145  N N   . VAL A 1 24 ? 14.646  -1.964  13.673  1.00 35.64 ? 337 VAL A N   1 
ATOM   146  C CA  . VAL A 1 24 ? 14.929  -3.043  14.640  1.00 35.63 ? 337 VAL A CA  1 
ATOM   147  C C   . VAL A 1 24 ? 16.403  -3.135  14.903  1.00 37.31 ? 337 VAL A C   1 
ATOM   148  O O   . VAL A 1 24 ? 17.185  -3.283  13.945  1.00 37.61 ? 337 VAL A O   1 
ATOM   149  C CB  . VAL A 1 24 ? 14.519  -4.426  14.135  1.00 34.71 ? 337 VAL A CB  1 
ATOM   150  C CG1 . VAL A 1 24 ? 14.860  -5.456  15.199  1.00 35.41 ? 337 VAL A CG1 1 
ATOM   151  C CG2 . VAL A 1 24 ? 13.014  -4.489  13.826  1.00 32.02 ? 337 VAL A CG2 1 
ATOM   152  N N   . GLY A 1 25 ? 16.766  -3.034  16.192  1.00 38.67 ? 338 GLY A N   1 
ATOM   153  C CA  . GLY A 1 25 ? 18.153  -2.963  16.637  1.00 38.73 ? 338 GLY A CA  1 
ATOM   154  C C   . GLY A 1 25 ? 18.680  -1.551  16.668  1.00 39.44 ? 338 GLY A C   1 
ATOM   155  O O   . GLY A 1 25 ? 19.837  -1.310  16.999  1.00 39.07 ? 338 GLY A O   1 
ATOM   156  N N   . ASN A 1 26 ? 17.845  -0.593  16.302  1.00 40.59 ? 339 ASN A N   1 
ATOM   157  C CA  . ASN A 1 26 ? 18.338  0.785   16.099  1.00 41.02 ? 339 ASN A CA  1 
ATOM   158  C C   . ASN A 1 26 ? 17.284  1.785   16.480  1.00 41.30 ? 339 ASN A C   1 
ATOM   159  O O   . ASN A 1 26 ? 17.318  2.943   16.030  1.00 43.17 ? 339 ASN A O   1 
ATOM   160  C CB  . ASN A 1 26 ? 18.719  1.015   14.640  1.00 41.01 ? 339 ASN A CB  1 
ATOM   161  C CG  . ASN A 1 26 ? 19.551  2.268   14.452  1.00 43.59 ? 339 ASN A CG  1 
ATOM   162  O OD1 . ASN A 1 26 ? 20.444  2.535   15.252  1.00 45.92 ? 339 ASN A OD1 1 
ATOM   163  N ND2 . ASN A 1 26 ? 19.259  3.052   13.389  1.00 42.22 ? 339 ASN A ND2 1 
ATOM   164  N N   . GLN A 1 27 ? 16.329  1.326   17.285  1.00 40.70 ? 340 GLN A N   1 
ATOM   165  C CA  . GLN A 1 27 ? 15.243  2.138   17.824  1.00 39.76 ? 340 GLN A CA  1 
ATOM   166  C C   . GLN A 1 27 ? 15.512  3.650   17.853  1.00 40.04 ? 340 GLN A C   1 
ATOM   167  O O   . GLN A 1 27 ? 16.569  4.127   18.308  1.00 40.37 ? 340 GLN A O   1 
ATOM   168  C CB  . GLN A 1 27 ? 14.838  1.577   19.184  1.00 39.32 ? 340 GLN A CB  1 
ATOM   169  C CG  . GLN A 1 27 ? 14.217  0.134   19.067  1.00 37.89 ? 340 GLN A CG  1 
ATOM   170  C CD  . GLN A 1 27 ? 13.514  -0.290  20.336  1.00 35.35 ? 340 GLN A CD  1 
ATOM   171  O OE1 . GLN A 1 27 ? 13.784  0.254   21.393  1.00 35.06 ? 340 GLN A OE1 1 
ATOM   172  N NE2 . GLN A 1 27 ? 12.573  -1.236  20.237  1.00 36.54 ? 340 GLN A NE2 1 
ATOM   173  N N   . HIS A 1 28 ? 14.571  4.406   17.298  1.00 39.85 ? 341 HIS A N   1 
ATOM   174  C CA  . HIS A 1 28 ? 14.685  5.867   17.286  1.00 38.26 ? 341 HIS A CA  1 
ATOM   175  C C   . HIS A 1 28 ? 13.948  6.393   18.508  1.00 38.84 ? 341 HIS A C   1 
ATOM   176  O O   . HIS A 1 28 ? 14.357  7.363   19.141  1.00 38.54 ? 341 HIS A O   1 
ATOM   177  C CB  . HIS A 1 28 ? 14.069  6.433   15.973  1.00 37.29 ? 341 HIS A CB  1 
ATOM   178  C CG  . HIS A 1 28 ? 14.051  7.931   15.900  1.00 32.88 ? 341 HIS A CG  1 
ATOM   179  N ND1 . HIS A 1 28 ? 15.210  8.696   15.897  1.00 28.32 ? 341 HIS A ND1 1 
ATOM   180  C CD2 . HIS A 1 28 ? 13.016  8.811   15.865  1.00 26.40 ? 341 HIS A CD2 1 
ATOM   181  C CE1 . HIS A 1 28 ? 14.886  9.977   15.862  1.00 23.29 ? 341 HIS A CE1 1 
ATOM   182  N NE2 . HIS A 1 28 ? 13.566  10.074  15.836  1.00 28.60 ? 341 HIS A NE2 1 
ATOM   183  N N   . ILE A 1 29 ? 12.819  5.766   18.800  1.00 39.64 ? 342 ILE A N   1 
ATOM   184  C CA  . ILE A 1 29 ? 12.115  6.029   20.025  1.00 40.66 ? 342 ILE A CA  1 
ATOM   185  C C   . ILE A 1 29 ? 12.180  4.739   20.803  1.00 41.71 ? 342 ILE A C   1 
ATOM   186  O O   . ILE A 1 29 ? 11.948  3.678   20.236  1.00 41.94 ? 342 ILE A O   1 
ATOM   187  C CB  . ILE A 1 29 ? 10.659  6.475   19.735  1.00 41.05 ? 342 ILE A CB  1 
ATOM   188  C CG1 . ILE A 1 29 ? 10.651  7.772   18.922  1.00 41.29 ? 342 ILE A CG1 1 
ATOM   189  C CG2 . ILE A 1 29 ? 9.835   6.681   20.981  1.00 39.44 ? 342 ILE A CG2 1 
ATOM   190  C CD1 . ILE A 1 29 ? 9.298   8.085   18.407  1.00 39.34 ? 342 ILE A CD1 1 
ATOM   191  N N   . PRO A 1 30 ? 12.555  4.814   22.098  1.00 43.23 ? 343 PRO A N   1 
ATOM   192  C CA  . PRO A 1 30 ? 12.459  3.653   22.997  1.00 43.10 ? 343 PRO A CA  1 
ATOM   193  C C   . PRO A 1 30 ? 11.158  2.862   22.788  1.00 42.83 ? 343 PRO A C   1 
ATOM   194  O O   . PRO A 1 30 ? 10.090  3.417   22.839  1.00 44.28 ? 343 PRO A O   1 
ATOM   195  C CB  . PRO A 1 30 ? 12.542  4.301   24.377  1.00 42.95 ? 343 PRO A CB  1 
ATOM   196  C CG  . PRO A 1 30 ? 13.609  5.436   24.146  1.00 43.65 ? 343 PRO A CG  1 
ATOM   197  C CD  . PRO A 1 30 ? 13.179  5.991   22.770  1.00 43.85 ? 343 PRO A CD  1 
ATOM   198  N N   . GLY A 1 31 ? 11.263  1.588   22.461  1.00 43.11 ? 344 GLY A N   1 
ATOM   199  C CA  . GLY A 1 31 ? 10.075  0.780   22.143  1.00 43.10 ? 344 GLY A CA  1 
ATOM   200  C C   . GLY A 1 31 ? 9.710   0.674   20.682  1.00 43.12 ? 344 GLY A C   1 
ATOM   201  O O   . GLY A 1 31 ? 8.933   -0.204  20.290  1.00 43.82 ? 344 GLY A O   1 
ATOM   202  N N   . ASP A 1 32 ? 10.259  1.560   19.853  1.00 42.51 ? 345 ASP A N   1 
ATOM   203  C CA  . ASP A 1 32 ? 9.769   1.688   18.457  1.00 41.45 ? 345 ASP A CA  1 
ATOM   204  C C   . ASP A 1 32 ? 10.868  1.337   17.492  1.00 40.55 ? 345 ASP A C   1 
ATOM   205  O O   . ASP A 1 32 ? 11.939  1.973   17.508  1.00 40.73 ? 345 ASP A O   1 
ATOM   206  C CB  . ASP A 1 32 ? 9.310   3.124   18.197  1.00 42.11 ? 345 ASP A CB  1 
ATOM   207  C CG  . ASP A 1 32 ? 8.272   3.232   17.119  1.00 39.52 ? 345 ASP A CG  1 
ATOM   208  O OD1 . ASP A 1 32 ? 8.219   2.373   16.209  1.00 44.52 ? 345 ASP A OD1 1 
ATOM   209  O OD2 . ASP A 1 32 ? 7.501   4.211   17.155  1.00 38.59 ? 345 ASP A OD2 1 
ATOM   210  N N   . ASN A 1 33 ? 10.614  0.289   16.710  1.00 39.70 ? 346 ASN A N   1 
ATOM   211  C CA  . ASN A 1 33 ? 11.493  -0.196  15.634  1.00 39.19 ? 346 ASN A CA  1 
ATOM   212  C C   . ASN A 1 33 ? 11.275  0.545   14.289  1.00 38.79 ? 346 ASN A C   1 
ATOM   213  O O   . ASN A 1 33 ? 11.967  0.267   13.288  1.00 39.29 ? 346 ASN A O   1 
ATOM   214  C CB  . ASN A 1 33 ? 11.282  -1.695  15.380  1.00 38.70 ? 346 ASN A CB  1 
ATOM   215  C CG  . ASN A 1 33 ? 11.591  -2.572  16.612  1.00 38.74 ? 346 ASN A CG  1 
ATOM   216  O OD1 . ASN A 1 33 ? 12.581  -2.354  17.293  1.00 29.89 ? 346 ASN A OD1 1 
ATOM   217  N ND2 . ASN A 1 33 ? 10.740  -3.615  16.855  1.00 30.36 ? 346 ASN A ND2 1 
ATOM   218  N N   . SER A 1 34 ? 10.347  1.502   14.274  1.00 37.06 ? 347 SER A N   1 
ATOM   219  C CA  . SER A 1 34 ? 9.920   2.123   13.014  1.00 35.16 ? 347 SER A CA  1 
ATOM   220  C C   . SER A 1 34 ? 10.947  3.048   12.370  1.00 35.18 ? 347 SER A C   1 
ATOM   221  O O   . SER A 1 34 ? 11.866  3.554   13.038  1.00 33.06 ? 347 SER A O   1 
ATOM   222  C CB  . SER A 1 34 ? 8.612   2.860   13.219  1.00 35.74 ? 347 SER A CB  1 
ATOM   223  O OG  . SER A 1 34 ? 7.626   1.943   13.709  1.00 34.57 ? 347 SER A OG  1 
ATOM   224  N N   . ILE A 1 35 ? 10.772  3.260   11.052  1.00 34.09 ? 348 ILE A N   1 
ATOM   225  C CA  . ILE A 1 35 ? 11.590  4.239   10.308  1.00 33.17 ? 348 ILE A CA  1 
ATOM   226  C C   . ILE A 1 35 ? 10.980  5.641   10.352  1.00 32.18 ? 348 ILE A C   1 
ATOM   227  O O   . ILE A 1 35 ? 9.771   5.802   10.126  1.00 31.59 ? 348 ILE A O   1 
ATOM   228  C CB  . ILE A 1 35 ? 11.831  3.801   8.830   1.00 32.50 ? 348 ILE A CB  1 
ATOM   229  C CG1 . ILE A 1 35 ? 12.338  2.347   8.775   1.00 31.91 ? 348 ILE A CG1 1 
ATOM   230  C CG2 . ILE A 1 35 ? 12.832  4.681   8.242   1.00 31.74 ? 348 ILE A CG2 1 
ATOM   231  C CD1 . ILE A 1 35 ? 13.704  2.059   9.535   1.00 25.86 ? 348 ILE A CD1 1 
ATOM   232  N N   . TYR A 1 36 ? 11.850  6.621   10.608  1.00 30.33 ? 349 TYR A N   1 
ATOM   233  C CA  . TYR A 1 36 ? 11.502  7.984   10.950  1.00 31.75 ? 349 TYR A CA  1 
ATOM   234  C C   . TYR A 1 36 ? 12.379  8.945   10.209  1.00 31.72 ? 349 TYR A C   1 
ATOM   235  O O   . TYR A 1 36 ? 13.570  8.704   10.071  1.00 28.56 ? 349 TYR A O   1 
ATOM   236  C CB  . TYR A 1 36 ? 11.676  8.314   12.472  1.00 32.11 ? 349 TYR A CB  1 
ATOM   237  C CG  . TYR A 1 36 ? 10.560  7.752   13.317  1.00 32.64 ? 349 TYR A CG  1 
ATOM   238  C CD1 . TYR A 1 36 ? 10.779  6.664   14.145  1.00 31.77 ? 349 TYR A CD1 1 
ATOM   239  C CD2 . TYR A 1 36 ? 9.307   8.309   13.290  1.00 31.55 ? 349 TYR A CD2 1 
ATOM   240  C CE1 . TYR A 1 36 ? 9.748   6.125   14.893  1.00 32.72 ? 349 TYR A CE1 1 
ATOM   241  C CE2 . TYR A 1 36 ? 8.282   7.759   14.011  1.00 35.36 ? 349 TYR A CE2 1 
ATOM   242  C CZ  . TYR A 1 36 ? 8.523   6.667   14.815  1.00 32.58 ? 349 TYR A CZ  1 
ATOM   243  O OH  . TYR A 1 36 ? 7.535   6.129   15.571  1.00 35.86 ? 349 TYR A OH  1 
ATOM   244  N N   . VAL A 1 37 ? 11.751  10.041  9.774   1.00 31.96 ? 350 VAL A N   1 
ATOM   245  C CA  . VAL A 1 37 ? 12.400  11.050  8.964   1.00 33.55 ? 350 VAL A CA  1 
ATOM   246  C C   . VAL A 1 37 ? 12.944  12.011  9.981   1.00 33.86 ? 350 VAL A C   1 
ATOM   247  O O   . VAL A 1 37 ? 12.197  12.495  10.794  1.00 32.85 ? 350 VAL A O   1 
ATOM   248  C CB  . VAL A 1 37 ? 11.354  11.816  8.066   1.00 33.62 ? 350 VAL A CB  1 
ATOM   249  C CG1 . VAL A 1 37 ? 11.996  12.914  7.289   1.00 30.72 ? 350 VAL A CG1 1 
ATOM   250  C CG2 . VAL A 1 37 ? 10.528  10.877  7.215   1.00 32.06 ? 350 VAL A CG2 1 
ATOM   251  N N   . THR A 1 38 ? 14.230  12.298  9.917   1.00 36.84 ? 351 THR A N   1 
ATOM   252  C CA  . THR A 1 38 ? 14.867  13.185  10.876  1.00 39.21 ? 351 THR A CA  1 
ATOM   253  C C   . THR A 1 38 ? 15.367  14.487  10.307  1.00 41.88 ? 351 THR A C   1 
ATOM   254  O O   . THR A 1 38 ? 15.902  15.349  11.062  1.00 42.80 ? 351 THR A O   1 
ATOM   255  C CB  . THR A 1 38 ? 16.114  12.506  11.495  1.00 40.04 ? 351 THR A CB  1 
ATOM   256  O OG1 . THR A 1 38 ? 17.014  12.137  10.447  1.00 38.76 ? 351 THR A OG1 1 
ATOM   257  C CG2 . THR A 1 38 ? 15.702  11.263  12.288  1.00 39.33 ? 351 THR A CG2 1 
ATOM   258  N N   . SER A 1 39 ? 15.247  14.678  9.000   1.00 43.55 ? 352 SER A N   1 
ATOM   259  C CA  . SER A 1 39 ? 15.763  15.915  8.413   1.00 45.04 ? 352 SER A CA  1 
ATOM   260  C C   . SER A 1 39 ? 15.292  16.059  6.978   1.00 45.82 ? 352 SER A C   1 
ATOM   261  O O   . SER A 1 39 ? 15.431  15.121  6.185   1.00 45.84 ? 352 SER A O   1 
ATOM   262  C CB  . SER A 1 39 ? 17.289  15.910  8.460   1.00 45.42 ? 352 SER A CB  1 
ATOM   263  O OG  . SER A 1 39 ? 17.827  17.172  8.079   1.00 49.13 ? 352 SER A OG  1 
ATOM   264  N N   . ILE A 1 40 ? 14.696  17.214  6.665   1.00 46.36 ? 353 ILE A N   1 
ATOM   265  C CA  . ILE A 1 40 ? 14.265  17.546  5.305   1.00 46.31 ? 353 ILE A CA  1 
ATOM   266  C C   . ILE A 1 40 ? 15.282  18.533  4.716   1.00 47.89 ? 353 ILE A C   1 
ATOM   267  O O   . ILE A 1 40 ? 15.381  19.682  5.168   1.00 47.73 ? 353 ILE A O   1 
ATOM   268  C CB  . ILE A 1 40 ? 12.858  18.159  5.296   1.00 45.68 ? 353 ILE A CB  1 
ATOM   269  C CG1 . ILE A 1 40 ? 11.829  17.178  5.836   1.00 43.65 ? 353 ILE A CG1 1 
ATOM   270  C CG2 . ILE A 1 40 ? 12.448  18.598  3.889   1.00 45.74 ? 353 ILE A CG2 1 
ATOM   271  C CD1 . ILE A 1 40 ? 11.834  15.886  5.145   1.00 42.55 ? 353 ILE A CD1 1 
ATOM   272  N N   . VAL A 1 41 ? 16.050  18.092  3.727   1.00 49.06 ? 354 VAL A N   1 
ATOM   273  C CA  . VAL A 1 41 ? 17.109  18.934  3.187   1.00 50.26 ? 354 VAL A CA  1 
ATOM   274  C C   . VAL A 1 41 ? 16.559  20.022  2.232   1.00 51.65 ? 354 VAL A C   1 
ATOM   275  O O   . VAL A 1 41 ? 15.906  19.708  1.218   1.00 51.69 ? 354 VAL A O   1 
ATOM   276  C CB  . VAL A 1 41 ? 18.216  18.081  2.519   1.00 50.13 ? 354 VAL A CB  1 
ATOM   277  C CG1 . VAL A 1 41 ? 19.200  18.971  1.783   1.00 50.56 ? 354 VAL A CG1 1 
ATOM   278  C CG2 . VAL A 1 41 ? 18.948  17.240  3.571   1.00 48.92 ? 354 VAL A CG2 1 
ATOM   279  N N   . GLU A 1 42 ? 16.854  21.285  2.583   1.00 52.92 ? 355 GLU A N   1 
ATOM   280  C CA  . GLU A 1 42 ? 16.598  22.494  1.754   1.00 53.68 ? 355 GLU A CA  1 
ATOM   281  C C   . GLU A 1 42 ? 16.661  22.290  0.245   1.00 52.46 ? 355 GLU A C   1 
ATOM   282  O O   . GLU A 1 42 ? 17.667  21.812  -0.305  1.00 53.00 ? 355 GLU A O   1 
ATOM   283  C CB  . GLU A 1 42 ? 17.561  23.638  2.114   1.00 54.66 ? 355 GLU A CB  1 
ATOM   284  C CG  . GLU A 1 42 ? 17.056  25.034  1.685   1.00 58.73 ? 355 GLU A CG  1 
ATOM   285  C CD  . GLU A 1 42 ? 15.947  25.587  2.604   1.00 64.52 ? 355 GLU A CD  1 
ATOM   286  O OE1 . GLU A 1 42 ? 15.226  26.530  2.183   1.00 66.90 ? 355 GLU A OE1 1 
ATOM   287  O OE2 . GLU A 1 42 ? 15.801  25.096  3.754   1.00 66.40 ? 355 GLU A OE2 1 
ATOM   288  N N   . GLY A 1 43 ? 15.568  22.656  -0.409  1.00 50.54 ? 356 GLY A N   1 
ATOM   289  C CA  . GLY A 1 43 ? 15.468  22.572  -1.862  1.00 48.64 ? 356 GLY A CA  1 
ATOM   290  C C   . GLY A 1 43 ? 15.404  21.169  -2.460  1.00 46.57 ? 356 GLY A C   1 
ATOM   291  O O   . GLY A 1 43 ? 15.177  21.046  -3.655  1.00 47.89 ? 356 GLY A O   1 
ATOM   292  N N   . GLY A 1 44 ? 15.589  20.115  -1.666  1.00 43.28 ? 357 GLY A N   1 
ATOM   293  C CA  . GLY A 1 44 ? 15.637  18.748  -2.248  1.00 40.29 ? 357 GLY A CA  1 
ATOM   294  C C   . GLY A 1 44 ? 14.272  18.269  -2.739  1.00 37.59 ? 357 GLY A C   1 
ATOM   295  O O   . GLY A 1 44 ? 13.284  18.982  -2.570  1.00 35.70 ? 357 GLY A O   1 
ATOM   296  N N   . ALA A 1 45 ? 14.213  17.093  -3.375  1.00 35.89 ? 358 ALA A N   1 
ATOM   297  C CA  . ALA A 1 45 ? 12.899  16.624  -3.872  1.00 35.10 ? 358 ALA A CA  1 
ATOM   298  C C   . ALA A 1 45 ? 11.839  16.838  -2.814  1.00 33.61 ? 358 ALA A C   1 
ATOM   299  O O   . ALA A 1 45 ? 10.834  17.473  -3.088  1.00 35.08 ? 358 ALA A O   1 
ATOM   300  C CB  . ALA A 1 45 ? 12.929  15.151  -4.342  1.00 33.80 ? 358 ALA A CB  1 
ATOM   301  N N   . ALA A 1 46 ? 12.109  16.364  -1.589  1.00 34.39 ? 359 ALA A N   1 
ATOM   302  C CA  . ALA A 1 46 ? 11.119  16.245  -0.512  1.00 32.88 ? 359 ALA A CA  1 
ATOM   303  C C   . ALA A 1 46 ? 10.702  17.601  -0.009  1.00 33.47 ? 359 ALA A C   1 
ATOM   304  O O   . ALA A 1 46 ? 9.539   17.826  0.257   1.00 28.94 ? 359 ALA A O   1 
ATOM   305  C CB  . ALA A 1 46 ? 11.676  15.345  0.649   1.00 32.83 ? 359 ALA A CB  1 
ATOM   306  N N   . HIS A 1 47 ? 11.670  18.516  0.097   1.00 34.40 ? 360 HIS A N   1 
ATOM   307  C CA  . HIS A 1 47 ? 11.372  19.858  0.497   1.00 37.21 ? 360 HIS A CA  1 
ATOM   308  C C   . HIS A 1 47 ? 10.394  20.474  -0.500  1.00 38.18 ? 360 HIS A C   1 
ATOM   309  O O   . HIS A 1 47 ? 9.231   20.797  -0.127  1.00 38.46 ? 360 HIS A O   1 
ATOM   310  C CB  . HIS A 1 47 ? 12.685  20.656  0.600   1.00 39.83 ? 360 HIS A CB  1 
ATOM   311  C CG  . HIS A 1 47 ? 12.508  22.071  1.055   1.00 44.54 ? 360 HIS A CG  1 
ATOM   312  N ND1 . HIS A 1 47 ? 13.431  23.060  0.768   1.00 48.34 ? 360 HIS A ND1 1 
ATOM   313  C CD2 . HIS A 1 47 ? 11.517  22.668  1.764   1.00 48.84 ? 360 HIS A CD2 1 
ATOM   314  C CE1 . HIS A 1 47 ? 13.015  24.204  1.285   1.00 51.39 ? 360 HIS A CE1 1 
ATOM   315  N NE2 . HIS A 1 47 ? 11.855  23.996  1.892   1.00 51.80 ? 360 HIS A NE2 1 
ATOM   316  N N   . LYS A 1 48 ? 10.795  20.533  -1.777  1.00 38.08 ? 361 LYS A N   1 
ATOM   317  C CA  . LYS A 1 48 ? 9.939   21.131  -2.825  1.00 38.69 ? 361 LYS A CA  1 
ATOM   318  C C   . LYS A 1 48 ? 8.529   20.525  -2.878  1.00 38.60 ? 361 LYS A C   1 
ATOM   319  O O   . LYS A 1 48 ? 7.585   21.233  -3.085  1.00 39.77 ? 361 LYS A O   1 
ATOM   320  C CB  . LYS A 1 48 ? 10.558  21.015  -4.214  1.00 39.29 ? 361 LYS A CB  1 
ATOM   321  C CG  . LYS A 1 48 ? 11.775  21.908  -4.528  1.00 42.94 ? 361 LYS A CG  1 
ATOM   322  C CD  . LYS A 1 48 ? 11.853  22.061  -6.068  1.00 46.28 ? 361 LYS A CD  1 
ATOM   323  C CE  . LYS A 1 48 ? 13.293  22.137  -6.575  1.00 51.08 ? 361 LYS A CE  1 
ATOM   324  N NZ  . LYS A 1 48 ? 13.847  23.550  -6.582  1.00 50.67 ? 361 LYS A NZ  1 
ATOM   325  N N   . ASP A 1 49 ? 8.369   19.225  -2.713  1.00 37.87 ? 362 ASP A N   1 
ATOM   326  C CA  . ASP A 1 49 ? 6.983   18.659  -2.652  1.00 37.58 ? 362 ASP A CA  1 
ATOM   327  C C   . ASP A 1 49 ? 6.185   19.167  -1.438  1.00 38.10 ? 362 ASP A C   1 
ATOM   328  O O   . ASP A 1 49 ? 4.950   19.240  -1.477  1.00 38.41 ? 362 ASP A O   1 
ATOM   329  C CB  . ASP A 1 49 ? 7.065   17.163  -2.608  1.00 35.31 ? 362 ASP A CB  1 
ATOM   330  C CG  . ASP A 1 49 ? 5.732   16.515  -2.468  1.00 38.49 ? 362 ASP A CG  1 
ATOM   331  O OD1 . ASP A 1 49 ? 5.108   16.191  -3.485  1.00 35.52 ? 362 ASP A OD1 1 
ATOM   332  O OD2 . ASP A 1 49 ? 5.288   16.307  -1.332  1.00 44.10 ? 362 ASP A OD2 1 
ATOM   333  N N   . GLY A 1 50 ? 6.896   19.423  -0.327  1.00 38.80 ? 363 GLY A N   1 
ATOM   334  C CA  . GLY A 1 50 ? 6.327   19.971  0.901   1.00 37.92 ? 363 GLY A CA  1 
ATOM   335  C C   . GLY A 1 50 ? 5.560   19.060  1.833   1.00 38.92 ? 363 GLY A C   1 
ATOM   336  O O   . GLY A 1 50 ? 5.306   19.461  2.962   1.00 40.09 ? 363 GLY A O   1 
ATOM   337  N N   . LYS A 1 51 ? 5.164   17.865  1.393   1.00 38.33 ? 364 LYS A N   1 
ATOM   338  C CA  . LYS A 1 51 ? 4.384   16.971  2.248   1.00 38.74 ? 364 LYS A CA  1 
ATOM   339  C C   . LYS A 1 51 ? 5.173   16.299  3.368   1.00 39.05 ? 364 LYS A C   1 
ATOM   340  O O   . LYS A 1 51 ? 4.683   16.217  4.503   1.00 39.45 ? 364 LYS A O   1 
ATOM   341  C CB  . LYS A 1 51 ? 3.642   15.898  1.445   1.00 38.29 ? 364 LYS A CB  1 
ATOM   342  C CG  . LYS A 1 51 ? 2.543   16.433  0.578   1.00 37.95 ? 364 LYS A CG  1 
ATOM   343  C CD  . LYS A 1 51 ? 2.393   15.627  -0.685  1.00 37.49 ? 364 LYS A CD  1 
ATOM   344  C CE  . LYS A 1 51 ? 1.414   16.295  -1.640  1.00 41.62 ? 364 LYS A CE  1 
ATOM   345  N NZ  . LYS A 1 51 ? 2.019   16.483  -3.016  1.00 42.33 ? 364 LYS A NZ  1 
ATOM   346  N N   . LEU A 1 52 ? 6.375   15.806  3.062   1.00 39.82 ? 365 LEU A N   1 
ATOM   347  C CA  . LEU A 1 52 ? 7.086   14.991  4.029   1.00 38.70 ? 365 LEU A CA  1 
ATOM   348  C C   . LEU A 1 52 ? 7.529   15.871  5.147   1.00 39.08 ? 365 LEU A C   1 
ATOM   349  O O   . LEU A 1 52 ? 7.895   17.023  4.913   1.00 39.72 ? 365 LEU A O   1 
ATOM   350  C CB  . LEU A 1 52 ? 8.295   14.286  3.425   1.00 38.65 ? 365 LEU A CB  1 
ATOM   351  C CG  . LEU A 1 52 ? 8.902   13.157  4.280   1.00 34.87 ? 365 LEU A CG  1 
ATOM   352  C CD1 . LEU A 1 52 ? 8.061   11.880  4.314   1.00 27.42 ? 365 LEU A CD1 1 
ATOM   353  C CD2 . LEU A 1 52 ? 10.202  12.879  3.662   1.00 34.45 ? 365 LEU A CD2 1 
ATOM   354  N N   . GLN A 1 53 ? 7.519   15.322  6.359   1.00 38.35 ? 366 GLN A N   1 
ATOM   355  C CA  . GLN A 1 53 ? 7.887   16.092  7.507   1.00 38.46 ? 366 GLN A CA  1 
ATOM   356  C C   . GLN A 1 53 ? 8.753   15.295  8.459   1.00 38.09 ? 366 GLN A C   1 
ATOM   357  O O   . GLN A 1 53 ? 8.541   14.094  8.651   1.00 37.39 ? 366 GLN A O   1 
ATOM   358  C CB  . GLN A 1 53 ? 6.640   16.539  8.247   1.00 39.59 ? 366 GLN A CB  1 
ATOM   359  C CG  . GLN A 1 53 ? 5.947   17.686  7.643   1.00 40.92 ? 366 GLN A CG  1 
ATOM   360  C CD  . GLN A 1 53 ? 4.820   18.147  8.481   1.00 45.80 ? 366 GLN A CD  1 
ATOM   361  O OE1 . GLN A 1 53 ? 3.911   17.362  8.849   1.00 46.63 ? 366 GLN A OE1 1 
ATOM   362  N NE2 . GLN A 1 53 ? 4.822   19.441  8.779   1.00 47.93 ? 366 GLN A NE2 1 
ATOM   363  N N   . ILE A 1 54 ? 9.722   15.989  9.043   1.00 35.81 ? 367 ILE A N   1 
ATOM   364  C CA  . ILE A 1 54 ? 10.459  15.485  10.197  1.00 35.57 ? 367 ILE A CA  1 
ATOM   365  C C   . ILE A 1 54 ? 9.482   14.941  11.226  1.00 34.35 ? 367 ILE A C   1 
ATOM   366  O O   . ILE A 1 54 ? 8.484   15.634  11.577  1.00 33.68 ? 367 ILE A O   1 
ATOM   367  C CB  . ILE A 1 54 ? 11.198  16.610  10.894  1.00 34.32 ? 367 ILE A CB  1 
ATOM   368  C CG1 . ILE A 1 54 ? 12.420  17.015  10.079  1.00 35.51 ? 367 ILE A CG1 1 
ATOM   369  C CG2 . ILE A 1 54 ? 11.595  16.158  12.269  1.00 36.08 ? 367 ILE A CG2 1 
ATOM   370  C CD1 . ILE A 1 54 ? 13.088  18.266  10.632  1.00 36.68 ? 367 ILE A CD1 1 
ATOM   371  N N   . GLY A 1 55 ? 9.779   13.727  11.696  1.00 33.44 ? 368 GLY A N   1 
ATOM   372  C CA  . GLY A 1 55 ? 8.952   13.030  12.686  1.00 31.35 ? 368 GLY A CA  1 
ATOM   373  C C   . GLY A 1 55 ? 7.938   12.160  12.001  1.00 32.08 ? 368 GLY A C   1 
ATOM   374  O O   . GLY A 1 55 ? 7.160   11.416  12.654  1.00 28.59 ? 368 GLY A O   1 
ATOM   375  N N   . ASP A 1 56 ? 7.950   12.223  10.657  1.00 32.27 ? 369 ASP A N   1 
ATOM   376  C CA  . ASP A 1 56 ? 7.166   11.265  9.867   1.00 32.13 ? 369 ASP A CA  1 
ATOM   377  C C   . ASP A 1 56 ? 7.766   9.846   9.943   1.00 32.35 ? 369 ASP A C   1 
ATOM   378  O O   . ASP A 1 56 ? 8.969   9.648   9.900   1.00 31.28 ? 369 ASP A O   1 
ATOM   379  C CB  . ASP A 1 56 ? 6.993   11.729  8.394   1.00 32.17 ? 369 ASP A CB  1 
ATOM   380  C CG  . ASP A 1 56 ? 5.966   12.866  8.224   1.00 34.24 ? 369 ASP A CG  1 
ATOM   381  O OD1 . ASP A 1 56 ? 5.216   13.170  9.164   1.00 36.83 ? 369 ASP A OD1 1 
ATOM   382  O OD2 . ASP A 1 56 ? 5.889   13.449  7.117   1.00 37.93 ? 369 ASP A OD2 1 
ATOM   383  N N   . LYS A 1 57 ? 6.866   8.870   10.006  1.00 33.67 ? 370 LYS A N   1 
ATOM   384  C CA  . LYS A 1 57 ? 7.164   7.480   10.000  1.00 34.76 ? 370 LYS A CA  1 
ATOM   385  C C   . LYS A 1 57 ? 6.870   6.908   8.612   1.00 35.37 ? 370 LYS A C   1 
ATOM   386  O O   . LYS A 1 57 ? 5.773   7.072   8.072   1.00 35.47 ? 370 LYS A O   1 
ATOM   387  C CB  . LYS A 1 57 ? 6.247   6.785   11.037  1.00 35.73 ? 370 LYS A CB  1 
ATOM   388  C CG  . LYS A 1 57 ? 6.638   5.375   11.433  1.00 35.59 ? 370 LYS A CG  1 
ATOM   389  C CD  . LYS A 1 57 ? 5.389   4.506   11.476  1.00 40.51 ? 370 LYS A CD  1 
ATOM   390  C CE  . LYS A 1 57 ? 4.909   4.204   12.879  1.00 44.42 ? 370 LYS A CE  1 
ATOM   391  N NZ  . LYS A 1 57 ? 3.799   3.159   12.872  1.00 46.29 ? 370 LYS A NZ  1 
ATOM   392  N N   . LEU A 1 58 ? 7.849   6.191   8.067   1.00 36.27 ? 371 LEU A N   1 
ATOM   393  C CA  . LEU A 1 58 ? 7.732   5.523   6.778   1.00 36.63 ? 371 LEU A CA  1 
ATOM   394  C C   . LEU A 1 58 ? 7.171   4.138   6.900   1.00 37.67 ? 371 LEU A C   1 
ATOM   395  O O   . LEU A 1 58 ? 7.766   3.266   7.543   1.00 38.45 ? 371 LEU A O   1 
ATOM   396  C CB  . LEU A 1 58 ? 9.098   5.410   6.130   1.00 36.18 ? 371 LEU A CB  1 
ATOM   397  C CG  . LEU A 1 58 ? 9.839   6.735   5.956   1.00 36.31 ? 371 LEU A CG  1 
ATOM   398  C CD1 . LEU A 1 58 ? 11.073  6.388   5.126   1.00 34.66 ? 371 LEU A CD1 1 
ATOM   399  C CD2 . LEU A 1 58 ? 8.971   7.797   5.236   1.00 32.29 ? 371 LEU A CD2 1 
ATOM   400  N N   . LEU A 1 59 ? 6.036   3.952   6.253   1.00 38.71 ? 372 LEU A N   1 
ATOM   401  C CA  . LEU A 1 59 ? 5.332   2.684   6.198   1.00 40.75 ? 372 LEU A CA  1 
ATOM   402  C C   . LEU A 1 59 ? 5.774   1.812   5.028   1.00 41.78 ? 372 LEU A C   1 
ATOM   403  O O   . LEU A 1 59 ? 6.038   0.635   5.194   1.00 43.57 ? 372 LEU A O   1 
ATOM   404  C CB  . LEU A 1 59 ? 3.831   2.952   6.114   1.00 40.08 ? 372 LEU A CB  1 
ATOM   405  C CG  . LEU A 1 59 ? 3.249   3.787   7.251   1.00 40.42 ? 372 LEU A CG  1 
ATOM   406  C CD1 . LEU A 1 59 ? 1.774   3.959   7.068   1.00 42.14 ? 372 LEU A CD1 1 
ATOM   407  C CD2 . LEU A 1 59 ? 3.523   3.164   8.618   1.00 40.61 ? 372 LEU A CD2 1 
ATOM   408  N N   . ALA A 1 60 ? 5.862   2.407   3.845   1.00 43.45 ? 373 ALA A N   1 
ATOM   409  C CA  . ALA A 1 60 ? 6.203   1.713   2.600   1.00 43.49 ? 373 ALA A CA  1 
ATOM   410  C C   . ALA A 1 60 ? 6.965   2.678   1.713   1.00 43.92 ? 373 ALA A C   1 
ATOM   411  O O   . ALA A 1 60 ? 6.867   3.890   1.885   1.00 43.41 ? 373 ALA A O   1 
ATOM   412  C CB  . ALA A 1 60 ? 4.958   1.257   1.921   1.00 42.93 ? 373 ALA A CB  1 
ATOM   413  N N   . VAL A 1 61 ? 7.781   2.129   0.825   1.00 44.47 ? 374 VAL A N   1 
ATOM   414  C CA  . VAL A 1 61 ? 8.362   2.867   -0.270  1.00 45.57 ? 374 VAL A CA  1 
ATOM   415  C C   . VAL A 1 61 ? 8.210   1.973   -1.488  1.00 47.11 ? 374 VAL A C   1 
ATOM   416  O O   . VAL A 1 61 ? 8.678   0.839   -1.471  1.00 48.11 ? 374 VAL A O   1 
ATOM   417  C CB  . VAL A 1 61 ? 9.834   3.189   -0.070  1.00 44.51 ? 374 VAL A CB  1 
ATOM   418  C CG1 . VAL A 1 61 ? 10.594  1.984   0.189   1.00 44.76 ? 374 VAL A CG1 1 
ATOM   419  C CG2 . VAL A 1 61 ? 10.380  3.855   -1.286  1.00 45.07 ? 374 VAL A CG2 1 
ATOM   420  N N   . ASN A 1 62 ? 7.596   2.499   -2.550  1.00 47.82 ? 375 ASN A N   1 
ATOM   421  C CA  . ASN A 1 62 ? 7.105   1.678   -3.640  1.00 48.91 ? 375 ASN A CA  1 
ATOM   422  C C   . ASN A 1 62 ? 6.449   0.432   -3.041  1.00 50.24 ? 375 ASN A C   1 
ATOM   423  O O   . ASN A 1 62 ? 5.573   0.541   -2.175  1.00 50.77 ? 375 ASN A O   1 
ATOM   424  C CB  . ASN A 1 62 ? 8.228   1.386   -4.643  1.00 47.88 ? 375 ASN A CB  1 
ATOM   425  C CG  . ASN A 1 62 ? 8.892   2.675   -5.150  1.00 47.70 ? 375 ASN A CG  1 
ATOM   426  O OD1 . ASN A 1 62 ? 8.251   3.729   -5.211  1.00 46.64 ? 375 ASN A OD1 1 
ATOM   427  N ND2 . ASN A 1 62 ? 10.174  2.598   -5.500  1.00 45.63 ? 375 ASN A ND2 1 
ATOM   428  N N   . SER A 1 63 ? 6.915   -0.739  -3.457  1.00 51.77 ? 376 SER A N   1 
ATOM   429  C CA  . SER A 1 63 ? 6.317   -2.005  -3.037  1.00 52.51 ? 376 SER A CA  1 
ATOM   430  C C   . SER A 1 63 ? 6.850   -2.487  -1.664  1.00 52.41 ? 376 SER A C   1 
ATOM   431  O O   . SER A 1 63 ? 6.214   -3.326  -0.989  1.00 52.51 ? 376 SER A O   1 
ATOM   432  C CB  . SER A 1 63 ? 6.552   -3.040  -4.139  1.00 52.51 ? 376 SER A CB  1 
ATOM   433  O OG  . SER A 1 63 ? 7.749   -2.710  -4.855  1.00 54.76 ? 376 SER A OG  1 
ATOM   434  N N   . VAL A 1 64 ? 7.991   -1.931  -1.244  1.00 50.91 ? 377 VAL A N   1 
ATOM   435  C CA  . VAL A 1 64 ? 8.706   -2.386  -0.065  1.00 49.91 ? 377 VAL A CA  1 
ATOM   436  C C   . VAL A 1 64 ? 8.182   -1.789  1.253   1.00 49.41 ? 377 VAL A C   1 
ATOM   437  O O   . VAL A 1 64 ? 8.546   -0.658  1.592   1.00 49.54 ? 377 VAL A O   1 
ATOM   438  C CB  . VAL A 1 64 ? 10.203  -2.012  -0.187  1.00 50.46 ? 377 VAL A CB  1 
ATOM   439  C CG1 . VAL A 1 64 ? 11.064  -2.853  0.763   1.00 50.32 ? 377 VAL A CG1 1 
ATOM   440  C CG2 . VAL A 1 64 ? 10.680  -2.166  -1.616  1.00 50.90 ? 377 VAL A CG2 1 
ATOM   441  N N   . GLY A 1 65 ? 7.363   -2.541  1.998   1.00 48.32 ? 378 GLY A N   1 
ATOM   442  C CA  . GLY A 1 65 ? 6.997   -2.207  3.399   1.00 47.13 ? 378 GLY A CA  1 
ATOM   443  C C   . GLY A 1 65 ? 8.189   -1.982  4.337   1.00 45.79 ? 378 GLY A C   1 
ATOM   444  O O   . GLY A 1 65 ? 9.192   -2.686  4.230   1.00 45.78 ? 378 GLY A O   1 
ATOM   445  N N   . LEU A 1 66 ? 8.095   -0.985  5.224   1.00 45.29 ? 379 LEU A N   1 
ATOM   446  C CA  . LEU A 1 66 ? 9.253   -0.517  6.024   1.00 45.19 ? 379 LEU A CA  1 
ATOM   447  C C   . LEU A 1 66 ? 8.989   -0.630  7.526   1.00 45.78 ? 379 LEU A C   1 
ATOM   448  O O   . LEU A 1 66 ? 9.713   -0.061  8.366   1.00 45.71 ? 379 LEU A O   1 
ATOM   449  C CB  . LEU A 1 66 ? 9.660   0.912   5.647   1.00 44.39 ? 379 LEU A CB  1 
ATOM   450  C CG  . LEU A 1 66 ? 10.269  1.121   4.254   1.00 43.46 ? 379 LEU A CG  1 
ATOM   451  C CD1 . LEU A 1 66 ? 10.377  2.549   3.981   1.00 40.15 ? 379 LEU A CD1 1 
ATOM   452  C CD2 . LEU A 1 66 ? 11.666  0.500   4.066   1.00 44.71 ? 379 LEU A CD2 1 
ATOM   453  N N   . GLU A 1 67 ? 7.954   -1.398  7.835   1.00 46.64 ? 380 GLU A N   1 
ATOM   454  C CA  . GLU A 1 67 ? 7.440   -1.588  9.185   1.00 48.12 ? 380 GLU A CA  1 
ATOM   455  C C   . GLU A 1 67 ? 8.018   -2.815  9.849   1.00 48.01 ? 380 GLU A C   1 
ATOM   456  O O   . GLU A 1 67 ? 7.594   -3.939  9.521   1.00 48.12 ? 380 GLU A O   1 
ATOM   457  C CB  . GLU A 1 67 ? 5.934   -1.776  9.119   1.00 48.34 ? 380 GLU A CB  1 
ATOM   458  C CG  . GLU A 1 67 ? 5.189   -0.496  8.890   1.00 51.78 ? 380 GLU A CG  1 
ATOM   459  C CD  . GLU A 1 67 ? 3.781   -0.600  9.368   1.00 58.17 ? 380 GLU A CD  1 
ATOM   460  O OE1 . GLU A 1 67 ? 3.001   -1.320  8.709   1.00 59.57 ? 380 GLU A OE1 1 
ATOM   461  O OE2 . GLU A 1 67 ? 3.458   0.032   10.408  1.00 62.10 ? 380 GLU A OE2 1 
ATOM   462  N N   . GLU A 1 68 ? 8.949   -2.598  10.788  1.00 46.97 ? 381 GLU A N   1 
ATOM   463  C CA  . GLU A 1 68 ? 9.631   -3.689  11.496  1.00 46.05 ? 381 GLU A CA  1 
ATOM   464  C C   . GLU A 1 68 ? 10.752  -4.227  10.657  1.00 44.63 ? 381 GLU A C   1 
ATOM   465  O O   . GLU A 1 68 ? 10.725  -5.400  10.273  1.00 44.63 ? 381 GLU A O   1 
ATOM   466  C CB  . GLU A 1 68 ? 8.681   -4.868  11.859  1.00 47.63 ? 381 GLU A CB  1 
ATOM   467  C CG  . GLU A 1 68 ? 7.580   -4.558  12.898  1.00 48.61 ? 381 GLU A CG  1 
ATOM   468  C CD  . GLU A 1 68 ? 8.107   -3.900  14.156  1.00 50.46 ? 381 GLU A CD  1 
ATOM   469  O OE1 . GLU A 1 68 ? 9.077   -4.446  14.741  1.00 54.43 ? 381 GLU A OE1 1 
ATOM   470  O OE2 . GLU A 1 68 ? 7.549   -2.836  14.546  1.00 48.29 ? 381 GLU A OE2 1 
ATOM   471  N N   . VAL A 1 69 ? 11.755  -3.388  10.397  1.00 41.43 ? 382 VAL A N   1 
ATOM   472  C CA  . VAL A 1 69 ? 12.831  -3.774  9.550   1.00 39.17 ? 382 VAL A CA  1 
ATOM   473  C C   . VAL A 1 69 ? 14.090  -3.090  10.081  1.00 38.93 ? 382 VAL A C   1 
ATOM   474  O O   . VAL A 1 69 ? 14.009  -2.148  10.889  1.00 37.51 ? 382 VAL A O   1 
ATOM   475  C CB  . VAL A 1 69 ? 12.578  -3.409  7.991   1.00 40.38 ? 382 VAL A CB  1 
ATOM   476  C CG1 . VAL A 1 69 ? 11.332  -4.096  7.395   1.00 38.04 ? 382 VAL A CG1 1 
ATOM   477  C CG2 . VAL A 1 69 ? 12.516  -1.918  7.753   1.00 38.95 ? 382 VAL A CG2 1 
ATOM   478  N N   . THR A 1 70 ? 15.233  -3.592  9.635   1.00 37.36 ? 383 THR A N   1 
ATOM   479  C CA  . THR A 1 70 ? 16.537  -3.081  10.001  1.00 37.03 ? 383 THR A CA  1 
ATOM   480  C C   . THR A 1 70 ? 16.798  -1.738  9.341   1.00 36.88 ? 383 THR A C   1 
ATOM   481  O O   . THR A 1 70 ? 16.371  -1.505  8.212   1.00 36.69 ? 383 THR A O   1 
ATOM   482  C CB  . THR A 1 70 ? 17.618  -4.095  9.537   1.00 37.54 ? 383 THR A CB  1 
ATOM   483  O OG1 . THR A 1 70 ? 17.375  -5.360  10.178  1.00 40.09 ? 383 THR A OG1 1 
ATOM   484  C CG2 . THR A 1 70 ? 19.077  -3.637  9.930   1.00 35.34 ? 383 THR A CG2 1 
ATOM   485  N N   . HIS A 1 71 ? 17.545  -0.856  9.995   1.00 36.39 ? 384 HIS A N   1 
ATOM   486  C CA  . HIS A 1 71 ? 17.915  0.371   9.314   1.00 37.07 ? 384 HIS A CA  1 
ATOM   487  C C   . HIS A 1 71 ? 18.438  0.090   7.905   1.00 38.18 ? 384 HIS A C   1 
ATOM   488  O O   . HIS A 1 71 ? 18.066  0.733   6.904   1.00 39.23 ? 384 HIS A O   1 
ATOM   489  C CB  . HIS A 1 71 ? 18.955  1.107   10.106  1.00 35.90 ? 384 HIS A CB  1 
ATOM   490  C CG  . HIS A 1 71 ? 19.206  2.511   9.646   1.00 35.07 ? 384 HIS A CG  1 
ATOM   491  N ND1 . HIS A 1 71 ? 18.246  3.499   9.703   1.00 33.23 ? 384 HIS A ND1 1 
ATOM   492  C CD2 . HIS A 1 71 ? 20.352  3.127   9.266   1.00 32.64 ? 384 HIS A CD2 1 
ATOM   493  C CE1 . HIS A 1 71 ? 18.775  4.650   9.331   1.00 32.03 ? 384 HIS A CE1 1 
ATOM   494  N NE2 . HIS A 1 71 ? 20.053  4.451   9.062   1.00 32.58 ? 384 HIS A NE2 1 
ATOM   495  N N   . GLU A 1 72 ? 19.299  -0.904  7.827   1.00 40.10 ? 385 GLU A N   1 
ATOM   496  C CA  . GLU A 1 72 ? 20.032  -1.187  6.631   1.00 41.06 ? 385 GLU A CA  1 
ATOM   497  C C   . GLU A 1 72 ? 19.130  -1.720  5.532   1.00 41.51 ? 385 GLU A C   1 
ATOM   498  O O   . GLU A 1 72 ? 19.400  -1.445  4.374   1.00 42.12 ? 385 GLU A O   1 
ATOM   499  C CB  . GLU A 1 72 ? 21.189  -2.129  6.958   1.00 41.88 ? 385 GLU A CB  1 
ATOM   500  C CG  . GLU A 1 72 ? 22.330  -1.408  7.748   1.00 44.33 ? 385 GLU A CG  1 
ATOM   501  C CD  . GLU A 1 72 ? 22.077  -1.296  9.295   1.00 48.02 ? 385 GLU A CD  1 
ATOM   502  O OE1 . GLU A 1 72 ? 21.202  -2.052  9.803   1.00 44.10 ? 385 GLU A OE1 1 
ATOM   503  O OE2 . GLU A 1 72 ? 22.773  -0.471  9.988   1.00 45.52 ? 385 GLU A OE2 1 
ATOM   504  N N   . GLU A 1 73 ? 18.066  -2.450  5.892   1.00 40.92 ? 386 GLU A N   1 
ATOM   505  C CA  . GLU A 1 73 ? 17.031  -2.848  4.962   1.00 41.22 ? 386 GLU A CA  1 
ATOM   506  C C   . GLU A 1 73 ? 16.289  -1.614  4.428   1.00 42.93 ? 386 GLU A C   1 
ATOM   507  O O   . GLU A 1 73 ? 15.967  -1.563  3.211   1.00 44.03 ? 386 GLU A O   1 
ATOM   508  C CB  . GLU A 1 73 ? 16.013  -3.779  5.631   1.00 39.97 ? 386 GLU A CB  1 
ATOM   509  C CG  . GLU A 1 73 ? 16.633  -5.120  6.017   1.00 41.21 ? 386 GLU A CG  1 
ATOM   510  C CD  . GLU A 1 73 ? 15.653  -6.203  6.485   1.00 42.06 ? 386 GLU A CD  1 
ATOM   511  O OE1 . GLU A 1 73 ? 14.447  -5.955  6.712   1.00 43.68 ? 386 GLU A OE1 1 
ATOM   512  O OE2 . GLU A 1 73 ? 16.122  -7.342  6.649   1.00 44.71 ? 386 GLU A OE2 1 
ATOM   513  N N   . ALA A 1 74 ? 15.996  -0.636  5.315   1.00 42.14 ? 387 ALA A N   1 
ATOM   514  C CA  . ALA A 1 74 ? 15.288  0.568   4.899   1.00 41.15 ? 387 ALA A CA  1 
ATOM   515  C C   . ALA A 1 74 ? 16.133  1.351   3.963   1.00 41.02 ? 387 ALA A C   1 
ATOM   516  O O   . ALA A 1 74 ? 15.642  1.737   2.941   1.00 41.40 ? 387 ALA A O   1 
ATOM   517  C CB  . ALA A 1 74 ? 14.850  1.447   6.079   1.00 40.83 ? 387 ALA A CB  1 
ATOM   518  N N   . VAL A 1 75 ? 17.384  1.624   4.331   1.00 41.97 ? 388 VAL A N   1 
ATOM   519  C CA  . VAL A 1 75 ? 18.312  2.336   3.479   1.00 43.11 ? 388 VAL A CA  1 
ATOM   520  C C   . VAL A 1 75 ? 18.474  1.659   2.099   1.00 45.53 ? 388 VAL A C   1 
ATOM   521  O O   . VAL A 1 75 ? 18.431  2.305   1.041   1.00 46.26 ? 388 VAL A O   1 
ATOM   522  C CB  . VAL A 1 75 ? 19.661  2.415   4.147   1.00 43.59 ? 388 VAL A CB  1 
ATOM   523  C CG1 . VAL A 1 75 ? 20.688  3.004   3.226   1.00 43.95 ? 388 VAL A CG1 1 
ATOM   524  C CG2 . VAL A 1 75 ? 19.576  3.247   5.422   1.00 41.78 ? 388 VAL A CG2 1 
ATOM   525  N N   . THR A 1 76 ? 18.638  0.346   2.103   1.00 46.33 ? 389 THR A N   1 
ATOM   526  C CA  . THR A 1 76 ? 18.739  -0.387  0.861   1.00 46.61 ? 389 THR A CA  1 
ATOM   527  C C   . THR A 1 76 ? 17.504  -0.128  0.009   1.00 46.29 ? 389 THR A C   1 
ATOM   528  O O   . THR A 1 76 ? 17.651  0.326   -1.116  1.00 46.28 ? 389 THR A O   1 
ATOM   529  C CB  . THR A 1 76 ? 19.021  -1.889  1.127   1.00 46.88 ? 389 THR A CB  1 
ATOM   530  O OG1 . THR A 1 76 ? 20.431  -2.065  1.371   1.00 49.02 ? 389 THR A OG1 1 
ATOM   531  C CG2 . THR A 1 76 ? 18.541  -2.791  -0.004  1.00 47.29 ? 389 THR A CG2 1 
ATOM   532  N N   . ALA A 1 77 ? 16.300  -0.372  0.535   1.00 45.93 ? 390 ALA A N   1 
ATOM   533  C CA  . ALA A 1 77 ? 15.070  -0.152  -0.238  1.00 45.35 ? 390 ALA A CA  1 
ATOM   534  C C   . ALA A 1 77 ? 14.920  1.288   -0.689  1.00 45.25 ? 390 ALA A C   1 
ATOM   535  O O   . ALA A 1 77 ? 14.516  1.558   -1.807  1.00 45.26 ? 390 ALA A O   1 
ATOM   536  C CB  . ALA A 1 77 ? 13.843  -0.593  0.518   1.00 45.07 ? 390 ALA A CB  1 
ATOM   537  N N   . LEU A 1 78 ? 15.283  2.228   0.157   1.00 45.92 ? 391 LEU A N   1 
ATOM   538  C CA  . LEU A 1 78 ? 15.135  3.621   -0.234  1.00 46.26 ? 391 LEU A CA  1 
ATOM   539  C C   . LEU A 1 78 ? 16.056  4.027   -1.370  1.00 47.46 ? 391 LEU A C   1 
ATOM   540  O O   . LEU A 1 78 ? 15.791  5.025   -2.062  1.00 48.16 ? 391 LEU A O   1 
ATOM   541  C CB  . LEU A 1 78 ? 15.304  4.535   0.966   1.00 45.36 ? 391 LEU A CB  1 
ATOM   542  C CG  . LEU A 1 78 ? 13.941  4.826   1.565   1.00 44.34 ? 391 LEU A CG  1 
ATOM   543  C CD1 . LEU A 1 78 ? 14.003  5.084   3.080   1.00 42.30 ? 391 LEU A CD1 1 
ATOM   544  C CD2 . LEU A 1 78 ? 13.293  5.993   0.797   1.00 42.61 ? 391 LEU A CD2 1 
ATOM   545  N N   . LYS A 1 79 ? 17.119  3.244   -1.560  1.00 47.63 ? 392 LYS A N   1 
ATOM   546  C CA  . LYS A 1 79 ? 18.221  3.549   -2.504  1.00 47.88 ? 392 LYS A CA  1 
ATOM   547  C C   . LYS A 1 79 ? 18.088  2.706   -3.749  1.00 47.75 ? 392 LYS A C   1 
ATOM   548  O O   . LYS A 1 79 ? 18.648  3.005   -4.783  1.00 47.72 ? 392 LYS A O   1 
ATOM   549  C CB  . LYS A 1 79 ? 19.561  3.253   -1.865  1.00 47.19 ? 392 LYS A CB  1 
ATOM   550  C CG  . LYS A 1 79 ? 19.856  4.182   -0.736  1.00 49.61 ? 392 LYS A CG  1 
ATOM   551  C CD  . LYS A 1 79 ? 21.331  4.317   -0.483  1.00 52.32 ? 392 LYS A CD  1 
ATOM   552  C CE  . LYS A 1 79 ? 21.580  5.491   0.481   1.00 53.58 ? 392 LYS A CE  1 
ATOM   553  N NZ  . LYS A 1 79 ? 22.793  5.254   1.327   1.00 54.20 ? 392 LYS A NZ  1 
ATOM   554  N N   . ASN A 1 80 ? 17.348  1.620   -3.642  1.00 47.76 ? 393 ASN A N   1 
ATOM   555  C CA  . ASN A 1 80 ? 17.020  0.866   -4.799  1.00 48.06 ? 393 ASN A CA  1 
ATOM   556  C C   . ASN A 1 80 ? 15.946  1.557   -5.600  1.00 49.14 ? 393 ASN A C   1 
ATOM   557  O O   . ASN A 1 80 ? 15.243  0.919   -6.381  1.00 50.59 ? 393 ASN A O   1 
ATOM   558  C CB  . ASN A 1 80 ? 16.577  -0.529  -4.399  1.00 47.60 ? 393 ASN A CB  1 
ATOM   559  C CG  . ASN A 1 80 ? 17.754  -1.472  -4.180  1.00 45.37 ? 393 ASN A CG  1 
ATOM   560  O OD1 . ASN A 1 80 ? 18.928  -1.058  -4.252  1.00 41.10 ? 393 ASN A OD1 1 
ATOM   561  N ND2 . ASN A 1 80 ? 17.445  -2.735  -3.898  1.00 40.72 ? 393 ASN A ND2 1 
ATOM   562  N N   . THR A 1 81 ? 15.774  2.857   -5.400  1.00 50.00 ? 394 THR A N   1 
ATOM   563  C CA  . THR A 1 81 ? 14.679  3.525   -6.115  1.00 50.65 ? 394 THR A CA  1 
ATOM   564  C C   . THR A 1 81 ? 15.113  4.221   -7.378  1.00 51.38 ? 394 THR A C   1 
ATOM   565  O O   . THR A 1 81 ? 16.237  4.781   -7.467  1.00 51.49 ? 394 THR A O   1 
ATOM   566  C CB  . THR A 1 81 ? 13.812  4.493   -5.266  1.00 49.88 ? 394 THR A CB  1 
ATOM   567  O OG1 . THR A 1 81 ? 14.642  5.335   -4.480  1.00 50.08 ? 394 THR A OG1 1 
ATOM   568  C CG2 . THR A 1 81 ? 12.827  3.743   -4.399  1.00 48.80 ? 394 THR A CG2 1 
ATOM   569  N N   . SER A 1 82 ? 14.169  4.199   -8.321  1.00 52.46 ? 395 SER A N   1 
ATOM   570  C CA  . SER A 1 82 ? 14.337  4.687   -9.684  1.00 53.16 ? 395 SER A CA  1 
ATOM   571  C C   . SER A 1 82 ? 14.498  6.202   -9.758  1.00 53.07 ? 395 SER A C   1 
ATOM   572  O O   . SER A 1 82 ? 15.605  6.737   -9.564  1.00 54.34 ? 395 SER A O   1 
ATOM   573  C CB  . SER A 1 82 ? 13.166  4.195   -10.577 1.00 53.66 ? 395 SER A CB  1 
ATOM   574  O OG  . SER A 1 82 ? 11.884  4.394   -9.975  1.00 52.73 ? 395 SER A OG  1 
ATOM   575  N N   . ASP A 1 83 ? 13.398  6.868   -10.069 1.00 52.38 ? 396 ASP A N   1 
ATOM   576  C CA  . ASP A 1 83 ? 13.322  8.301   -10.254 1.00 51.91 ? 396 ASP A CA  1 
ATOM   577  C C   . ASP A 1 83 ? 12.007  8.645   -9.655  1.00 50.77 ? 396 ASP A C   1 
ATOM   578  O O   . ASP A 1 83 ? 11.860  9.664   -9.010  1.00 49.96 ? 396 ASP A O   1 
ATOM   579  C CB  . ASP A 1 83 ? 13.216  8.642   -11.728 1.00 52.58 ? 396 ASP A CB  1 
ATOM   580  C CG  . ASP A 1 83 ? 14.544  8.651   -12.427 1.00 55.94 ? 396 ASP A CG  1 
ATOM   581  O OD1 . ASP A 1 83 ? 15.410  9.461   -12.004 1.00 56.42 ? 396 ASP A OD1 1 
ATOM   582  O OD2 . ASP A 1 83 ? 14.697  7.877   -13.424 1.00 57.20 ? 396 ASP A OD2 1 
ATOM   583  N N   . PHE A 1 84 ? 11.047  7.762   -9.911  1.00 50.17 ? 397 PHE A N   1 
ATOM   584  C CA  . PHE A 1 84 ? 9.701   7.867   -9.432  1.00 51.01 ? 397 PHE A CA  1 
ATOM   585  C C   . PHE A 1 84 ? 9.612   7.149   -8.104  1.00 50.70 ? 397 PHE A C   1 
ATOM   586  O O   . PHE A 1 84 ? 9.777   5.927   -8.053  1.00 51.04 ? 397 PHE A O   1 
ATOM   587  C CB  . PHE A 1 84 ? 8.726   7.196   -10.421 1.00 51.50 ? 397 PHE A CB  1 
ATOM   588  C CG  . PHE A 1 84 ? 8.586   7.930   -11.754 1.00 54.19 ? 397 PHE A CG  1 
ATOM   589  C CD1 . PHE A 1 84 ? 9.014   7.333   -12.944 1.00 55.10 ? 397 PHE A CD1 1 
ATOM   590  C CD2 . PHE A 1 84 ? 8.036   9.214   -11.815 1.00 54.55 ? 397 PHE A CD2 1 
ATOM   591  C CE1 . PHE A 1 84 ? 8.877   7.998   -14.170 1.00 55.99 ? 397 PHE A CE1 1 
ATOM   592  C CE2 . PHE A 1 84 ? 7.901   9.889   -13.034 1.00 54.76 ? 397 PHE A CE2 1 
ATOM   593  C CZ  . PHE A 1 84 ? 8.319   9.279   -14.212 1.00 54.29 ? 397 PHE A CZ  1 
ATOM   594  N N   . VAL A 1 85 ? 9.312   7.891   -7.039  1.00 49.94 ? 398 VAL A N   1 
ATOM   595  C CA  . VAL A 1 85 ? 9.211   7.303   -5.686  1.00 49.19 ? 398 VAL A CA  1 
ATOM   596  C C   . VAL A 1 85 ? 7.854   7.506   -5.024  1.00 48.26 ? 398 VAL A C   1 
ATOM   597  O O   . VAL A 1 85 ? 7.399   8.628   -4.815  1.00 47.36 ? 398 VAL A O   1 
ATOM   598  C CB  . VAL A 1 85 ? 10.302  7.844   -4.718  1.00 49.04 ? 398 VAL A CB  1 
ATOM   599  C CG1 . VAL A 1 85 ? 10.309  7.010   -3.437  1.00 51.03 ? 398 VAL A CG1 1 
ATOM   600  C CG2 . VAL A 1 85 ? 11.675  7.834   -5.373  1.00 48.44 ? 398 VAL A CG2 1 
ATOM   601  N N   . TYR A 1 86 ? 7.223   6.402   -4.677  1.00 47.85 ? 399 TYR A N   1 
ATOM   602  C CA  . TYR A 1 86 ? 6.030   6.442   -3.882  1.00 48.42 ? 399 TYR A CA  1 
ATOM   603  C C   . TYR A 1 86 ? 6.424   6.165   -2.431  1.00 47.84 ? 399 TYR A C   1 
ATOM   604  O O   . TYR A 1 86 ? 7.079   5.165   -2.165  1.00 48.04 ? 399 TYR A O   1 
ATOM   605  C CB  . TYR A 1 86 ? 5.107   5.365   -4.398  1.00 50.08 ? 399 TYR A CB  1 
ATOM   606  C CG  . TYR A 1 86 ? 3.891   5.128   -3.584  1.00 52.65 ? 399 TYR A CG  1 
ATOM   607  C CD1 . TYR A 1 86 ? 2.839   6.031   -3.602  1.00 54.78 ? 399 TYR A CD1 1 
ATOM   608  C CD2 . TYR A 1 86 ? 3.761   3.960   -2.825  1.00 55.34 ? 399 TYR A CD2 1 
ATOM   609  C CE1 . TYR A 1 86 ? 1.683   5.793   -2.853  1.00 55.64 ? 399 TYR A CE1 1 
ATOM   610  C CE2 . TYR A 1 86 ? 2.609   3.695   -2.091  1.00 54.74 ? 399 TYR A CE2 1 
ATOM   611  C CZ  . TYR A 1 86 ? 1.576   4.618   -2.101  1.00 55.78 ? 399 TYR A CZ  1 
ATOM   612  O OH  . TYR A 1 86 ? 0.431   4.373   -1.354  1.00 56.36 ? 399 TYR A OH  1 
ATOM   613  N N   . LEU A 1 87 ? 6.103   7.084   -1.516  1.00 46.84 ? 400 LEU A N   1 
ATOM   614  C CA  . LEU A 1 87 ? 6.251   6.865   -0.068  1.00 45.44 ? 400 LEU A CA  1 
ATOM   615  C C   . LEU A 1 87 ? 4.894   6.854   0.613   1.00 45.34 ? 400 LEU A C   1 
ATOM   616  O O   . LEU A 1 87 ? 4.088   7.752   0.395   1.00 45.02 ? 400 LEU A O   1 
ATOM   617  C CB  . LEU A 1 87 ? 7.069   7.960   0.575   1.00 45.07 ? 400 LEU A CB  1 
ATOM   618  C CG  . LEU A 1 87 ? 8.440   8.333   0.055   1.00 44.24 ? 400 LEU A CG  1 
ATOM   619  C CD1 . LEU A 1 87 ? 8.799   9.628   0.717   1.00 45.13 ? 400 LEU A CD1 1 
ATOM   620  C CD2 . LEU A 1 87 ? 9.494   7.274   0.342   1.00 43.45 ? 400 LEU A CD2 1 
ATOM   621  N N   . LYS A 1 88 ? 4.630   5.819   1.403   1.00 45.32 ? 401 LYS A N   1 
ATOM   622  C CA  . LYS A 1 88 ? 3.458   5.777   2.288   1.00 45.85 ? 401 LYS A CA  1 
ATOM   623  C C   . LYS A 1 88 ? 3.953   6.150   3.694   1.00 46.07 ? 401 LYS A C   1 
ATOM   624  O O   . LYS A 1 88 ? 4.878   5.536   4.197   1.00 45.43 ? 401 LYS A O   1 
ATOM   625  C CB  . LYS A 1 88 ? 2.824   4.379   2.269   1.00 45.83 ? 401 LYS A CB  1 
ATOM   626  C CG  . LYS A 1 88 ? 1.354   4.319   2.685   1.00 46.08 ? 401 LYS A CG  1 
ATOM   627  N N   . VAL A 1 89 ? 3.383   7.199   4.286   1.00 47.05 ? 402 VAL A N   1 
ATOM   628  C CA  . VAL A 1 89 ? 3.818   7.684   5.583   1.00 48.15 ? 402 VAL A CA  1 
ATOM   629  C C   . VAL A 1 89 ? 2.661   7.782   6.561   1.00 49.19 ? 402 VAL A C   1 
ATOM   630  O O   . VAL A 1 89 ? 1.489   7.804   6.147   1.00 48.82 ? 402 VAL A O   1 
ATOM   631  C CB  . VAL A 1 89 ? 4.559   9.063   5.549   1.00 48.10 ? 402 VAL A CB  1 
ATOM   632  C CG1 . VAL A 1 89 ? 5.612   9.118   4.469   1.00 48.00 ? 402 VAL A CG1 1 
ATOM   633  C CG2 . VAL A 1 89 ? 3.577   10.194  5.403   1.00 49.36 ? 402 VAL A CG2 1 
ATOM   634  N N   . ALA A 1 90 ? 3.017   7.811   7.857   1.00 49.80 ? 403 ALA A N   1 
ATOM   635  C CA  . ALA A 1 90 ? 2.080   8.057   8.957   1.00 50.62 ? 403 ALA A CA  1 
ATOM   636  C C   . ALA A 1 90 ? 2.512   9.343   9.655   1.00 51.11 ? 403 ALA A C   1 
ATOM   637  O O   . ALA A 1 90 ? 3.690   9.618   9.826   1.00 51.32 ? 403 ALA A O   1 
ATOM   638  C CB  . ALA A 1 90 ? 2.049   6.885   9.944   1.00 50.16 ? 403 ALA A CB  1 
ATOM   639  N N   . LYS A 1 91 ? 1.551   10.154  10.040  1.00 52.77 ? 404 LYS A N   1 
ATOM   640  C CA  . LYS A 1 91 ? 1.869   11.402  10.704  1.00 53.66 ? 404 LYS A CA  1 
ATOM   641  C C   . LYS A 1 91 ? 1.768   11.215  12.232  1.00 55.11 ? 404 LYS A C   1 
ATOM   642  O O   . LYS A 1 91 ? 0.952   10.408  12.696  1.00 54.66 ? 404 LYS A O   1 
ATOM   643  C CB  . LYS A 1 91 ? 0.912   12.459  10.177  1.00 53.82 ? 404 LYS A CB  1 
ATOM   644  C CG  . LYS A 1 91 ? 1.101   12.775  8.678   1.00 52.53 ? 404 LYS A CG  1 
ATOM   645  C CD  . LYS A 1 91 ? 2.029   13.970  8.543   1.00 50.75 ? 404 LYS A CD  1 
ATOM   646  C CE  . LYS A 1 91 ? 2.550   14.147  7.163   1.00 48.36 ? 404 LYS A CE  1 
ATOM   647  N NZ  . LYS A 1 91 ? 3.632   15.157  7.360   1.00 53.68 ? 404 LYS A NZ  1 
ATOM   648  N N   . PRO A 1 92 ? 2.606   11.925  13.013  1.00 56.58 ? 405 PRO A N   1 
ATOM   649  C CA  . PRO A 1 92 ? 2.638   11.783  14.487  1.00 58.72 ? 405 PRO A CA  1 
ATOM   650  C C   . PRO A 1 92 ? 1.324   11.981  15.269  1.00 60.14 ? 405 PRO A C   1 
ATOM   651  O O   . PRO A 1 92 ? 0.470   12.736  14.831  1.00 61.14 ? 405 PRO A O   1 
ATOM   652  C CB  . PRO A 1 92 ? 3.645   12.859  14.923  1.00 58.90 ? 405 PRO A CB  1 
ATOM   653  C CG  . PRO A 1 92 ? 3.880   13.722  13.732  1.00 57.61 ? 405 PRO A CG  1 
ATOM   654  C CD  . PRO A 1 92 ? 3.631   12.875  12.545  1.00 56.98 ? 405 PRO A CD  1 
ATOM   655  N N   . THR A 1 93 ? 1.187   11.311  16.422  1.00 61.81 ? 406 THR A N   1 
ATOM   656  C CA  . THR A 1 93 ? 0.127   11.596  17.444  1.00 62.51 ? 406 THR A CA  1 
ATOM   657  C C   . THR A 1 93 ? -1.295  11.700  16.899  1.00 62.78 ? 406 THR A C   1 
ATOM   658  O O   . THR A 1 93 ? -1.842  10.726  16.388  1.00 63.66 ? 406 THR A O   1 
ATOM   659  C CB  . THR A 1 93 ? 0.414   12.896  18.252  1.00 62.38 ? 406 THR A CB  1 
ATOM   660  C CG2 . THR A 1 93 ? 1.501   12.671  19.304  1.00 62.40 ? 406 THR A CG2 1 
ATOM   661  N N   . GLU B 1 2  ? 0.490   -6.226  -12.599 1.00 80.24 ? 315 GLU B N   1 
ATOM   662  C CA  . GLU B 1 2  ? 1.989   -6.241  -12.622 1.00 80.53 ? 315 GLU B CA  1 
ATOM   663  C C   . GLU B 1 2  ? 2.571   -6.511  -11.225 1.00 80.49 ? 315 GLU B C   1 
ATOM   664  O O   . GLU B 1 2  ? 3.669   -7.076  -11.102 1.00 80.71 ? 315 GLU B O   1 
ATOM   665  C CB  . GLU B 1 2  ? 2.549   -4.929  -13.202 1.00 80.37 ? 315 GLU B CB  1 
ATOM   666  N N   . LYS B 1 3  ? 1.831   -6.105  -10.187 1.00 80.09 ? 316 LYS B N   1 
ATOM   667  C CA  . LYS B 1 3  ? 2.218   -6.330  -8.786  1.00 79.40 ? 316 LYS B CA  1 
ATOM   668  C C   . LYS B 1 3  ? 1.161   -7.144  -8.032  1.00 78.76 ? 316 LYS B C   1 
ATOM   669  O O   . LYS B 1 3  ? 0.085   -6.639  -7.721  1.00 78.67 ? 316 LYS B O   1 
ATOM   670  C CB  . LYS B 1 3  ? 2.496   -4.997  -8.067  1.00 79.68 ? 316 LYS B CB  1 
ATOM   671  N N   . ILE B 1 4  ? 1.489   -8.409  -7.773  1.00 77.94 ? 317 ILE B N   1 
ATOM   672  C CA  . ILE B 1 4  ? 0.681   -9.336  -6.979  1.00 77.47 ? 317 ILE B CA  1 
ATOM   673  C C   . ILE B 1 4  ? 0.824   -9.041  -5.469  1.00 76.71 ? 317 ILE B C   1 
ATOM   674  O O   . ILE B 1 4  ? 1.944   -8.845  -4.969  1.00 76.75 ? 317 ILE B O   1 
ATOM   675  C CB  . ILE B 1 4  ? 1.130   -10.813 -7.230  1.00 77.81 ? 317 ILE B CB  1 
ATOM   676  C CG1 . ILE B 1 4  ? 1.685   -10.994 -8.655  1.00 78.42 ? 317 ILE B CG1 1 
ATOM   677  C CG2 . ILE B 1 4  ? -0.002  -11.799 -6.935  1.00 77.56 ? 317 ILE B CG2 1 
ATOM   678  C CD1 . ILE B 1 4  ? 2.838   -12.032 -8.773  1.00 78.80 ? 317 ILE B CD1 1 
ATOM   679  N N   . MET B 1 5  ? -0.298  -9.010  -4.744  1.00 75.37 ? 318 MET B N   1 
ATOM   680  C CA  . MET B 1 5  ? -0.237  -8.917  -3.277  1.00 74.24 ? 318 MET B CA  1 
ATOM   681  C C   . MET B 1 5  ? -1.361  -9.594  -2.482  1.00 72.68 ? 318 MET B C   1 
ATOM   682  O O   . MET B 1 5  ? -2.459  -9.825  -2.995  1.00 72.39 ? 318 MET B O   1 
ATOM   683  C CB  . MET B 1 5  ? -0.009  -7.478  -2.797  1.00 74.21 ? 318 MET B CB  1 
ATOM   684  C CG  . MET B 1 5  ? -0.862  -6.430  -3.438  1.00 74.65 ? 318 MET B CG  1 
ATOM   685  S SD  . MET B 1 5  ? -0.878  -5.007  -2.345  1.00 75.80 ? 318 MET B SD  1 
ATOM   686  C CE  . MET B 1 5  ? 0.796   -4.383  -2.554  1.00 75.88 ? 318 MET B CE  1 
ATOM   687  N N   . GLU B 1 6  ? -1.042  -9.931  -1.227  1.00 70.98 ? 319 GLU B N   1 
ATOM   688  C CA  . GLU B 1 6  ? -2.016  -10.415 -0.245  1.00 69.10 ? 319 GLU B CA  1 
ATOM   689  C C   . GLU B 1 6  ? -2.521  -9.243  0.582   1.00 67.31 ? 319 GLU B C   1 
ATOM   690  O O   . GLU B 1 6  ? -1.733  -8.432  1.084   1.00 67.46 ? 319 GLU B O   1 
ATOM   691  C CB  . GLU B 1 6  ? -1.399  -11.461 0.695   1.00 69.00 ? 319 GLU B CB  1 
ATOM   692  C CG  . GLU B 1 6  ? -1.389  -12.912 0.171   1.00 70.10 ? 319 GLU B CG  1 
ATOM   693  C CD  . GLU B 1 6  ? -0.450  -13.847 0.977   1.00 69.96 ? 319 GLU B CD  1 
ATOM   694  O OE1 . GLU B 1 6  ? -0.157  -13.544 2.165   1.00 71.95 ? 319 GLU B OE1 1 
ATOM   695  O OE2 . GLU B 1 6  ? -0.004  -14.887 0.429   1.00 68.51 ? 319 GLU B OE2 1 
ATOM   696  N N   . ILE B 1 7  ? -3.840  -9.140  0.697   1.00 65.05 ? 320 ILE B N   1 
ATOM   697  C CA  . ILE B 1 7  ? -4.476  -8.251  1.657   1.00 62.35 ? 320 ILE B CA  1 
ATOM   698  C C   . ILE B 1 7  ? -5.359  -9.120  2.568   1.00 60.69 ? 320 ILE B C   1 
ATOM   699  O O   . ILE B 1 7  ? -6.139  -9.953  2.088   1.00 60.45 ? 320 ILE B O   1 
ATOM   700  C CB  . ILE B 1 7  ? -5.282  -7.154  0.938   1.00 62.52 ? 320 ILE B CB  1 
ATOM   701  C CG1 . ILE B 1 7  ? -4.352  -6.361  0.010   1.00 62.72 ? 320 ILE B CG1 1 
ATOM   702  C CG2 . ILE B 1 7  ? -5.979  -6.226  1.945   1.00 61.88 ? 320 ILE B CG2 1 
ATOM   703  C CD1 . ILE B 1 7  ? -5.062  -5.466  -1.014  1.00 62.53 ? 320 ILE B CD1 1 
ATOM   704  N N   . LYS B 1 8  ? -5.189  -8.958  3.882   1.00 58.57 ? 321 LYS B N   1 
ATOM   705  C CA  . LYS B 1 8  ? -5.938  -9.719  4.908   1.00 55.42 ? 321 LYS B CA  1 
ATOM   706  C C   . LYS B 1 8  ? -6.902  -8.786  5.628   1.00 53.00 ? 321 LYS B C   1 
ATOM   707  O O   . LYS B 1 8  ? -6.491  -7.743  6.135   1.00 51.82 ? 321 LYS B O   1 
ATOM   708  C CB  . LYS B 1 8  ? -4.963  -10.358 5.914   1.00 55.74 ? 321 LYS B CB  1 
ATOM   709  C CG  . LYS B 1 8  ? -3.937  -11.316 5.302   1.00 55.80 ? 321 LYS B CG  1 
ATOM   710  C CD  . LYS B 1 8  ? -2.503  -10.980 5.760   1.00 57.24 ? 321 LYS B CD  1 
ATOM   711  N N   . LEU B 1 9  ? -8.177  -9.165  5.672   1.00 50.92 ? 322 LEU B N   1 
ATOM   712  C CA  . LEU B 1 9  ? -9.223  -8.294  6.214   1.00 49.91 ? 322 LEU B CA  1 
ATOM   713  C C   . LEU B 1 9  ? -10.171 -8.996  7.177   1.00 49.55 ? 322 LEU B C   1 
ATOM   714  O O   . LEU B 1 9  ? -10.507 -10.170 7.007   1.00 49.20 ? 322 LEU B O   1 
ATOM   715  C CB  . LEU B 1 9  ? -10.090 -7.682  5.090   1.00 49.83 ? 322 LEU B CB  1 
ATOM   716  C CG  . LEU B 1 9  ? -9.603  -6.742  3.978   1.00 49.98 ? 322 LEU B CG  1 
ATOM   717  C CD1 . LEU B 1 9  ? -10.776 -6.321  3.090   1.00 50.79 ? 322 LEU B CD1 1 
ATOM   718  C CD2 . LEU B 1 9  ? -8.876  -5.506  4.512   1.00 51.15 ? 322 LEU B CD2 1 
ATOM   719  N N   . ILE B 1 10 ? -10.637 -8.254  8.176   1.00 49.22 ? 323 ILE B N   1 
ATOM   720  C CA  . ILE B 1 10 ? -11.757 -8.724  8.949   1.00 48.88 ? 323 ILE B CA  1 
ATOM   721  C C   . ILE B 1 10 ? -13.017 -8.064  8.414   1.00 49.63 ? 323 ILE B C   1 
ATOM   722  O O   . ILE B 1 10 ? -13.055 -6.847  8.273   1.00 49.41 ? 323 ILE B O   1 
ATOM   723  C CB  . ILE B 1 10 ? -11.631 -8.427  10.495  1.00 48.67 ? 323 ILE B CB  1 
ATOM   724  C CG1 . ILE B 1 10 ? -10.216 -8.671  11.023  1.00 46.45 ? 323 ILE B CG1 1 
ATOM   725  C CG2 . ILE B 1 10 ? -12.683 -9.228  11.274  1.00 48.87 ? 323 ILE B CG2 1 
ATOM   726  C CD1 . ILE B 1 10 ? -9.968  -10.056 11.448  1.00 42.80 ? 323 ILE B CD1 1 
ATOM   727  N N   . LYS B 1 11 ? -14.041 -8.868  8.137   1.00 50.08 ? 324 LYS B N   1 
ATOM   728  C CA  . LYS B 1 11 ? -15.356 -8.346  7.857   1.00 51.95 ? 324 LYS B CA  1 
ATOM   729  C C   . LYS B 1 11 ? -15.906 -7.455  8.965   1.00 53.77 ? 324 LYS B C   1 
ATOM   730  O O   . LYS B 1 11 ? -15.698 -7.700  10.158  1.00 54.34 ? 324 LYS B O   1 
ATOM   731  C CB  . LYS B 1 11 ? -16.355 -9.479  7.607   1.00 52.39 ? 324 LYS B CB  1 
ATOM   732  C CG  . LYS B 1 11 ? -16.323 -10.042 6.215   1.00 52.04 ? 324 LYS B CG  1 
ATOM   733  C CD  . LYS B 1 11 ? -17.640 -10.645 5.856   1.00 51.98 ? 324 LYS B CD  1 
ATOM   734  C CE  . LYS B 1 11 ? -17.418 -11.795 4.904   1.00 54.35 ? 324 LYS B CE  1 
ATOM   735  N NZ  . LYS B 1 11 ? -18.603 -12.721 4.811   1.00 55.54 ? 324 LYS B NZ  1 
ATOM   736  N N   . GLY B 1 12 ? -16.625 -6.416  8.560   1.00 55.34 ? 325 GLY B N   1 
ATOM   737  C CA  . GLY B 1 12 ? -17.411 -5.631  9.486   1.00 56.85 ? 325 GLY B CA  1 
ATOM   738  C C   . GLY B 1 12 ? -18.832 -6.158  9.444   1.00 58.05 ? 325 GLY B C   1 
ATOM   739  O O   . GLY B 1 12 ? -19.115 -7.164  8.779   1.00 57.92 ? 325 GLY B O   1 
ATOM   740  N N   . PRO B 1 13 ? -19.745 -5.484  10.159  1.00 59.20 ? 326 PRO B N   1 
ATOM   741  C CA  . PRO B 1 13 ? -21.188 -5.746  9.956   1.00 59.78 ? 326 PRO B CA  1 
ATOM   742  C C   . PRO B 1 13 ? -21.683 -5.261  8.559   1.00 59.82 ? 326 PRO B C   1 
ATOM   743  O O   . PRO B 1 13 ? -22.662 -5.824  8.022   1.00 59.86 ? 326 PRO B O   1 
ATOM   744  C CB  . PRO B 1 13 ? -21.868 -4.956  11.099  1.00 60.05 ? 326 PRO B CB  1 
ATOM   745  C CG  . PRO B 1 13 ? -20.749 -4.477  12.001  1.00 59.97 ? 326 PRO B CG  1 
ATOM   746  C CD  . PRO B 1 13 ? -19.495 -4.446  11.178  1.00 59.35 ? 326 PRO B CD  1 
ATOM   747  N N   . LYS B 1 14 ? -21.004 -4.243  7.994   1.00 59.18 ? 327 LYS B N   1 
ATOM   748  C CA  . LYS B 1 14 ? -21.239 -3.777  6.609   1.00 59.03 ? 327 LYS B CA  1 
ATOM   749  C C   . LYS B 1 14 ? -20.556 -4.656  5.531   1.00 58.38 ? 327 LYS B C   1 
ATOM   750  O O   . LYS B 1 14 ? -20.752 -4.454  4.319   1.00 58.76 ? 327 LYS B O   1 
ATOM   751  C CB  . LYS B 1 14 ? -20.836 -2.293  6.452   1.00 59.19 ? 327 LYS B CB  1 
ATOM   752  N N   . GLY B 1 15 ? -19.774 -5.641  5.988   1.00 57.53 ? 328 GLY B N   1 
ATOM   753  C CA  . GLY B 1 15 ? -19.051 -6.596  5.130   1.00 55.16 ? 328 GLY B CA  1 
ATOM   754  C C   . GLY B 1 15 ? -17.608 -6.159  4.932   1.00 53.70 ? 328 GLY B C   1 
ATOM   755  O O   . GLY B 1 15 ? -16.972 -5.612  5.829   1.00 53.56 ? 328 GLY B O   1 
ATOM   756  N N   . LEU B 1 16 ? -17.106 -6.361  3.728   1.00 52.65 ? 329 LEU B N   1 
ATOM   757  C CA  . LEU B 1 16 ? -15.725 -6.001  3.400   1.00 51.37 ? 329 LEU B CA  1 
ATOM   758  C C   . LEU B 1 16 ? -15.511 -4.510  3.080   1.00 50.79 ? 329 LEU B C   1 
ATOM   759  O O   . LEU B 1 16 ? -14.399 -3.968  3.263   1.00 50.21 ? 329 LEU B O   1 
ATOM   760  C CB  . LEU B 1 16 ? -15.217 -6.937  2.288   1.00 51.45 ? 329 LEU B CB  1 
ATOM   761  C CG  . LEU B 1 16 ? -15.239 -8.404  2.759   1.00 50.61 ? 329 LEU B CG  1 
ATOM   762  C CD1 . LEU B 1 16 ? -15.670 -9.371  1.691   1.00 48.34 ? 329 LEU B CD1 1 
ATOM   763  C CD2 . LEU B 1 16 ? -13.885 -8.768  3.338   1.00 49.91 ? 329 LEU B CD2 1 
ATOM   764  N N   . GLY B 1 17 ? -16.575 -3.840  2.650   1.00 50.61 ? 330 GLY B N   1 
ATOM   765  C CA  . GLY B 1 17 ? -16.501 -2.408  2.324   1.00 50.31 ? 330 GLY B CA  1 
ATOM   766  C C   . GLY B 1 17 ? -15.889 -2.131  0.967   1.00 50.17 ? 330 GLY B C   1 
ATOM   767  O O   . GLY B 1 17 ? -14.993 -1.279  0.845   1.00 50.46 ? 330 GLY B O   1 
ATOM   768  N N   . PHE B 1 18 ? -16.335 -2.892  -0.039  1.00 50.26 ? 331 PHE B N   1 
ATOM   769  C CA  . PHE B 1 18 ? -16.028 -2.645  -1.483  1.00 49.85 ? 331 PHE B CA  1 
ATOM   770  C C   . PHE B 1 18 ? -17.023 -3.320  -2.448  1.00 48.98 ? 331 PHE B C   1 
ATOM   771  O O   . PHE B 1 18 ? -17.773 -4.246  -2.069  1.00 49.10 ? 331 PHE B O   1 
ATOM   772  C CB  . PHE B 1 18 ? -14.551 -2.917  -1.860  1.00 49.55 ? 331 PHE B CB  1 
ATOM   773  C CG  . PHE B 1 18 ? -14.147 -4.379  -1.822  1.00 51.15 ? 331 PHE B CG  1 
ATOM   774  C CD1 . PHE B 1 18 ? -14.363 -5.215  -2.935  1.00 50.11 ? 331 PHE B CD1 1 
ATOM   775  C CD2 . PHE B 1 18 ? -13.531 -4.921  -0.683  1.00 49.52 ? 331 PHE B CD2 1 
ATOM   776  C CE1 . PHE B 1 18 ? -13.998 -6.553  -2.908  1.00 49.52 ? 331 PHE B CE1 1 
ATOM   777  C CE2 . PHE B 1 18 ? -13.160 -6.262  -0.646  1.00 47.88 ? 331 PHE B CE2 1 
ATOM   778  C CZ  . PHE B 1 18 ? -13.385 -7.082  -1.757  1.00 49.63 ? 331 PHE B CZ  1 
ATOM   779  N N   . SER B 1 19 ? -17.086 -2.809  -3.677  1.00 48.65 ? 332 SER B N   1 
ATOM   780  C CA  . SER B 1 19 ? -17.882 -3.472  -4.730  1.00 47.82 ? 332 SER B CA  1 
ATOM   781  C C   . SER B 1 19 ? -17.017 -3.828  -5.938  1.00 46.24 ? 332 SER B C   1 
ATOM   782  O O   . SER B 1 19 ? -15.940 -3.279  -6.118  1.00 44.12 ? 332 SER B O   1 
ATOM   783  C CB  . SER B 1 19 ? -19.107 -2.648  -5.155  1.00 48.50 ? 332 SER B CB  1 
ATOM   784  O OG  . SER B 1 19 ? -20.081 -2.553  -4.116  1.00 50.56 ? 332 SER B OG  1 
ATOM   785  N N   . ILE B 1 20 ? -17.509 -4.771  -6.736  1.00 44.84 ? 333 ILE B N   1 
ATOM   786  C CA  . ILE B 1 20 ? -16.737 -5.263  -7.881  1.00 45.04 ? 333 ILE B CA  1 
ATOM   787  C C   . ILE B 1 20 ? -17.445 -5.210  -9.269  1.00 44.58 ? 333 ILE B C   1 
ATOM   788  O O   . ILE B 1 20 ? -18.679 -5.180  -9.373  1.00 45.60 ? 333 ILE B O   1 
ATOM   789  C CB  . ILE B 1 20 ? -16.183 -6.694  -7.652  1.00 44.09 ? 333 ILE B CB  1 
ATOM   790  C CG1 . ILE B 1 20 ? -17.314 -7.616  -7.228  1.00 42.62 ? 333 ILE B CG1 1 
ATOM   791  C CG2 . ILE B 1 20 ? -15.008 -6.698  -6.657  1.00 43.58 ? 333 ILE B CG2 1 
ATOM   792  C CD1 . ILE B 1 20 ? -17.063 -8.981  -7.661  1.00 43.32 ? 333 ILE B CD1 1 
ATOM   793  N N   . ALA B 1 21 ? -16.630 -5.195  -10.309 1.00 43.83 ? 334 ALA B N   1 
ATOM   794  C CA  . ALA B 1 21 ? -17.086 -5.429  -11.659 1.00 43.61 ? 334 ALA B CA  1 
ATOM   795  C C   . ALA B 1 21 ? -16.092 -6.379  -12.348 1.00 43.30 ? 334 ALA B C   1 
ATOM   796  O O   . ALA B 1 21 ? -15.131 -6.847  -11.726 1.00 43.00 ? 334 ALA B O   1 
ATOM   797  C CB  . ALA B 1 21 ? -17.223 -4.120  -12.397 1.00 43.46 ? 334 ALA B CB  1 
ATOM   798  N N   . GLY B 1 22 ? -16.324 -6.692  -13.618 1.00 42.36 ? 335 GLY B N   1 
ATOM   799  C CA  . GLY B 1 22 ? -15.501 -7.678  -14.280 1.00 41.91 ? 335 GLY B CA  1 
ATOM   800  C C   . GLY B 1 22 ? -16.287 -8.962  -14.440 1.00 42.19 ? 335 GLY B C   1 
ATOM   801  O O   . GLY B 1 22 ? -17.464 -9.013  -14.091 1.00 40.71 ? 335 GLY B O   1 
ATOM   802  N N   . GLY B 1 23 ? -15.634 -9.971  -15.016 1.00 43.28 ? 336 GLY B N   1 
ATOM   803  C CA  . GLY B 1 23 ? -16.264 -11.264 -15.265 1.00 45.59 ? 336 GLY B CA  1 
ATOM   804  C C   . GLY B 1 23 ? -16.413 -11.685 -16.725 1.00 47.29 ? 336 GLY B C   1 
ATOM   805  O O   . GLY B 1 23 ? -16.654 -10.864 -17.607 1.00 47.36 ? 336 GLY B O   1 
ATOM   806  N N   . VAL B 1 24 ? -16.305 -12.990 -16.966 1.00 48.71 ? 337 VAL B N   1 
ATOM   807  C CA  . VAL B 1 24 ? -16.609 -13.569 -18.259 1.00 49.42 ? 337 VAL B CA  1 
ATOM   808  C C   . VAL B 1 24 ? -18.047 -13.195 -18.511 1.00 49.53 ? 337 VAL B C   1 
ATOM   809  O O   . VAL B 1 24 ? -18.915 -13.584 -17.738 1.00 50.31 ? 337 VAL B O   1 
ATOM   810  C CB  . VAL B 1 24 ? -16.411 -15.146 -18.293 1.00 49.57 ? 337 VAL B CB  1 
ATOM   811  C CG1 . VAL B 1 24 ? -17.257 -15.818 -19.404 1.00 49.49 ? 337 VAL B CG1 1 
ATOM   812  C CG2 . VAL B 1 24 ? -14.968 -15.497 -18.477 1.00 49.52 ? 337 VAL B CG2 1 
ATOM   813  N N   . GLY B 1 25 ? -18.267 -12.430 -19.591 1.00 49.85 ? 338 GLY B N   1 
ATOM   814  C CA  . GLY B 1 25 ? -19.593 -12.046 -20.080 1.00 48.77 ? 338 GLY B CA  1 
ATOM   815  C C   . GLY B 1 25 ? -20.076 -10.707 -19.566 1.00 48.75 ? 338 GLY B C   1 
ATOM   816  O O   . GLY B 1 25 ? -21.227 -10.329 -19.788 1.00 49.03 ? 338 GLY B O   1 
ATOM   817  N N   . ASN B 1 26 ? -19.190 -9.980  -18.893 1.00 48.30 ? 339 ASN B N   1 
ATOM   818  C CA  . ASN B 1 26 ? -19.557 -8.778  -18.172 1.00 48.59 ? 339 ASN B CA  1 
ATOM   819  C C   . ASN B 1 26 ? -18.315 -7.920  -18.021 1.00 47.89 ? 339 ASN B C   1 
ATOM   820  O O   . ASN B 1 26 ? -18.108 -7.331  -16.983 1.00 47.46 ? 339 ASN B O   1 
ATOM   821  C CB  . ASN B 1 26 ? -20.088 -9.153  -16.775 1.00 48.98 ? 339 ASN B CB  1 
ATOM   822  C CG  . ASN B 1 26 ? -20.757 -7.978  -16.050 1.00 51.30 ? 339 ASN B CG  1 
ATOM   823  O OD1 . ASN B 1 26 ? -21.450 -7.168  -16.684 1.00 52.45 ? 339 ASN B OD1 1 
ATOM   824  N ND2 . ASN B 1 26 ? -20.580 -7.904  -14.709 1.00 48.30 ? 339 ASN B ND2 1 
ATOM   825  N N   . GLN B 1 27 ? -17.514 -7.864  -19.085 1.00 47.42 ? 340 GLN B N   1 
ATOM   826  C CA  . GLN B 1 27 ? -16.176 -7.290  -19.073 1.00 47.13 ? 340 GLN B CA  1 
ATOM   827  C C   . GLN B 1 27 ? -16.184 -5.861  -18.598 1.00 47.05 ? 340 GLN B C   1 
ATOM   828  O O   . GLN B 1 27 ? -16.989 -5.064  -19.019 1.00 47.08 ? 340 GLN B O   1 
ATOM   829  C CB  . GLN B 1 27 ? -15.535 -7.371  -20.452 1.00 46.47 ? 340 GLN B CB  1 
ATOM   830  C CG  . GLN B 1 27 ? -15.546 -8.758  -21.000 1.00 46.86 ? 340 GLN B CG  1 
ATOM   831  C CD  . GLN B 1 27 ? -14.736 -8.896  -22.278 1.00 49.85 ? 340 GLN B CD  1 
ATOM   832  O OE1 . GLN B 1 27 ? -14.423 -7.903  -22.965 1.00 48.60 ? 340 GLN B OE1 1 
ATOM   833  N NE2 . GLN B 1 27 ? -14.387 -10.144 -22.609 1.00 49.69 ? 340 GLN B NE2 1 
ATOM   834  N N   . HIS B 1 28 ? -15.266 -5.529  -17.715 1.00 47.39 ? 341 HIS B N   1 
ATOM   835  C CA  . HIS B 1 28 ? -15.281 -4.210  -17.136 1.00 47.32 ? 341 HIS B CA  1 
ATOM   836  C C   . HIS B 1 28 ? -14.404 -3.385  -18.032 1.00 48.16 ? 341 HIS B C   1 
ATOM   837  O O   . HIS B 1 28 ? -14.539 -2.162  -18.141 1.00 48.74 ? 341 HIS B O   1 
ATOM   838  C CB  . HIS B 1 28 ? -14.785 -4.262  -15.679 1.00 46.58 ? 341 HIS B CB  1 
ATOM   839  C CG  . HIS B 1 28 ? -14.611 -2.918  -15.053 1.00 43.64 ? 341 HIS B CG  1 
ATOM   840  N ND1 . HIS B 1 28 ? -15.674 -2.144  -14.645 1.00 43.29 ? 341 HIS B ND1 1 
ATOM   841  C CD2 . HIS B 1 28 ? -13.495 -2.198  -14.804 1.00 40.99 ? 341 HIS B CD2 1 
ATOM   842  C CE1 . HIS B 1 28 ? -15.218 -1.004  -14.159 1.00 42.18 ? 341 HIS B CE1 1 
ATOM   843  N NE2 . HIS B 1 28 ? -13.897 -1.011  -14.246 1.00 42.39 ? 341 HIS B NE2 1 
ATOM   844  N N   . ILE B 1 29 ? -13.483 -4.079  -18.682 1.00 49.23 ? 342 ILE B N   1 
ATOM   845  C CA  . ILE B 1 29 ? -12.608 -3.473  -19.671 1.00 49.67 ? 342 ILE B CA  1 
ATOM   846  C C   . ILE B 1 29 ? -12.752 -4.351  -20.900 1.00 49.33 ? 342 ILE B C   1 
ATOM   847  O O   . ILE B 1 29 ? -12.573 -5.550  -20.788 1.00 49.80 ? 342 ILE B O   1 
ATOM   848  C CB  . ILE B 1 29 ? -11.151 -3.403  -19.173 1.00 49.77 ? 342 ILE B CB  1 
ATOM   849  C CG1 . ILE B 1 29 ? -11.035 -2.338  -18.069 1.00 50.67 ? 342 ILE B CG1 1 
ATOM   850  C CG2 . ILE B 1 29 ? -10.194 -3.117  -20.333 1.00 50.19 ? 342 ILE B CG2 1 
ATOM   851  C CD1 . ILE B 1 29 ? -9.816  -2.481  -17.180 1.00 47.25 ? 342 ILE B CD1 1 
ATOM   852  N N   . PRO B 1 30 ? -13.117 -3.764  -22.072 1.00 49.22 ? 343 PRO B N   1 
ATOM   853  C CA  . PRO B 1 30 ? -13.222 -4.573  -23.305 1.00 48.35 ? 343 PRO B CA  1 
ATOM   854  C C   . PRO B 1 30 ? -12.062 -5.548  -23.512 1.00 47.72 ? 343 PRO B C   1 
ATOM   855  O O   . PRO B 1 30 ? -10.898 -5.151  -23.473 1.00 48.13 ? 343 PRO B O   1 
ATOM   856  C CB  . PRO B 1 30 ? -13.279 -3.503  -24.417 1.00 48.45 ? 343 PRO B CB  1 
ATOM   857  C CG  . PRO B 1 30 ? -13.961 -2.332  -23.767 1.00 48.52 ? 343 PRO B CG  1 
ATOM   858  C CD  . PRO B 1 30 ? -13.453 -2.338  -22.312 1.00 48.76 ? 343 PRO B CD  1 
ATOM   859  N N   . GLY B 1 31 ? -12.369 -6.822  -23.694 1.00 47.70 ? 344 GLY B N   1 
ATOM   860  C CA  . GLY B 1 31 ? -11.325 -7.845  -23.893 1.00 48.26 ? 344 GLY B CA  1 
ATOM   861  C C   . GLY B 1 31 ? -10.842 -8.574  -22.627 1.00 48.84 ? 344 GLY B C   1 
ATOM   862  O O   . GLY B 1 31 ? -10.105 -9.580  -22.707 1.00 48.08 ? 344 GLY B O   1 
ATOM   863  N N   . ASP B 1 32 ? -11.277 -8.066  -21.470 1.00 48.59 ? 345 ASP B N   1 
ATOM   864  C CA  . ASP B 1 32 ? -10.737 -8.438  -20.151 1.00 48.20 ? 345 ASP B CA  1 
ATOM   865  C C   . ASP B 1 32 ? -11.858 -9.001  -19.299 1.00 48.04 ? 345 ASP B C   1 
ATOM   866  O O   . ASP B 1 32 ? -12.818 -8.292  -18.984 1.00 47.82 ? 345 ASP B O   1 
ATOM   867  C CB  . ASP B 1 32 ? -10.127 -7.211  -19.461 1.00 47.68 ? 345 ASP B CB  1 
ATOM   868  C CG  . ASP B 1 32 ? -9.163  -7.582  -18.338 1.00 48.51 ? 345 ASP B CG  1 
ATOM   869  O OD1 . ASP B 1 32 ? -9.365  -8.661  -17.761 1.00 48.35 ? 345 ASP B OD1 1 
ATOM   870  O OD2 . ASP B 1 32 ? -8.209  -6.808  -18.028 1.00 44.53 ? 345 ASP B OD2 1 
ATOM   871  N N   . ASN B 1 33 ? -11.729 -10.280 -18.946 1.00 47.91 ? 346 ASN B N   1 
ATOM   872  C CA  . ASN B 1 33 ? -12.736 -11.021 -18.191 1.00 47.95 ? 346 ASN B CA  1 
ATOM   873  C C   . ASN B 1 33 ? -12.526 -10.943 -16.670 1.00 47.30 ? 346 ASN B C   1 
ATOM   874  O O   . ASN B 1 33 ? -13.289 -11.526 -15.927 1.00 48.06 ? 346 ASN B O   1 
ATOM   875  C CB  . ASN B 1 33 ? -12.760 -12.481 -18.635 1.00 47.97 ? 346 ASN B CB  1 
ATOM   876  C CG  . ASN B 1 33 ? -13.450 -12.683 -19.982 1.00 48.98 ? 346 ASN B CG  1 
ATOM   877  O OD1 . ASN B 1 33 ? -14.352 -11.942 -20.350 1.00 48.94 ? 346 ASN B OD1 1 
ATOM   878  N ND2 . ASN B 1 33 ? -13.033 -13.717 -20.713 1.00 48.70 ? 346 ASN B ND2 1 
ATOM   879  N N   . SER B 1 34 ? -11.508 -10.199 -16.237 1.00 46.02 ? 347 SER B N   1 
ATOM   880  C CA  . SER B 1 34 ? -11.082 -10.085 -14.832 1.00 44.72 ? 347 SER B CA  1 
ATOM   881  C C   . SER B 1 34 ? -12.028 -9.275  -13.935 1.00 44.78 ? 347 SER B C   1 
ATOM   882  O O   . SER B 1 34 ? -12.913 -8.538  -14.418 1.00 43.02 ? 347 SER B O   1 
ATOM   883  C CB  . SER B 1 34 ? -9.708  -9.415  -14.751 1.00 44.49 ? 347 SER B CB  1 
ATOM   884  O OG  . SER B 1 34 ? -8.711  -10.142 -15.448 1.00 43.13 ? 347 SER B OG  1 
ATOM   885  N N   . ILE B 1 35 ? -11.798 -9.401  -12.614 1.00 44.41 ? 348 ILE B N   1 
ATOM   886  C CA  . ILE B 1 35 ? -12.659 -8.775  -11.621 1.00 43.78 ? 348 ILE B CA  1 
ATOM   887  C C   . ILE B 1 35 ? -11.939 -7.557  -11.068 1.00 43.86 ? 348 ILE B C   1 
ATOM   888  O O   . ILE B 1 35 ? -10.757 -7.615  -10.855 1.00 43.70 ? 348 ILE B O   1 
ATOM   889  C CB  . ILE B 1 35 ? -13.010 -9.753  -10.524 1.00 43.67 ? 348 ILE B CB  1 
ATOM   890  C CG1 . ILE B 1 35 ? -13.581 -11.042 -11.149 1.00 42.50 ? 348 ILE B CG1 1 
ATOM   891  C CG2 . ILE B 1 35 ? -13.943 -9.098  -9.505  1.00 43.29 ? 348 ILE B CG2 1 
ATOM   892  C CD1 . ILE B 1 35 ? -14.956 -10.932 -11.679 1.00 37.27 ? 348 ILE B CD1 1 
ATOM   893  N N   . TYR B 1 36 ? -12.654 -6.451  -10.888 1.00 44.76 ? 349 TYR B N   1 
ATOM   894  C CA  . TYR B 1 36 ? -12.035 -5.177  -10.517 1.00 46.27 ? 349 TYR B CA  1 
ATOM   895  C C   . TYR B 1 36 ? -12.836 -4.522  -9.430  1.00 47.00 ? 349 TYR B C   1 
ATOM   896  O O   . TYR B 1 36 ? -14.051 -4.757  -9.298  1.00 45.95 ? 349 TYR B O   1 
ATOM   897  C CB  . TYR B 1 36 ? -11.975 -4.222  -11.709 1.00 46.72 ? 349 TYR B CB  1 
ATOM   898  C CG  . TYR B 1 36 ? -11.009 -4.655  -12.773 1.00 46.98 ? 349 TYR B CG  1 
ATOM   899  C CD1 . TYR B 1 36 ? -11.435 -5.423  -13.854 1.00 48.68 ? 349 TYR B CD1 1 
ATOM   900  C CD2 . TYR B 1 36 ? -9.663  -4.313  -12.691 1.00 50.04 ? 349 TYR B CD2 1 
ATOM   901  C CE1 . TYR B 1 36 ? -10.542 -5.840  -14.835 1.00 50.41 ? 349 TYR B CE1 1 
ATOM   902  C CE2 . TYR B 1 36 ? -8.742  -4.724  -13.671 1.00 49.54 ? 349 TYR B CE2 1 
ATOM   903  C CZ  . TYR B 1 36 ? -9.190  -5.474  -14.742 1.00 49.28 ? 349 TYR B CZ  1 
ATOM   904  O OH  . TYR B 1 36 ? -8.293  -5.868  -15.714 1.00 48.80 ? 349 TYR B OH  1 
ATOM   905  N N   . VAL B 1 37 ? -12.129 -3.710  -8.659  1.00 48.06 ? 350 VAL B N   1 
ATOM   906  C CA  . VAL B 1 37 ? -12.678 -3.016  -7.517  1.00 49.42 ? 350 VAL B CA  1 
ATOM   907  C C   . VAL B 1 37 ? -13.133 -1.681  -8.029  1.00 50.33 ? 350 VAL B C   1 
ATOM   908  O O   . VAL B 1 37 ? -12.324 -0.868  -8.440  1.00 50.78 ? 350 VAL B O   1 
ATOM   909  C CB  . VAL B 1 37 ? -11.605 -2.897  -6.372  1.00 49.20 ? 350 VAL B CB  1 
ATOM   910  C CG1 . VAL B 1 37 ? -12.141 -2.172  -5.155  1.00 48.44 ? 350 VAL B CG1 1 
ATOM   911  C CG2 . VAL B 1 37 ? -11.101 -4.281  -5.970  1.00 48.94 ? 350 VAL B CG2 1 
ATOM   912  N N   . THR B 1 38 ? -14.438 -1.475  -8.022  1.00 52.14 ? 351 THR B N   1 
ATOM   913  C CA  . THR B 1 38 ? -15.045 -0.240  -8.510  1.00 54.72 ? 351 THR B CA  1 
ATOM   914  C C   . THR B 1 38 ? -15.234 0.852   -7.413  1.00 56.92 ? 351 THR B C   1 
ATOM   915  O O   . THR B 1 38 ? -15.261 2.048   -7.723  1.00 57.97 ? 351 THR B O   1 
ATOM   916  C CB  . THR B 1 38 ? -16.430 -0.524  -9.090  1.00 54.14 ? 351 THR B CB  1 
ATOM   917  O OG1 . THR B 1 38 ? -17.260 -0.975  -8.033  1.00 54.74 ? 351 THR B OG1 1 
ATOM   918  C CG2 . THR B 1 38 ? -16.383 -1.600  -10.148 1.00 53.97 ? 351 THR B CG2 1 
ATOM   919  N N   . SER B 1 39 ? -15.392 0.435   -6.152  1.00 58.68 ? 352 SER B N   1 
ATOM   920  C CA  . SER B 1 39 ? -15.678 1.332   -5.014  1.00 59.74 ? 352 SER B CA  1 
ATOM   921  C C   . SER B 1 39 ? -15.240 0.747   -3.646  1.00 60.47 ? 352 SER B C   1 
ATOM   922  O O   . SER B 1 39 ? -15.376 -0.464  -3.399  1.00 60.06 ? 352 SER B O   1 
ATOM   923  C CB  . SER B 1 39 ? -17.178 1.667   -4.980  1.00 59.62 ? 352 SER B CB  1 
ATOM   924  N N   . ILE B 1 40 ? -14.725 1.635   -2.783  1.00 61.86 ? 353 ILE B N   1 
ATOM   925  C CA  . ILE B 1 40 ? -14.361 1.360   -1.366  1.00 62.66 ? 353 ILE B CA  1 
ATOM   926  C C   . ILE B 1 40 ? -15.230 2.164   -0.385  1.00 63.16 ? 353 ILE B C   1 
ATOM   927  O O   . ILE B 1 40 ? -14.902 3.305   -0.105  1.00 63.40 ? 353 ILE B O   1 
ATOM   928  C CB  . ILE B 1 40 ? -12.886 1.781   -1.023  1.00 62.64 ? 353 ILE B CB  1 
ATOM   929  C CG1 . ILE B 1 40 ? -11.955 1.719   -2.238  1.00 62.20 ? 353 ILE B CG1 1 
ATOM   930  C CG2 . ILE B 1 40 ? -12.363 0.964   0.158   1.00 62.89 ? 353 ILE B CG2 1 
ATOM   931  C CD1 . ILE B 1 40 ? -11.169 0.419   -2.376  1.00 61.91 ? 353 ILE B CD1 1 
ATOM   932  N N   . VAL B 1 41 ? -16.306 1.569   0.139   1.00 63.72 ? 354 VAL B N   1 
ATOM   933  C CA  . VAL B 1 41 ? -17.181 2.206   1.130   1.00 64.38 ? 354 VAL B CA  1 
ATOM   934  C C   . VAL B 1 41 ? -16.409 2.739   2.358   1.00 65.01 ? 354 VAL B C   1 
ATOM   935  O O   . VAL B 1 41 ? -15.736 1.966   3.076   1.00 64.64 ? 354 VAL B O   1 
ATOM   936  C CB  . VAL B 1 41 ? -18.319 1.246   1.624   1.00 64.51 ? 354 VAL B CB  1 
ATOM   937  C CG1 . VAL B 1 41 ? -19.309 1.994   2.517   1.00 64.09 ? 354 VAL B CG1 1 
ATOM   938  C CG2 . VAL B 1 41 ? -19.056 0.563   0.455   1.00 64.73 ? 354 VAL B CG2 1 
ATOM   939  N N   . GLU B 1 42 ? -16.551 4.054   2.597   1.00 65.74 ? 355 GLU B N   1 
ATOM   940  C CA  . GLU B 1 42 ? -15.819 4.796   3.657   1.00 66.14 ? 355 GLU B CA  1 
ATOM   941  C C   . GLU B 1 42 ? -15.808 4.194   5.065   1.00 66.02 ? 355 GLU B C   1 
ATOM   942  O O   . GLU B 1 42 ? -16.858 3.829   5.609   1.00 66.02 ? 355 GLU B O   1 
ATOM   943  C CB  . GLU B 1 42 ? -16.261 6.248   3.742   1.00 66.01 ? 355 GLU B CB  1 
ATOM   944  C CG  . GLU B 1 42 ? -15.180 7.188   3.267   1.00 67.20 ? 355 GLU B CG  1 
ATOM   945  C CD  . GLU B 1 42 ? -15.069 8.422   4.143   1.00 69.00 ? 355 GLU B CD  1 
ATOM   946  O OE1 . GLU B 1 42 ? -15.632 8.402   5.260   1.00 68.93 ? 355 GLU B OE1 1 
ATOM   947  O OE2 . GLU B 1 42 ? -14.417 9.409   3.716   1.00 69.84 ? 355 GLU B OE2 1 
ATOM   948  N N   . GLY B 1 43 ? -14.601 4.119   5.631   1.00 65.85 ? 356 GLY B N   1 
ATOM   949  C CA  . GLY B 1 43 ? -14.342 3.565   6.960   1.00 65.73 ? 356 GLY B CA  1 
ATOM   950  C C   . GLY B 1 43 ? -14.643 2.084   7.064   1.00 65.59 ? 356 GLY B C   1 
ATOM   951  O O   . GLY B 1 43 ? -14.784 1.551   8.170   1.00 66.01 ? 356 GLY B O   1 
ATOM   952  N N   . GLY B 1 44 ? -14.763 1.421   5.913   1.00 65.29 ? 357 GLY B N   1 
ATOM   953  C CA  . GLY B 1 44 ? -15.007 -0.015  5.861   1.00 64.15 ? 357 GLY B CA  1 
ATOM   954  C C   . GLY B 1 44 ? -13.702 -0.750  6.045   1.00 63.59 ? 357 GLY B C   1 
ATOM   955  O O   . GLY B 1 44 ? -12.619 -0.149  6.013   1.00 63.13 ? 357 GLY B O   1 
ATOM   956  N N   . ALA B 1 45 ? -13.810 -2.053  6.228   1.00 63.66 ? 358 ALA B N   1 
ATOM   957  C CA  . ALA B 1 45 ? -12.641 -2.904  6.411   1.00 64.16 ? 358 ALA B CA  1 
ATOM   958  C C   . ALA B 1 45 ? -11.518 -2.568  5.433   1.00 64.48 ? 358 ALA B C   1 
ATOM   959  O O   . ALA B 1 45 ? -10.415 -2.217  5.852   1.00 64.47 ? 358 ALA B O   1 
ATOM   960  C CB  . ALA B 1 45 ? -13.041 -4.364  6.286   1.00 64.11 ? 358 ALA B CB  1 
ATOM   961  N N   . ALA B 1 46 ? -11.829 -2.655  4.139   1.00 65.02 ? 359 ALA B N   1 
ATOM   962  C CA  . ALA B 1 46 ? -10.885 -2.412  3.050   1.00 65.65 ? 359 ALA B CA  1 
ATOM   963  C C   . ALA B 1 46 ? -10.250 -1.030  3.103   1.00 66.33 ? 359 ALA B C   1 
ATOM   964  O O   . ALA B 1 46 ? -9.038  -0.890  2.904   1.00 66.36 ? 359 ALA B O   1 
ATOM   965  C CB  . ALA B 1 46 ? -11.590 -2.611  1.706   1.00 65.64 ? 359 ALA B CB  1 
ATOM   966  N N   . HIS B 1 47 ? -11.091 -0.022  3.345   1.00 67.41 ? 360 HIS B N   1 
ATOM   967  C CA  . HIS B 1 47 ? -10.677 1.380   3.447   1.00 68.50 ? 360 HIS B CA  1 
ATOM   968  C C   . HIS B 1 47 ? -9.825  1.627   4.694   1.00 69.06 ? 360 HIS B C   1 
ATOM   969  O O   . HIS B 1 47 ? -8.781  2.294   4.631   1.00 69.65 ? 360 HIS B O   1 
ATOM   970  C CB  . HIS B 1 47 ? -11.913 2.295   3.425   1.00 68.56 ? 360 HIS B CB  1 
ATOM   971  C CG  . HIS B 1 47 ? -11.598 3.749   3.591   1.00 70.10 ? 360 HIS B CG  1 
ATOM   972  N ND1 . HIS B 1 47 ? -12.488 4.641   4.154   1.00 70.56 ? 360 HIS B ND1 1 
ATOM   973  C CD2 . HIS B 1 47 ? -10.487 4.467   3.286   1.00 70.63 ? 360 HIS B CD2 1 
ATOM   974  C CE1 . HIS B 1 47 ? -11.945 5.845   4.181   1.00 71.19 ? 360 HIS B CE1 1 
ATOM   975  N NE2 . HIS B 1 47 ? -10.730 5.767   3.662   1.00 71.39 ? 360 HIS B NE2 1 
ATOM   976  N N   . LYS B 1 48 ? -10.271 1.086   5.821   1.00 69.53 ? 361 LYS B N   1 
ATOM   977  C CA  . LYS B 1 48 ? -9.498  1.141   7.054   1.00 69.74 ? 361 LYS B CA  1 
ATOM   978  C C   . LYS B 1 48 ? -8.151  0.441   6.943   1.00 69.45 ? 361 LYS B C   1 
ATOM   979  O O   . LYS B 1 48 ? -7.169  0.946   7.449   1.00 69.80 ? 361 LYS B O   1 
ATOM   980  C CB  . LYS B 1 48 ? -10.299 0.554   8.207   1.00 69.90 ? 361 LYS B CB  1 
ATOM   981  C CG  . LYS B 1 48 ? -11.091 1.571   9.010   1.00 70.86 ? 361 LYS B CG  1 
ATOM   982  C CD  . LYS B 1 48 ? -11.584 0.934   10.314  1.00 72.83 ? 361 LYS B CD  1 
ATOM   983  C CE  . LYS B 1 48 ? -10.403 0.404   11.164  1.00 73.01 ? 361 LYS B CE  1 
ATOM   984  N NZ  . LYS B 1 48 ? -10.802 -0.700  12.079  1.00 72.15 ? 361 LYS B NZ  1 
ATOM   985  N N   . ASP B 1 49 ? -8.101  -0.718  6.287   1.00 69.41 ? 362 ASP B N   1 
ATOM   986  C CA  . ASP B 1 49 ? -6.824  -1.424  6.055   1.00 69.47 ? 362 ASP B CA  1 
ATOM   987  C C   . ASP B 1 49 ? -5.938  -0.728  4.978   1.00 69.51 ? 362 ASP B C   1 
ATOM   988  O O   . ASP B 1 49 ? -4.725  -0.940  4.943   1.00 69.29 ? 362 ASP B O   1 
ATOM   989  C CB  . ASP B 1 49 ? -7.081  -2.927  5.803   1.00 69.25 ? 362 ASP B CB  1 
ATOM   990  C CG  . ASP B 1 49 ? -6.001  -3.604  4.954   1.00 69.87 ? 362 ASP B CG  1 
ATOM   991  O OD1 . ASP B 1 49 ? -5.965  -3.356  3.729   1.00 71.52 ? 362 ASP B OD1 1 
ATOM   992  O OD2 . ASP B 1 49 ? -5.214  -4.417  5.491   1.00 68.78 ? 362 ASP B OD2 1 
ATOM   993  N N   . GLY B 1 50 ? -6.555  0.097   4.122   1.00 69.55 ? 363 GLY B N   1 
ATOM   994  C CA  . GLY B 1 50 ? -5.838  1.015   3.218   1.00 69.46 ? 363 GLY B CA  1 
ATOM   995  C C   . GLY B 1 50 ? -5.341  0.446   1.899   1.00 69.56 ? 363 GLY B C   1 
ATOM   996  N N   . LYS B 1 51 ? -4.529  -0.608  2.016   1.00 69.56 ? 364 LYS B N   1 
ATOM   997  C CA  . LYS B 1 51 ? -3.900  -1.262  0.871   1.00 69.40 ? 364 LYS B CA  1 
ATOM   998  C C   . LYS B 1 51 ? -4.758  -1.396  -0.397  1.00 69.12 ? 364 LYS B C   1 
ATOM   999  O O   . LYS B 1 51 ? -4.259  -1.154  -1.497  1.00 69.41 ? 364 LYS B O   1 
ATOM   1000 C CB  . LYS B 1 51 ? -3.364  -2.660  1.254   1.00 69.71 ? 364 LYS B CB  1 
ATOM   1001 C CG  . LYS B 1 51 ? -2.318  -2.718  2.379   1.00 69.45 ? 364 LYS B CG  1 
ATOM   1002 C CD  . LYS B 1 51 ? -1.493  -4.021  2.286   1.00 69.63 ? 364 LYS B CD  1 
ATOM   1003 C CE  . LYS B 1 51 ? -1.151  -4.631  3.660   1.00 69.10 ? 364 LYS B CE  1 
ATOM   1004 N NZ  . LYS B 1 51 ? -2.236  -5.543  4.197   1.00 68.75 ? 364 LYS B NZ  1 
ATOM   1005 N N   . LEU B 1 52 ? -6.015  -1.825  -0.259  1.00 68.50 ? 365 LEU B N   1 
ATOM   1006 C CA  . LEU B 1 52 ? -6.865  -2.060  -1.428  1.00 68.32 ? 365 LEU B CA  1 
ATOM   1007 C C   . LEU B 1 52 ? -7.206  -0.749  -2.115  1.00 68.75 ? 365 LEU B C   1 
ATOM   1008 O O   . LEU B 1 52 ? -7.729  0.190   -1.491  1.00 69.10 ? 365 LEU B O   1 
ATOM   1009 C CB  . LEU B 1 52 ? -8.160  -2.819  -1.087  1.00 68.16 ? 365 LEU B CB  1 
ATOM   1010 C CG  . LEU B 1 52 ? -9.043  -3.267  -2.272  1.00 67.37 ? 365 LEU B CG  1 
ATOM   1011 C CD1 . LEU B 1 52 ? -8.615  -4.629  -2.784  1.00 65.85 ? 365 LEU B CD1 1 
ATOM   1012 C CD2 . LEU B 1 52 ? -10.505 -3.302  -1.919  1.00 65.68 ? 365 LEU B CD2 1 
ATOM   1013 N N   . GLN B 1 53 ? -6.917  -0.703  -3.413  1.00 68.82 ? 366 GLN B N   1 
ATOM   1014 C CA  . GLN B 1 53 ? -7.164  0.484   -4.211  1.00 68.62 ? 366 GLN B CA  1 
ATOM   1015 C C   . GLN B 1 53 ? -8.204  0.213   -5.274  1.00 67.75 ? 366 GLN B C   1 
ATOM   1016 O O   . GLN B 1 53 ? -8.176  -0.822  -5.923  1.00 67.85 ? 366 GLN B O   1 
ATOM   1017 C CB  . GLN B 1 53 ? -5.878  0.952   -4.881  1.00 68.65 ? 366 GLN B CB  1 
ATOM   1018 C CG  . GLN B 1 53 ? -4.971  1.801   -4.015  1.00 70.44 ? 366 GLN B CG  1 
ATOM   1019 C CD  . GLN B 1 53 ? -3.563  1.855   -4.586  1.00 72.26 ? 366 GLN B CD  1 
ATOM   1020 O OE1 . GLN B 1 53 ? -3.380  2.009   -5.801  1.00 73.08 ? 366 GLN B OE1 1 
ATOM   1021 N NE2 . GLN B 1 53 ? -2.558  1.703   -3.718  1.00 72.20 ? 366 GLN B NE2 1 
ATOM   1022 N N   . ILE B 1 54 ? -9.122  1.160   -5.414  1.00 67.02 ? 367 ILE B N   1 
ATOM   1023 C CA  . ILE B 1 54 ? -10.026 1.279   -6.554  1.00 66.22 ? 367 ILE B CA  1 
ATOM   1024 C C   . ILE B 1 54 ? -9.290  1.029   -7.899  1.00 65.45 ? 367 ILE B C   1 
ATOM   1025 O O   . ILE B 1 54 ? -8.233  1.605   -8.166  1.00 65.51 ? 367 ILE B O   1 
ATOM   1026 C CB  . ILE B 1 54 ? -10.723 2.661   -6.468  1.00 65.99 ? 367 ILE B CB  1 
ATOM   1027 C CG1 . ILE B 1 54 ? -12.128 2.623   -7.048  1.00 66.48 ? 367 ILE B CG1 1 
ATOM   1028 C CG2 . ILE B 1 54 ? -9.825  3.812   -6.999  1.00 67.08 ? 367 ILE B CG2 1 
ATOM   1029 C CD1 . ILE B 1 54 ? -13.013 3.735   -6.484  1.00 67.35 ? 367 ILE B CD1 1 
ATOM   1030 N N   . GLY B 1 55 ? -9.817  0.121   -8.713  1.00 64.34 ? 368 GLY B N   1 
ATOM   1031 C CA  . GLY B 1 55 ? -9.119  -0.299  -9.923  1.00 63.40 ? 368 GLY B CA  1 
ATOM   1032 C C   . GLY B 1 55 ? -8.102  -1.427  -9.771  1.00 62.83 ? 368 GLY B C   1 
ATOM   1033 O O   . GLY B 1 55 ? -7.420  -1.780  -10.745 1.00 63.05 ? 368 GLY B O   1 
ATOM   1034 N N   . ASP B 1 56 ? -7.989  -1.985  -8.559  1.00 61.84 ? 369 ASP B N   1 
ATOM   1035 C CA  . ASP B 1 56 ? -7.203  -3.204  -8.294  1.00 60.61 ? 369 ASP B CA  1 
ATOM   1036 C C   . ASP B 1 56 ? -7.976  -4.389  -8.876  1.00 59.28 ? 369 ASP B C   1 
ATOM   1037 O O   . ASP B 1 56 ? -9.193  -4.317  -9.006  1.00 58.89 ? 369 ASP B O   1 
ATOM   1038 C CB  . ASP B 1 56 ? -7.020  -3.420  -6.770  1.00 61.14 ? 369 ASP B CB  1 
ATOM   1039 C CG  . ASP B 1 56 ? -5.727  -2.781  -6.193  1.00 63.36 ? 369 ASP B CG  1 
ATOM   1040 O OD1 . ASP B 1 56 ? -5.046  -1.948  -6.855  1.00 65.22 ? 369 ASP B OD1 1 
ATOM   1041 O OD2 . ASP B 1 56 ? -5.388  -3.131  -5.040  1.00 64.89 ? 369 ASP B OD2 1 
ATOM   1042 N N   . LYS B 1 57 ? -7.279  -5.478  -9.188  1.00 58.41 ? 370 LYS B N   1 
ATOM   1043 C CA  . LYS B 1 57 ? -7.893  -6.662  -9.810  1.00 57.94 ? 370 LYS B CA  1 
ATOM   1044 C C   . LYS B 1 57 ? -7.901  -7.923  -8.913  1.00 57.00 ? 370 LYS B C   1 
ATOM   1045 O O   . LYS B 1 57 ? -6.876  -8.360  -8.426  1.00 57.30 ? 370 LYS B O   1 
ATOM   1046 C CB  . LYS B 1 57 ? -7.181  -6.931  -11.137 1.00 58.19 ? 370 LYS B CB  1 
ATOM   1047 C CG  . LYS B 1 57 ? -7.331  -8.303  -11.764 1.00 60.49 ? 370 LYS B CG  1 
ATOM   1048 C CD  . LYS B 1 57 ? -6.013  -8.650  -12.459 1.00 63.70 ? 370 LYS B CD  1 
ATOM   1049 C CE  . LYS B 1 57 ? -6.148  -9.768  -13.484 1.00 66.25 ? 370 LYS B CE  1 
ATOM   1050 N NZ  . LYS B 1 57 ? -6.421  -9.209  -14.844 1.00 67.72 ? 370 LYS B NZ  1 
ATOM   1051 N N   . LEU B 1 58 ? -9.054  -8.533  -8.720  1.00 55.61 ? 371 LEU B N   1 
ATOM   1052 C CA  . LEU B 1 58 ? -9.111  -9.679  -7.838  1.00 54.05 ? 371 LEU B CA  1 
ATOM   1053 C C   . LEU B 1 58 ? -8.723  -10.987 -8.493  1.00 52.95 ? 371 LEU B C   1 
ATOM   1054 O O   . LEU B 1 58 ? -9.537  -11.575 -9.218  1.00 53.40 ? 371 LEU B O   1 
ATOM   1055 C CB  . LEU B 1 58 ? -10.501 -9.832  -7.228  1.00 54.02 ? 371 LEU B CB  1 
ATOM   1056 C CG  . LEU B 1 58 ? -11.075 -8.822  -6.237  1.00 53.73 ? 371 LEU B CG  1 
ATOM   1057 C CD1 . LEU B 1 58 ? -12.230 -9.514  -5.525  1.00 52.62 ? 371 LEU B CD1 1 
ATOM   1058 C CD2 . LEU B 1 58 ? -10.033 -8.283  -5.229  1.00 53.69 ? 371 LEU B CD2 1 
ATOM   1059 N N   . LEU B 1 59 ? -7.522  -11.471 -8.157  1.00 51.25 ? 372 LEU B N   1 
ATOM   1060 C CA  . LEU B 1 59 ? -7.016  -12.794 -8.560  1.00 50.03 ? 372 LEU B CA  1 
ATOM   1061 C C   . LEU B 1 59 ? -7.597  -13.991 -7.789  1.00 50.20 ? 372 LEU B C   1 
ATOM   1062 O O   . LEU B 1 59 ? -7.934  -15.046 -8.373  1.00 50.80 ? 372 LEU B O   1 
ATOM   1063 C CB  . LEU B 1 59 ? -5.503  -12.809 -8.422  1.00 49.80 ? 372 LEU B CB  1 
ATOM   1064 C CG  . LEU B 1 59 ? -4.686  -11.712 -9.086  1.00 49.19 ? 372 LEU B CG  1 
ATOM   1065 C CD1 . LEU B 1 59 ? -3.178  -12.006 -8.930  1.00 48.53 ? 372 LEU B CD1 1 
ATOM   1066 C CD2 . LEU B 1 59 ? -5.073  -11.549 -10.576 1.00 46.32 ? 372 LEU B CD2 1 
ATOM   1067 N N   . ALA B 1 60 ? -7.697  -13.838 -6.468  1.00 49.85 ? 373 ALA B N   1 
ATOM   1068 C CA  . ALA B 1 60 ? -8.262  -14.878 -5.609  1.00 48.88 ? 373 ALA B CA  1 
ATOM   1069 C C   . ALA B 1 60 ? -8.851  -14.292 -4.330  1.00 48.48 ? 373 ALA B C   1 
ATOM   1070 O O   . ALA B 1 60 ? -8.407  -13.253 -3.836  1.00 47.65 ? 373 ALA B O   1 
ATOM   1071 C CB  . ALA B 1 60 ? -7.220  -15.899 -5.280  1.00 48.43 ? 373 ALA B CB  1 
ATOM   1072 N N   . VAL B 1 61 ? -9.872  -14.966 -3.825  1.00 48.37 ? 374 VAL B N   1 
ATOM   1073 C CA  . VAL B 1 61 ? -10.406 -14.698 -2.511  1.00 48.75 ? 374 VAL B CA  1 
ATOM   1074 C C   . VAL B 1 61 ? -10.264 -15.992 -1.689  1.00 49.82 ? 374 VAL B C   1 
ATOM   1075 O O   . VAL B 1 61 ? -10.987 -16.977 -1.898  1.00 49.49 ? 374 VAL B O   1 
ATOM   1076 C CB  . VAL B 1 61 ? -11.866 -14.223 -2.575  1.00 48.19 ? 374 VAL B CB  1 
ATOM   1077 C CG1 . VAL B 1 61 ? -12.761 -15.290 -3.161  1.00 46.86 ? 374 VAL B CG1 1 
ATOM   1078 C CG2 . VAL B 1 61 ? -12.369 -13.812 -1.188  1.00 49.43 ? 374 VAL B CG2 1 
ATOM   1079 N N   . ASN B 1 62 ? -9.316  -15.982 -0.754  1.00 50.82 ? 375 ASN B N   1 
ATOM   1080 C CA  . ASN B 1 62 ? -9.015  -17.162 0.049   1.00 51.78 ? 375 ASN B CA  1 
ATOM   1081 C C   . ASN B 1 62 ? -8.463  -18.262 -0.871  1.00 53.16 ? 375 ASN B C   1 
ATOM   1082 O O   . ASN B 1 62 ? -7.418  -18.059 -1.502  1.00 52.85 ? 375 ASN B O   1 
ATOM   1083 C CB  . ASN B 1 62 ? -10.241 -17.617 0.883   1.00 51.36 ? 375 ASN B CB  1 
ATOM   1084 C CG  . ASN B 1 62 ? -10.513 -16.709 2.115   1.00 49.93 ? 375 ASN B CG  1 
ATOM   1085 O OD1 . ASN B 1 62 ? -9.683  -15.866 2.524   1.00 47.35 ? 375 ASN B OD1 1 
ATOM   1086 N ND2 . ASN B 1 62 ? -11.678 -16.896 2.709   1.00 47.08 ? 375 ASN B ND2 1 
ATOM   1087 N N   . SER B 1 63 ? -9.149  -19.402 -0.983  1.00 53.85 ? 376 SER B N   1 
ATOM   1088 C CA  . SER B 1 63 ? -8.599  -20.464 -1.807  1.00 55.75 ? 376 SER B CA  1 
ATOM   1089 C C   . SER B 1 63 ? -9.378  -20.605 -3.122  1.00 56.17 ? 376 SER B C   1 
ATOM   1090 O O   . SER B 1 63 ? -9.351  -21.664 -3.766  1.00 56.44 ? 376 SER B O   1 
ATOM   1091 C CB  . SER B 1 63 ? -8.560  -21.788 -1.030  1.00 56.35 ? 376 SER B CB  1 
ATOM   1092 O OG  . SER B 1 63 ? -9.887  -22.247 -0.782  1.00 59.21 ? 376 SER B OG  1 
ATOM   1093 N N   . VAL B 1 64 ? -10.058 -19.519 -3.510  1.00 56.00 ? 377 VAL B N   1 
ATOM   1094 C CA  . VAL B 1 64 ? -10.944 -19.486 -4.666  1.00 55.32 ? 377 VAL B CA  1 
ATOM   1095 C C   . VAL B 1 64 ? -10.367 -18.505 -5.694  1.00 54.90 ? 377 VAL B C   1 
ATOM   1096 O O   . VAL B 1 64 ? -10.330 -17.281 -5.450  1.00 54.81 ? 377 VAL B O   1 
ATOM   1097 C CB  . VAL B 1 64 ? -12.386 -19.088 -4.255  1.00 55.19 ? 377 VAL B CB  1 
ATOM   1098 C CG1 . VAL B 1 64 ? -13.274 -18.910 -5.455  1.00 55.18 ? 377 VAL B CG1 1 
ATOM   1099 C CG2 . VAL B 1 64 ? -12.981 -20.140 -3.358  1.00 56.45 ? 377 VAL B CG2 1 
ATOM   1100 N N   . GLY B 1 65 ? -9.891  -19.061 -6.817  1.00 54.01 ? 378 GLY B N   1 
ATOM   1101 C CA  . GLY B 1 65 ? -9.405  -18.264 -7.946  1.00 53.06 ? 378 GLY B CA  1 
ATOM   1102 C C   . GLY B 1 65 ? -10.548 -17.477 -8.576  1.00 52.26 ? 378 GLY B C   1 
ATOM   1103 O O   . GLY B 1 65 ? -11.679 -17.976 -8.668  1.00 51.41 ? 378 GLY B O   1 
ATOM   1104 N N   . LEU B 1 66 ? -10.254 -16.245 -8.996  1.00 51.76 ? 379 LEU B N   1 
ATOM   1105 C CA  . LEU B 1 66 ? -11.270 -15.360 -9.585  1.00 51.18 ? 379 LEU B CA  1 
ATOM   1106 C C   . LEU B 1 66 ? -10.843 -14.903 -10.986 1.00 52.09 ? 379 LEU B C   1 
ATOM   1107 O O   . LEU B 1 66 ? -11.321 -13.870 -11.519 1.00 51.86 ? 379 LEU B O   1 
ATOM   1108 C CB  . LEU B 1 66 ? -11.539 -14.150 -8.679  1.00 50.13 ? 379 LEU B CB  1 
ATOM   1109 C CG  . LEU B 1 66 ? -12.058 -14.346 -7.264  1.00 48.56 ? 379 LEU B CG  1 
ATOM   1110 C CD1 . LEU B 1 66 ? -12.001 -13.045 -6.508  1.00 48.78 ? 379 LEU B CD1 1 
ATOM   1111 C CD2 . LEU B 1 66 ? -13.468 -14.856 -7.287  1.00 48.26 ? 379 LEU B CD2 1 
ATOM   1112 N N   . GLU B 1 67 ? -9.920  -15.668 -11.561 1.00 52.53 ? 380 GLU B N   1 
ATOM   1113 C CA  . GLU B 1 67 ? -9.463  -15.456 -12.920 1.00 52.97 ? 380 GLU B CA  1 
ATOM   1114 C C   . GLU B 1 67 ? -10.319 -16.260 -13.878 1.00 52.40 ? 380 GLU B C   1 
ATOM   1115 O O   . GLU B 1 67 ? -10.429 -17.485 -13.719 1.00 52.60 ? 380 GLU B O   1 
ATOM   1116 C CB  . GLU B 1 67 ? -8.008  -15.876 -13.043 1.00 53.84 ? 380 GLU B CB  1 
ATOM   1117 C CG  . GLU B 1 67 ? -7.041  -14.727 -12.752 1.00 56.63 ? 380 GLU B CG  1 
ATOM   1118 C CD  . GLU B 1 67 ? -5.608  -15.181 -12.625 1.00 60.17 ? 380 GLU B CD  1 
ATOM   1119 O OE1 . GLU B 1 67 ? -5.384  -16.415 -12.585 1.00 61.23 ? 380 GLU B OE1 1 
ATOM   1120 O OE2 . GLU B 1 67 ? -4.707  -14.298 -12.559 1.00 61.39 ? 380 GLU B OE2 1 
ATOM   1121 N N   . GLU B 1 68 ? -10.956 -15.571 -14.840 1.00 51.07 ? 381 GLU B N   1 
ATOM   1122 C CA  . GLU B 1 68 ? -11.750 -16.232 -15.915 1.00 49.74 ? 381 GLU B CA  1 
ATOM   1123 C C   . GLU B 1 68 ? -13.031 -16.856 -15.425 1.00 49.03 ? 381 GLU B C   1 
ATOM   1124 O O   . GLU B 1 68 ? -13.452 -17.906 -15.901 1.00 48.64 ? 381 GLU B O   1 
ATOM   1125 C CB  . GLU B 1 68 ? -10.931 -17.250 -16.726 1.00 49.16 ? 381 GLU B CB  1 
ATOM   1126 C CG  . GLU B 1 68 ? -9.755  -16.616 -17.467 1.00 48.65 ? 381 GLU B CG  1 
ATOM   1127 C CD  . GLU B 1 68 ? -10.213 -15.557 -18.447 1.00 48.83 ? 381 GLU B CD  1 
ATOM   1128 O OE1 . GLU B 1 68 ? -11.218 -15.823 -19.184 1.00 45.21 ? 381 GLU B OE1 1 
ATOM   1129 O OE2 . GLU B 1 68 ? -9.564  -14.473 -18.469 1.00 45.18 ? 381 GLU B OE2 1 
ATOM   1130 N N   . VAL B 1 69 ? -13.652 -16.163 -14.483 1.00 48.44 ? 382 VAL B N   1 
ATOM   1131 C CA  . VAL B 1 69 ? -14.943 -16.549 -13.923 1.00 48.20 ? 382 VAL B CA  1 
ATOM   1132 C C   . VAL B 1 69 ? -15.937 -15.433 -14.200 1.00 47.62 ? 382 VAL B C   1 
ATOM   1133 O O   . VAL B 1 69 ? -15.545 -14.293 -14.424 1.00 46.73 ? 382 VAL B O   1 
ATOM   1134 C CB  . VAL B 1 69 ? -14.868 -16.802 -12.391 1.00 48.15 ? 382 VAL B CB  1 
ATOM   1135 C CG1 . VAL B 1 69 ? -13.933 -17.999 -12.095 1.00 49.00 ? 382 VAL B CG1 1 
ATOM   1136 C CG2 . VAL B 1 69 ? -14.409 -15.522 -11.619 1.00 47.55 ? 382 VAL B CG2 1 
ATOM   1137 N N   . THR B 1 70 ? -17.218 -15.782 -14.168 1.00 47.61 ? 383 THR B N   1 
ATOM   1138 C CA  . THR B 1 70 ? -18.288 -14.832 -14.357 1.00 48.27 ? 383 THR B CA  1 
ATOM   1139 C C   . THR B 1 70 ? -18.401 -13.928 -13.146 1.00 48.61 ? 383 THR B C   1 
ATOM   1140 O O   . THR B 1 70 ? -17.658 -14.079 -12.163 1.00 49.65 ? 383 THR B O   1 
ATOM   1141 C CB  . THR B 1 70 ? -19.647 -15.558 -14.509 1.00 48.28 ? 383 THR B CB  1 
ATOM   1142 O OG1 . THR B 1 70 ? -20.110 -15.941 -13.222 1.00 48.43 ? 383 THR B OG1 1 
ATOM   1143 C CG2 . THR B 1 70 ? -19.525 -16.805 -15.354 1.00 49.46 ? 383 THR B CG2 1 
ATOM   1144 N N   . HIS B 1 71 ? -19.381 -13.034 -13.178 1.00 48.37 ? 384 HIS B N   1 
ATOM   1145 C CA  . HIS B 1 71 ? -19.661 -12.174 -12.047 1.00 48.18 ? 384 HIS B CA  1 
ATOM   1146 C C   . HIS B 1 71 ? -20.217 -12.916 -10.833 1.00 49.36 ? 384 HIS B C   1 
ATOM   1147 O O   . HIS B 1 71 ? -19.653 -12.777 -9.748  1.00 48.61 ? 384 HIS B O   1 
ATOM   1148 C CB  . HIS B 1 71 ? -20.627 -11.074 -12.442 1.00 48.39 ? 384 HIS B CB  1 
ATOM   1149 C CG  . HIS B 1 71 ? -20.591 -9.902  -11.527 1.00 46.12 ? 384 HIS B CG  1 
ATOM   1150 N ND1 . HIS B 1 71 ? -19.524 -9.035  -11.484 1.00 42.83 ? 384 HIS B ND1 1 
ATOM   1151 C CD2 . HIS B 1 71 ? -21.476 -9.460  -10.608 1.00 45.44 ? 384 HIS B CD2 1 
ATOM   1152 C CE1 . HIS B 1 71 ? -19.759 -8.094  -10.591 1.00 43.82 ? 384 HIS B CE1 1 
ATOM   1153 N NE2 . HIS B 1 71 ? -20.932 -8.337  -10.034 1.00 43.26 ? 384 HIS B NE2 1 
ATOM   1154 N N   . GLU B 1 72 ? -21.331 -13.657 -11.022 1.00 50.15 ? 385 GLU B N   1 
ATOM   1155 C CA  . GLU B 1 72 ? -22.017 -14.408 -9.970  1.00 50.98 ? 385 GLU B CA  1 
ATOM   1156 C C   . GLU B 1 72 ? -21.012 -15.206 -9.147  1.00 51.91 ? 385 GLU B C   1 
ATOM   1157 C CB  . GLU B 1 72 ? -23.043 -15.389 -10.581 1.00 50.75 ? 385 GLU B CB  1 
ATOM   1158 C CG  . GLU B 1 72 ? -24.301 -14.764 -11.204 1.00 51.58 ? 385 GLU B CG  1 
ATOM   1159 N N   . GLU B 1 73 ? -20.262 -16.023 -9.884  1.00 53.33 ? 386 GLU B N   1 
ATOM   1160 C CA  . GLU B 1 73 ? -19.202 -16.841 -9.331  1.00 53.81 ? 386 GLU B CA  1 
ATOM   1161 C C   . GLU B 1 73 ? -18.328 -16.052 -8.382  1.00 53.91 ? 386 GLU B C   1 
ATOM   1162 O O   . GLU B 1 73 ? -18.082 -16.498 -7.279  1.00 54.18 ? 386 GLU B O   1 
ATOM   1163 C CB  . GLU B 1 73 ? -18.362 -17.446 -10.452 1.00 53.57 ? 386 GLU B CB  1 
ATOM   1164 C CG  . GLU B 1 73 ? -19.042 -18.657 -11.113 1.00 54.33 ? 386 GLU B CG  1 
ATOM   1165 C CD  . GLU B 1 73 ? -18.272 -19.243 -12.289 1.00 54.54 ? 386 GLU B CD  1 
ATOM   1166 O OE1 . GLU B 1 73 ? -17.229 -18.683 -12.697 1.00 55.47 ? 386 GLU B OE1 1 
ATOM   1167 O OE2 . GLU B 1 73 ? -18.721 -20.286 -12.817 1.00 56.01 ? 386 GLU B OE2 1 
ATOM   1168 N N   . ALA B 1 74 ? -17.871 -14.880 -8.814  1.00 54.43 ? 387 ALA B N   1 
ATOM   1169 C CA  . ALA B 1 74 ? -17.034 -14.001 -7.990  1.00 54.37 ? 387 ALA B CA  1 
ATOM   1170 C C   . ALA B 1 74 ? -17.768 -13.398 -6.799  1.00 54.98 ? 387 ALA B C   1 
ATOM   1171 O O   . ALA B 1 74 ? -17.152 -13.144 -5.764  1.00 55.62 ? 387 ALA B O   1 
ATOM   1172 C CB  . ALA B 1 74 ? -16.449 -12.914 -8.821  1.00 54.02 ? 387 ALA B CB  1 
ATOM   1173 N N   . VAL B 1 75 ? -19.067 -13.154 -6.956  1.00 55.08 ? 388 VAL B N   1 
ATOM   1174 C CA  . VAL B 1 75 ? -19.928 -12.630 -5.906  1.00 55.51 ? 388 VAL B CA  1 
ATOM   1175 C C   . VAL B 1 75 ? -20.217 -13.726 -4.883  1.00 56.69 ? 388 VAL B C   1 
ATOM   1176 O O   . VAL B 1 75 ? -20.159 -13.472 -3.675  1.00 57.03 ? 388 VAL B O   1 
ATOM   1177 C CB  . VAL B 1 75 ? -21.257 -12.095 -6.496  1.00 56.15 ? 388 VAL B CB  1 
ATOM   1178 C CG1 . VAL B 1 75 ? -22.399 -12.059 -5.447  1.00 55.86 ? 388 VAL B CG1 1 
ATOM   1179 C CG2 . VAL B 1 75 ? -21.042 -10.724 -7.158  1.00 54.72 ? 388 VAL B CG2 1 
ATOM   1180 N N   . THR B 1 76 ? -20.529 -14.934 -5.367  1.00 56.82 ? 389 THR B N   1 
ATOM   1181 C CA  . THR B 1 76 ? -20.689 -16.117 -4.514  1.00 57.32 ? 389 THR B CA  1 
ATOM   1182 C C   . THR B 1 76 ? -19.455 -16.398 -3.638  1.00 57.20 ? 389 THR B C   1 
ATOM   1183 C CB  . THR B 1 76 ? -21.028 -17.352 -5.371  1.00 57.46 ? 389 THR B CB  1 
ATOM   1184 O OG1 . THR B 1 76 ? -22.409 -17.304 -5.737  1.00 58.07 ? 389 THR B OG1 1 
ATOM   1185 C CG2 . THR B 1 76 ? -20.778 -18.646 -4.619  1.00 57.84 ? 389 THR B CG2 1 
ATOM   1186 N N   . ALA B 1 77 ? -18.303 -16.387 -4.294  1.00 57.72 ? 390 ALA B N   1 
ATOM   1187 C CA  . ALA B 1 77 ? -17.007 -16.538 -3.644  1.00 58.26 ? 390 ALA B CA  1 
ATOM   1188 C C   . ALA B 1 77 ? -16.793 -15.549 -2.513  1.00 58.70 ? 390 ALA B C   1 
ATOM   1189 O O   . ALA B 1 77 ? -16.367 -15.947 -1.434  1.00 58.51 ? 390 ALA B O   1 
ATOM   1190 C CB  . ALA B 1 77 ? -15.867 -16.416 -4.665  1.00 57.64 ? 390 ALA B CB  1 
ATOM   1191 N N   . LEU B 1 78 ? -17.074 -14.269 -2.765  1.00 59.40 ? 391 LEU B N   1 
ATOM   1192 C CA  . LEU B 1 78 ? -16.802 -13.227 -1.776  1.00 60.03 ? 391 LEU B CA  1 
ATOM   1193 C C   . LEU B 1 78 ? -17.847 -13.203 -0.659  1.00 60.92 ? 391 LEU B C   1 
ATOM   1194 O O   . LEU B 1 78 ? -17.510 -12.872 0.478   1.00 61.84 ? 391 LEU B O   1 
ATOM   1195 C CB  . LEU B 1 78 ? -16.663 -11.846 -2.409  1.00 59.54 ? 391 LEU B CB  1 
ATOM   1196 C CG  . LEU B 1 78 ? -15.488 -11.510 -3.326  1.00 59.39 ? 391 LEU B CG  1 
ATOM   1197 C CD1 . LEU B 1 78 ? -15.933 -10.416 -4.276  1.00 60.39 ? 391 LEU B CD1 1 
ATOM   1198 C CD2 . LEU B 1 78 ? -14.255 -11.056 -2.585  1.00 58.37 ? 391 LEU B CD2 1 
ATOM   1199 N N   . LYS B 1 79 ? -19.097 -13.540 -0.982  1.00 61.07 ? 392 LYS B N   1 
ATOM   1200 C CA  . LYS B 1 79 ? -20.163 -13.660 0.010   1.00 61.32 ? 392 LYS B CA  1 
ATOM   1201 C C   . LYS B 1 79 ? -19.966 -14.858 0.961   1.00 61.55 ? 392 LYS B C   1 
ATOM   1202 C CB  . LYS B 1 79 ? -21.520 -13.803 -0.692  1.00 61.39 ? 392 LYS B CB  1 
ATOM   1203 C CG  . LYS B 1 79 ? -21.844 -12.695 -1.685  1.00 62.42 ? 392 LYS B CG  1 
ATOM   1204 C CD  . LYS B 1 79 ? -22.364 -11.419 -1.023  1.00 63.81 ? 392 LYS B CD  1 
ATOM   1205 N N   . ASN B 1 80 ? -19.361 -15.930 0.450   1.00 61.53 ? 393 ASN B N   1 
ATOM   1206 C CA  . ASN B 1 80 ? -19.192 -17.171 1.198   1.00 61.42 ? 393 ASN B CA  1 
ATOM   1207 C C   . ASN B 1 80 ? -17.922 -17.243 2.019   1.00 60.65 ? 393 ASN B C   1 
ATOM   1208 O O   . ASN B 1 80 ? -17.216 -18.257 2.029   1.00 61.01 ? 393 ASN B O   1 
ATOM   1209 C CB  . ASN B 1 80 ? -19.223 -18.365 0.251   1.00 62.14 ? 393 ASN B CB  1 
ATOM   1210 C CG  . ASN B 1 80 ? -20.554 -18.520 -0.444  1.00 65.10 ? 393 ASN B CG  1 
ATOM   1211 O OD1 . ASN B 1 80 ? -21.501 -17.753 -0.196  1.00 67.33 ? 393 ASN B OD1 1 
ATOM   1212 N ND2 . ASN B 1 80 ? -20.642 -19.521 -1.329  1.00 67.44 ? 393 ASN B ND2 1 
ATOM   1213 N N   . THR B 1 81 ? -17.627 -16.169 2.718   1.00 59.64 ? 394 THR B N   1 
ATOM   1214 C CA  . THR B 1 81 ? -16.473 -16.164 3.587   1.00 58.83 ? 394 THR B CA  1 
ATOM   1215 C C   . THR B 1 81 ? -16.921 -16.002 5.055   1.00 58.51 ? 394 THR B C   1 
ATOM   1216 O O   . THR B 1 81 ? -18.047 -15.600 5.335   1.00 57.95 ? 394 THR B O   1 
ATOM   1217 C CB  . THR B 1 81 ? -15.484 -15.034 3.173   1.00 58.61 ? 394 THR B CB  1 
ATOM   1218 O OG1 . THR B 1 81 ? -16.211 -13.813 2.981   1.00 58.07 ? 394 THR B OG1 1 
ATOM   1219 C CG2 . THR B 1 81 ? -14.765 -15.396 1.881   1.00 57.22 ? 394 THR B CG2 1 
ATOM   1220 N N   . SER B 1 82 ? -16.024 -16.338 5.976   1.00 58.55 ? 395 SER B N   1 
ATOM   1221 C CA  . SER B 1 82 ? -16.158 -15.995 7.400   1.00 58.49 ? 395 SER B CA  1 
ATOM   1222 C C   . SER B 1 82 ? -15.651 -14.571 7.532   1.00 57.66 ? 395 SER B C   1 
ATOM   1223 O O   . SER B 1 82 ? -15.386 -13.937 6.515   1.00 58.48 ? 395 SER B O   1 
ATOM   1224 C CB  . SER B 1 82 ? -15.290 -16.940 8.248   1.00 58.75 ? 395 SER B CB  1 
ATOM   1225 O OG  . SER B 1 82 ? -13.942 -16.965 7.775   1.00 59.79 ? 395 SER B OG  1 
ATOM   1226 N N   . ASP B 1 83 ? -15.492 -14.069 8.755   1.00 56.28 ? 396 ASP B N   1 
ATOM   1227 C CA  . ASP B 1 83 ? -14.982 -12.699 8.972   1.00 54.62 ? 396 ASP B CA  1 
ATOM   1228 C C   . ASP B 1 83 ? -13.521 -12.588 8.687   1.00 52.68 ? 396 ASP B C   1 
ATOM   1229 O O   . ASP B 1 83 ? -12.981 -11.495 8.703   1.00 53.13 ? 396 ASP B O   1 
ATOM   1230 C CB  . ASP B 1 83 ? -15.198 -12.227 10.410  1.00 55.56 ? 396 ASP B CB  1 
ATOM   1231 C CG  . ASP B 1 83 ? -16.600 -12.441 10.875  1.00 57.31 ? 396 ASP B CG  1 
ATOM   1232 O OD1 . ASP B 1 83 ? -17.512 -11.812 10.296  1.00 60.86 ? 396 ASP B OD1 1 
ATOM   1233 O OD2 . ASP B 1 83 ? -16.785 -13.248 11.809  1.00 59.72 ? 396 ASP B OD2 1 
ATOM   1234 N N   . PHE B 1 84 ? -12.870 -13.710 8.447   1.00 50.63 ? 397 PHE B N   1 
ATOM   1235 C CA  . PHE B 1 84 ? -11.480 -13.674 8.039   1.00 49.48 ? 397 PHE B CA  1 
ATOM   1236 C C   . PHE B 1 84 ? -11.425 -13.831 6.513   1.00 48.53 ? 397 PHE B C   1 
ATOM   1237 O O   . PHE B 1 84 ? -12.089 -14.708 5.956   1.00 48.18 ? 397 PHE B O   1 
ATOM   1238 C CB  . PHE B 1 84 ? -10.665 -14.752 8.789   1.00 49.32 ? 397 PHE B CB  1 
ATOM   1239 C CG  . PHE B 1 84 ? -10.670 -14.589 10.320  1.00 49.95 ? 397 PHE B CG  1 
ATOM   1240 C CD1 . PHE B 1 84 ? -11.403 -15.453 11.129  1.00 50.16 ? 397 PHE B CD1 1 
ATOM   1241 C CD2 . PHE B 1 84 ? -9.948  -13.563 10.945  1.00 49.18 ? 397 PHE B CD2 1 
ATOM   1242 C CE1 . PHE B 1 84 ? -11.405 -15.302 12.527  1.00 49.29 ? 397 PHE B CE1 1 
ATOM   1243 C CE2 . PHE B 1 84 ? -9.939  -13.434 12.344  1.00 47.95 ? 397 PHE B CE2 1 
ATOM   1244 C CZ  . PHE B 1 84 ? -10.661 -14.300 13.119  1.00 46.70 ? 397 PHE B CZ  1 
ATOM   1245 N N   . VAL B 1 85 ? -10.671 -12.953 5.842   1.00 47.87 ? 398 VAL B N   1 
ATOM   1246 C CA  . VAL B 1 85 ? -10.630 -12.908 4.362   1.00 46.84 ? 398 VAL B CA  1 
ATOM   1247 C C   . VAL B 1 85 ? -9.243  -12.592 3.775   1.00 46.77 ? 398 VAL B C   1 
ATOM   1248 O O   . VAL B 1 85 ? -8.666  -11.504 3.984   1.00 45.88 ? 398 VAL B O   1 
ATOM   1249 C CB  . VAL B 1 85 ? -11.735 -11.969 3.788   1.00 46.92 ? 398 VAL B CB  1 
ATOM   1250 C CG1 . VAL B 1 85 ? -11.410 -11.540 2.399   1.00 47.14 ? 398 VAL B CG1 1 
ATOM   1251 C CG2 . VAL B 1 85 ? -13.086 -12.663 3.785   1.00 47.94 ? 398 VAL B CG2 1 
ATOM   1252 N N   . TYR B 1 86 ? -8.696  -13.574 3.060   1.00 47.19 ? 399 TYR B N   1 
ATOM   1253 C CA  . TYR B 1 86 ? -7.477  -13.368 2.295   1.00 48.50 ? 399 TYR B CA  1 
ATOM   1254 C C   . TYR B 1 86 ? -7.808  -13.039 0.821   1.00 49.09 ? 399 TYR B C   1 
ATOM   1255 O O   . TYR B 1 86 ? -8.564  -13.764 0.170   1.00 48.19 ? 399 TYR B O   1 
ATOM   1256 C CB  . TYR B 1 86 ? -6.579  -14.610 2.388   1.00 49.36 ? 399 TYR B CB  1 
ATOM   1257 N N   . LEU B 1 87 ? -7.264  -11.925 0.338   1.00 49.96 ? 400 LEU B N   1 
ATOM   1258 C CA  . LEU B 1 87 ? -7.399  -11.491 -1.052  1.00 51.53 ? 400 LEU B CA  1 
ATOM   1259 C C   . LEU B 1 87 ? -6.023  -11.355 -1.704  1.00 53.10 ? 400 LEU B C   1 
ATOM   1260 O O   . LEU B 1 87 ? -5.146  -10.664 -1.176  1.00 53.28 ? 400 LEU B O   1 
ATOM   1261 C CB  . LEU B 1 87 ? -8.087  -10.129 -1.145  1.00 50.87 ? 400 LEU B CB  1 
ATOM   1262 C CG  . LEU B 1 87 ? -9.427  -9.854  -0.481  1.00 50.38 ? 400 LEU B CG  1 
ATOM   1263 C CD1 . LEU B 1 87 ? -9.673  -8.346  -0.364  1.00 49.06 ? 400 LEU B CD1 1 
ATOM   1264 C CD2 . LEU B 1 87 ? -10.553 -10.535 -1.204  1.00 48.84 ? 400 LEU B CD2 1 
ATOM   1265 N N   . LYS B 1 88 ? -5.843  -12.020 -2.844  1.00 54.96 ? 401 LYS B N   1 
ATOM   1266 C CA  . LYS B 1 88 ? -4.687  -11.794 -3.713  1.00 55.97 ? 401 LYS B CA  1 
ATOM   1267 C C   . LYS B 1 88 ? -5.186  -10.814 -4.775  1.00 56.90 ? 401 LYS B C   1 
ATOM   1268 O O   . LYS B 1 88 ? -6.134  -11.117 -5.509  1.00 56.59 ? 401 LYS B O   1 
ATOM   1269 C CB  . LYS B 1 88 ? -4.228  -13.123 -4.323  1.00 55.76 ? 401 LYS B CB  1 
ATOM   1270 C CG  . LYS B 1 88 ? -2.940  -13.070 -5.154  1.00 55.68 ? 401 LYS B CG  1 
ATOM   1271 C CD  . LYS B 1 88 ? -2.462  -14.486 -5.570  1.00 56.33 ? 401 LYS B CD  1 
ATOM   1272 C CE  . LYS B 1 88 ? -3.392  -15.200 -6.570  1.00 56.52 ? 401 LYS B CE  1 
ATOM   1273 N NZ  . LYS B 1 88 ? -3.316  -16.711 -6.591  1.00 56.84 ? 401 LYS B NZ  1 
ATOM   1274 N N   . VAL B 1 89 ? -4.614  -9.613  -4.797  1.00 58.06 ? 402 VAL B N   1 
ATOM   1275 C CA  . VAL B 1 89 ? -4.961  -8.645  -5.822  1.00 59.77 ? 402 VAL B CA  1 
ATOM   1276 C C   . VAL B 1 89 ? -3.787  -8.416  -6.767  1.00 61.04 ? 402 VAL B C   1 
ATOM   1277 O O   . VAL B 1 89 ? -2.652  -8.799  -6.448  1.00 61.59 ? 402 VAL B O   1 
ATOM   1278 C CB  . VAL B 1 89 ? -5.478  -7.277  -5.262  1.00 59.64 ? 402 VAL B CB  1 
ATOM   1279 C CG1 . VAL B 1 89 ? -6.610  -7.468  -4.276  1.00 60.48 ? 402 VAL B CG1 1 
ATOM   1280 C CG2 . VAL B 1 89 ? -4.366  -6.476  -4.639  1.00 60.43 ? 402 VAL B CG2 1 
ATOM   1281 N N   . ALA B 1 90 ? -4.079  -7.826  -7.932  1.00 61.92 ? 403 ALA B N   1 
ATOM   1282 C CA  . ALA B 1 90 ? -3.067  -7.218  -8.791  1.00 63.17 ? 403 ALA B CA  1 
ATOM   1283 C C   . ALA B 1 90 ? -3.337  -5.723  -8.921  1.00 64.03 ? 403 ALA B C   1 
ATOM   1284 O O   . ALA B 1 90 ? -4.415  -5.311  -9.357  1.00 64.50 ? 403 ALA B O   1 
ATOM   1285 C CB  . ALA B 1 90 ? -3.043  -7.883  -10.156 1.00 63.42 ? 403 ALA B CB  1 
ATOM   1286 N N   . LYS B 1 91 ? -2.359  -4.922  -8.517  1.00 65.30 ? 404 LYS B N   1 
ATOM   1287 C CA  . LYS B 1 91 ? -2.466  -3.465  -8.542  1.00 66.78 ? 404 LYS B CA  1 
ATOM   1288 C C   . LYS B 1 91 ? -1.902  -2.933  -9.853  1.00 67.70 ? 404 LYS B C   1 
ATOM   1289 O O   . LYS B 1 91 ? -0.858  -3.411  -10.314 1.00 68.23 ? 404 LYS B O   1 
ATOM   1290 N N   . PRO B 1 92 ? -2.584  -1.946  -10.462 1.00 68.29 ? 405 PRO B N   1 
ATOM   1291 C CA  . PRO B 1 92 ? -2.203  -1.497  -11.803 1.00 68.57 ? 405 PRO B CA  1 
ATOM   1292 C C   . PRO B 1 92 ? -1.188  -0.349  -11.779 1.00 68.87 ? 405 PRO B C   1 
ATOM   1293 O O   . PRO B 1 92 ? -0.018  -0.547  -12.130 1.00 69.23 ? 405 PRO B O   1 
ATOM   1294 C CB  . PRO B 1 92 ? -3.532  -1.026  -12.391 1.00 68.65 ? 405 PRO B CB  1 
ATOM   1295 C CG  . PRO B 1 92 ? -4.318  -0.508  -11.176 1.00 69.29 ? 405 PRO B CG  1 
ATOM   1296 C CD  . PRO B 1 92 ? -3.745  -1.194  -9.939  1.00 68.58 ? 405 PRO B CD  1 
ATOM   1297 N N   . ALA C 2 15 ? 21.609  7.906   11.468  1.00 66.11 ? 15  ALA C N   1 
ATOM   1298 C CA  . ALA C 2 15 ? 20.760  8.804   10.618  1.00 66.16 ? 15  ALA C CA  1 
ATOM   1299 C C   . ALA C 2 15 ? 21.221  8.891   9.140   1.00 65.92 ? 15  ALA C C   1 
ATOM   1300 O O   . ALA C 2 15 ? 21.976  9.796   8.771   1.00 66.44 ? 15  ALA C O   1 
ATOM   1301 C CB  . ALA C 2 15 ? 20.657  10.199  11.260  1.00 65.95 ? 15  ALA C CB  1 
ATOM   1302 N N   . THR C 2 16 ? 20.772  7.940   8.309   1.00 65.58 ? 16  THR C N   1 
ATOM   1303 C CA  . THR C 2 16 ? 21.132  7.877   6.871   1.00 64.71 ? 16  THR C CA  1 
ATOM   1304 C C   . THR C 2 16 ? 20.493  8.993   6.062   1.00 64.68 ? 16  THR C C   1 
ATOM   1305 O O   . THR C 2 16 ? 19.276  9.177   6.108   1.00 64.79 ? 16  THR C O   1 
ATOM   1306 C CB  . THR C 2 16 ? 20.655  6.569   6.200   1.00 64.26 ? 16  THR C CB  1 
ATOM   1307 O OG1 . THR C 2 16 ? 20.832  5.469   7.087   1.00 64.02 ? 16  THR C OG1 1 
ATOM   1308 C CG2 . THR C 2 16 ? 21.422  6.303   4.926   1.00 64.36 ? 16  THR C CG2 1 
ATOM   1309 N N   . GLY C 2 17 ? 21.322  9.711   5.306   1.00 64.69 ? 17  GLY C N   1 
ATOM   1310 C CA  . GLY C 2 17 ? 20.862  10.675  4.315   1.00 64.20 ? 17  GLY C CA  1 
ATOM   1311 C C   . GLY C 2 17 ? 20.732  10.001  2.967   1.00 63.97 ? 17  GLY C C   1 
ATOM   1312 O O   . GLY C 2 17 ? 21.687  9.422   2.459   1.00 64.29 ? 17  GLY C O   1 
ATOM   1313 N N   . LEU C 2 18 ? 19.540  10.069  2.392   1.00 63.84 ? 18  LEU C N   1 
ATOM   1314 C CA  . LEU C 2 18 ? 19.282  9.562   1.045   1.00 63.72 ? 18  LEU C CA  1 
ATOM   1315 C C   . LEU C 2 18 ? 18.542  10.613  0.183   1.00 63.69 ? 18  LEU C C   1 
ATOM   1316 O O   . LEU C 2 18 ? 18.617  11.844  0.364   1.00 63.40 ? 18  LEU C O   1 
ATOM   1317 C CB  . LEU C 2 18 ? 18.435  8.271   1.102   1.00 63.86 ? 18  LEU C CB  1 
ATOM   1318 C CG  . LEU C 2 18 ? 17.977  7.734   2.458   1.00 63.53 ? 18  LEU C CG  1 
ATOM   1319 C CD1 . LEU C 2 18 ? 16.813  8.579   2.968   1.00 62.07 ? 18  LEU C CD1 1 
ATOM   1320 C CD2 . LEU C 2 18 ? 17.578  6.267   2.335   1.00 63.62 ? 18  LEU C CD2 1 
ATOM   1321 O OXT . LEU C 2 18 ? 17.817  10.221  -0.740  1.00 63.49 ? 18  LEU C OXT 1 
HETATM 1322 O O   . HOH D 3 .  ? 7.772   16.067  0.300   1.00 19.33 ? 1   HOH A O   1 
HETATM 1323 O O   . HOH D 3 .  ? 12.517  3.154   15.517  1.00 41.41 ? 2   HOH A O   1 
HETATM 1324 O O   . HOH D 3 .  ? 8.777   2.114   9.825   1.00 35.79 ? 5   HOH A O   1 
HETATM 1325 O O   . HOH D 3 .  ? 3.547   14.541  -3.663  1.00 25.89 ? 7   HOH A O   1 
HETATM 1326 O O   . HOH D 3 .  ? 5.416   3.444   16.263  1.00 40.49 ? 9   HOH A O   1 
HETATM 1327 O O   . HOH D 3 .  ? 16.930  16.361  -3.211  1.00 36.82 ? 10  HOH A O   1 
HETATM 1328 O O   . HOH D 3 .  ? 6.075   14.878  11.390  1.00 31.84 ? 14  HOH A O   1 
HETATM 1329 O O   . HOH D 3 .  ? 5.298   9.858   13.000  1.00 30.02 ? 15  HOH A O   1 
HETATM 1330 O O   . HOH D 3 .  ? 18.333  5.496   15.423  1.00 40.57 ? 16  HOH A O   1 
HETATM 1331 O O   . HOH D 3 .  ? 18.579  -1.444  12.506  1.00 27.35 ? 18  HOH A O   1 
HETATM 1332 O O   . HOH D 3 .  ? 21.985  -0.598  3.822   1.00 35.09 ? 19  HOH A O   1 
HETATM 1333 O O   . HOH D 3 .  ? 4.057   7.858   14.433  1.00 52.10 ? 21  HOH A O   1 
HETATM 1334 O O   . HOH D 3 .  ? 19.415  -4.403  2.569   1.00 36.46 ? 23  HOH A O   1 
HETATM 1335 O O   . HOH D 3 .  ? 5.631   23.489  -1.062  1.00 37.09 ? 24  HOH A O   1 
HETATM 1336 O O   . HOH D 3 .  ? 8.563   15.928  -6.732  1.00 28.72 ? 26  HOH A O   1 
HETATM 1337 O O   . HOH D 3 .  ? 10.004  17.640  -5.784  1.00 37.99 ? 27  HOH A O   1 
HETATM 1338 O O   . HOH D 3 .  ? 14.322  17.752  0.461   1.00 41.02 ? 28  HOH A O   1 
HETATM 1339 O O   . HOH D 3 .  ? 20.496  15.409  -0.337  1.00 50.11 ? 32  HOH A O   1 
HETATM 1340 O O   . HOH D 3 .  ? 20.078  5.590   12.576  1.00 33.25 ? 34  HOH A O   1 
HETATM 1341 O O   . HOH E 3 .  ? -12.983 -13.732 -14.438 1.00 36.19 ? 8   HOH B O   1 
HETATM 1342 O O   . HOH E 3 .  ? -10.008 -11.578 -11.892 1.00 35.17 ? 12  HOH B O   1 
HETATM 1343 O O   . HOH E 3 .  ? -13.215 -7.179  -17.013 1.00 38.09 ? 13  HOH B O   1 
HETATM 1344 O O   . HOH E 3 .  ? -20.319 -12.403 -15.679 1.00 42.47 ? 17  HOH B O   1 
HETATM 1345 O O   . HOH E 3 .  ? -16.517 -11.708 -22.150 1.00 54.79 ? 20  HOH B O   1 
HETATM 1346 O O   . HOH E 3 .  ? -20.748 -5.319  -6.122  1.00 46.94 ? 22  HOH B O   1 
HETATM 1347 O O   . HOH E 3 .  ? -12.269 10.652  4.234   1.00 58.06 ? 25  HOH B O   1 
HETATM 1348 O O   . HOH E 3 .  ? -20.986 -3.677  -9.857  1.00 44.68 ? 33  HOH B O   1 
# 
